data_4QB2
# 
_entry.id   4QB2 
# 
_audit_conform.dict_name       mmcif_pdbx.dic 
_audit_conform.dict_version    5.379 
_audit_conform.dict_location   http://mmcif.pdb.org/dictionaries/ascii/mmcif_pdbx.dic 
# 
loop_
_database_2.database_id 
_database_2.database_code 
_database_2.pdbx_database_accession 
_database_2.pdbx_DOI 
PDB   4QB2         pdb_00004qb2 10.2210/pdb4qb2/pdb 
RCSB  RCSB085829   ?            ?                   
WWPDB D_1000085829 ?            ?                   
# 
loop_
_pdbx_database_related.db_name 
_pdbx_database_related.db_id 
_pdbx_database_related.details 
_pdbx_database_related.content_type 
PDB 4QAW GH30-CBM35             unspecified 
PDB 4QB1 'CBM35 without ligand' unspecified 
PDB 4QB6 .                      unspecified 
# 
_pdbx_database_status.status_code                     REL 
_pdbx_database_status.entry_id                        4QB2 
_pdbx_database_status.recvd_initial_deposition_date   2014-05-06 
_pdbx_database_status.deposit_site                    RCSB 
_pdbx_database_status.process_site                    RCSB 
_pdbx_database_status.status_code_sf                  REL 
_pdbx_database_status.status_code_mr                  ? 
_pdbx_database_status.SG_entry                        ? 
_pdbx_database_status.status_code_cs                  ? 
_pdbx_database_status.methods_development_category    ? 
_pdbx_database_status.pdb_format_compatible           Y 
_pdbx_database_status.status_code_nmr_data            ? 
# 
loop_
_audit_author.name 
_audit_author.pdbx_ordinal 
'Sainz-Polo, M.A.'  1 
'Sanz-Aparicio, J.' 2 
# 
_citation.id                        primary 
_citation.title                     
;Structural Analysis of Glucuronoxylan-specific Xyn30D and Its Attached CBM35 Domain Gives Insights into the Role of Modularity in Specificity.
;
_citation.journal_abbrev            J.Biol.Chem. 
_citation.journal_volume            289 
_citation.page_first                31088 
_citation.page_last                 31101 
_citation.year                      2014 
_citation.journal_id_ASTM           JBCHA3 
_citation.country                   US 
_citation.journal_id_ISSN           0021-9258 
_citation.journal_id_CSD            0071 
_citation.book_publisher            ? 
_citation.pdbx_database_id_PubMed   25202007 
_citation.pdbx_database_id_DOI      10.1074/jbc.M114.597732 
# 
loop_
_citation_author.citation_id 
_citation_author.name 
_citation_author.ordinal 
_citation_author.identifier_ORCID 
primary 'Sainz-Polo, M.A.'  1 ? 
primary 'Valenzuela, S.V.'  2 ? 
primary 'Gonzalez, B.'      3 ? 
primary 'Pastor, F.I.'      4 ? 
primary 'Sanz-Aparicio, J.' 5 ? 
# 
_cell.entry_id           4QB2 
_cell.length_a           39.891 
_cell.length_b           47.552 
_cell.length_c           102.735 
_cell.angle_alpha        90.00 
_cell.angle_beta         90.00 
_cell.angle_gamma        90.00 
_cell.Z_PDB              4 
_cell.pdbx_unique_axis   ? 
_cell.length_a_esd       ? 
_cell.length_b_esd       ? 
_cell.length_c_esd       ? 
_cell.angle_alpha_esd    ? 
_cell.angle_beta_esd     ? 
_cell.angle_gamma_esd    ? 
# 
_symmetry.entry_id                         4QB2 
_symmetry.space_group_name_H-M             'P 21 21 21' 
_symmetry.pdbx_full_space_group_name_H-M   ? 
_symmetry.cell_setting                     ? 
_symmetry.Int_Tables_number                19 
_symmetry.space_group_name_Hall            ? 
# 
loop_
_entity.id 
_entity.type 
_entity.src_method 
_entity.pdbx_description 
_entity.formula_weight 
_entity.pdbx_number_of_molecules 
_entity.pdbx_ec 
_entity.pdbx_mutation 
_entity.pdbx_fragment 
_entity.details 
1 polymer     man Xyn30D                          17424.920 1   3.2.1.8 ? 'unp residues 422-562' ? 
2 non-polymer man 'alpha-D-glucopyranuronic acid' 194.139   1   ?       ? ?                      ? 
3 non-polymer syn 'CALCIUM ION'                   40.078    2   ?       ? ?                      ? 
4 non-polymer man 'beta-D-glucopyranuronic acid'  194.139   1   ?       ? ?                      ? 
5 water       nat water                           18.015    117 ?       ? ?                      ? 
# 
_entity_poly.entity_id                      1 
_entity_poly.type                           'polypeptide(L)' 
_entity_poly.nstd_linkage                   no 
_entity_poly.nstd_monomer                   no 
_entity_poly.pdbx_seq_one_letter_code       
;MGSSHHHHHHSSGLVPRGHSMASLSGGNSGGGNVNTGTTYEAETGTTLTDAVVETLYPGYTGSGYVNFNAYTNSAIEWNA
INNMTTGTKNVKFRYALESGTRNLDIYVNGTKVLSNEPFTETGSWSTWGEKTIQVAMNSGVNTLRIVTTGTEGPNMDNIT
VTAS
;
_entity_poly.pdbx_seq_one_letter_code_can   
;MGSSHHHHHHSSGLVPRGHSMASLSGGNSGGGNVNTGTTYEAETGTTLTDAVVETLYPGYTGSGYVNFNAYTNSAIEWNA
INNMTTGTKNVKFRYALESGTRNLDIYVNGTKVLSNEPFTETGSWSTWGEKTIQVAMNSGVNTLRIVTTGTEGPNMDNIT
VTAS
;
_entity_poly.pdbx_strand_id                 A 
_entity_poly.pdbx_target_identifier         ? 
# 
loop_
_entity_poly_seq.entity_id 
_entity_poly_seq.num 
_entity_poly_seq.mon_id 
_entity_poly_seq.hetero 
1 1   MET n 
1 2   GLY n 
1 3   SER n 
1 4   SER n 
1 5   HIS n 
1 6   HIS n 
1 7   HIS n 
1 8   HIS n 
1 9   HIS n 
1 10  HIS n 
1 11  SER n 
1 12  SER n 
1 13  GLY n 
1 14  LEU n 
1 15  VAL n 
1 16  PRO n 
1 17  ARG n 
1 18  GLY n 
1 19  HIS n 
1 20  SER n 
1 21  MET n 
1 22  ALA n 
1 23  SER n 
1 24  LEU n 
1 25  SER n 
1 26  GLY n 
1 27  GLY n 
1 28  ASN n 
1 29  SER n 
1 30  GLY n 
1 31  GLY n 
1 32  GLY n 
1 33  ASN n 
1 34  VAL n 
1 35  ASN n 
1 36  THR n 
1 37  GLY n 
1 38  THR n 
1 39  THR n 
1 40  TYR n 
1 41  GLU n 
1 42  ALA n 
1 43  GLU n 
1 44  THR n 
1 45  GLY n 
1 46  THR n 
1 47  THR n 
1 48  LEU n 
1 49  THR n 
1 50  ASP n 
1 51  ALA n 
1 52  VAL n 
1 53  VAL n 
1 54  GLU n 
1 55  THR n 
1 56  LEU n 
1 57  TYR n 
1 58  PRO n 
1 59  GLY n 
1 60  TYR n 
1 61  THR n 
1 62  GLY n 
1 63  SER n 
1 64  GLY n 
1 65  TYR n 
1 66  VAL n 
1 67  ASN n 
1 68  PHE n 
1 69  ASN n 
1 70  ALA n 
1 71  TYR n 
1 72  THR n 
1 73  ASN n 
1 74  SER n 
1 75  ALA n 
1 76  ILE n 
1 77  GLU n 
1 78  TRP n 
1 79  ASN n 
1 80  ALA n 
1 81  ILE n 
1 82  ASN n 
1 83  ASN n 
1 84  MET n 
1 85  THR n 
1 86  THR n 
1 87  GLY n 
1 88  THR n 
1 89  LYS n 
1 90  ASN n 
1 91  VAL n 
1 92  LYS n 
1 93  PHE n 
1 94  ARG n 
1 95  TYR n 
1 96  ALA n 
1 97  LEU n 
1 98  GLU n 
1 99  SER n 
1 100 GLY n 
1 101 THR n 
1 102 ARG n 
1 103 ASN n 
1 104 LEU n 
1 105 ASP n 
1 106 ILE n 
1 107 TYR n 
1 108 VAL n 
1 109 ASN n 
1 110 GLY n 
1 111 THR n 
1 112 LYS n 
1 113 VAL n 
1 114 LEU n 
1 115 SER n 
1 116 ASN n 
1 117 GLU n 
1 118 PRO n 
1 119 PHE n 
1 120 THR n 
1 121 GLU n 
1 122 THR n 
1 123 GLY n 
1 124 SER n 
1 125 TRP n 
1 126 SER n 
1 127 THR n 
1 128 TRP n 
1 129 GLY n 
1 130 GLU n 
1 131 LYS n 
1 132 THR n 
1 133 ILE n 
1 134 GLN n 
1 135 VAL n 
1 136 ALA n 
1 137 MET n 
1 138 ASN n 
1 139 SER n 
1 140 GLY n 
1 141 VAL n 
1 142 ASN n 
1 143 THR n 
1 144 LEU n 
1 145 ARG n 
1 146 ILE n 
1 147 VAL n 
1 148 THR n 
1 149 THR n 
1 150 GLY n 
1 151 THR n 
1 152 GLU n 
1 153 GLY n 
1 154 PRO n 
1 155 ASN n 
1 156 MET n 
1 157 ASP n 
1 158 ASN n 
1 159 ILE n 
1 160 THR n 
1 161 VAL n 
1 162 THR n 
1 163 ALA n 
1 164 SER n 
# 
_entity_src_gen.entity_id                          1 
_entity_src_gen.pdbx_src_id                        1 
_entity_src_gen.pdbx_alt_source_flag               sample 
_entity_src_gen.pdbx_seq_type                      ? 
_entity_src_gen.pdbx_beg_seq_num                   ? 
_entity_src_gen.pdbx_end_seq_num                   ? 
_entity_src_gen.gene_src_common_name               ? 
_entity_src_gen.gene_src_genus                     ? 
_entity_src_gen.pdbx_gene_src_gene                 xyn30d 
_entity_src_gen.gene_src_species                   ? 
_entity_src_gen.gene_src_strain                    ? 
_entity_src_gen.gene_src_tissue                    ? 
_entity_src_gen.gene_src_tissue_fraction           ? 
_entity_src_gen.gene_src_details                   ? 
_entity_src_gen.pdbx_gene_src_fragment             ? 
_entity_src_gen.pdbx_gene_src_scientific_name      'Paenibacillus barcinonensis' 
_entity_src_gen.pdbx_gene_src_ncbi_taxonomy_id     198119 
_entity_src_gen.pdbx_gene_src_variant              ? 
_entity_src_gen.pdbx_gene_src_cell_line            ? 
_entity_src_gen.pdbx_gene_src_atcc                 ? 
_entity_src_gen.pdbx_gene_src_organ                ? 
_entity_src_gen.pdbx_gene_src_organelle            ? 
_entity_src_gen.pdbx_gene_src_cell                 ? 
_entity_src_gen.pdbx_gene_src_cellular_location    ? 
_entity_src_gen.host_org_common_name               ? 
_entity_src_gen.pdbx_host_org_scientific_name      'Escherichia coli' 
_entity_src_gen.pdbx_host_org_ncbi_taxonomy_id     469008 
_entity_src_gen.host_org_genus                     ? 
_entity_src_gen.pdbx_host_org_gene                 ? 
_entity_src_gen.pdbx_host_org_organ                ? 
_entity_src_gen.host_org_species                   ? 
_entity_src_gen.pdbx_host_org_tissue               ? 
_entity_src_gen.pdbx_host_org_tissue_fraction      ? 
_entity_src_gen.pdbx_host_org_strain               'BL21(DE3)' 
_entity_src_gen.pdbx_host_org_variant              ? 
_entity_src_gen.pdbx_host_org_cell_line            ? 
_entity_src_gen.pdbx_host_org_atcc                 ? 
_entity_src_gen.pdbx_host_org_culture_collection   ? 
_entity_src_gen.pdbx_host_org_cell                 ? 
_entity_src_gen.pdbx_host_org_organelle            ? 
_entity_src_gen.pdbx_host_org_cellular_location    ? 
_entity_src_gen.pdbx_host_org_vector_type          PLASMID 
_entity_src_gen.pdbx_host_org_vector               ? 
_entity_src_gen.host_org_details                   ? 
_entity_src_gen.expression_system_id               ? 
_entity_src_gen.plasmid_name                       pET28a 
_entity_src_gen.plasmid_details                    ? 
_entity_src_gen.pdbx_description                   ? 
# 
_struct_ref.id                         1 
_struct_ref.db_name                    UNP 
_struct_ref.db_code                    H6WCZ0_PAEBA 
_struct_ref.pdbx_db_accession          H6WCZ0 
_struct_ref.entity_id                  1 
_struct_ref.pdbx_seq_one_letter_code   
;LSGGNSGGGNVNTGTTYEAETGTTLTDAVVETLYPGYTGSGYVNFNAYTNSAIEWNAINNMTTGTKNVKFRYALESGTRN
LDIYVNGTKVLSNEPFTETGSWSTWGEKTIQVAMNSGVNTLRIVTTGTEGPNMDNITVTAS
;
_struct_ref.pdbx_align_begin           422 
_struct_ref.pdbx_db_isoform            ? 
# 
_struct_ref_seq.align_id                      1 
_struct_ref_seq.ref_id                        1 
_struct_ref_seq.pdbx_PDB_id_code              4QB2 
_struct_ref_seq.pdbx_strand_id                A 
_struct_ref_seq.seq_align_beg                 24 
_struct_ref_seq.pdbx_seq_align_beg_ins_code   ? 
_struct_ref_seq.seq_align_end                 164 
_struct_ref_seq.pdbx_seq_align_end_ins_code   ? 
_struct_ref_seq.pdbx_db_accession             H6WCZ0 
_struct_ref_seq.db_align_beg                  422 
_struct_ref_seq.pdbx_db_align_beg_ins_code    ? 
_struct_ref_seq.db_align_end                  562 
_struct_ref_seq.pdbx_db_align_end_ins_code    ? 
_struct_ref_seq.pdbx_auth_seq_align_beg       1 
_struct_ref_seq.pdbx_auth_seq_align_end       141 
# 
loop_
_struct_ref_seq_dif.align_id 
_struct_ref_seq_dif.pdbx_pdb_id_code 
_struct_ref_seq_dif.mon_id 
_struct_ref_seq_dif.pdbx_pdb_strand_id 
_struct_ref_seq_dif.seq_num 
_struct_ref_seq_dif.pdbx_pdb_ins_code 
_struct_ref_seq_dif.pdbx_seq_db_name 
_struct_ref_seq_dif.pdbx_seq_db_accession_code 
_struct_ref_seq_dif.db_mon_id 
_struct_ref_seq_dif.pdbx_seq_db_seq_num 
_struct_ref_seq_dif.details 
_struct_ref_seq_dif.pdbx_auth_seq_num 
_struct_ref_seq_dif.pdbx_ordinal 
1 4QB2 MET A 1  ? UNP H6WCZ0 ? ? 'initiating methionine' -22 1  
1 4QB2 GLY A 2  ? UNP H6WCZ0 ? ? 'expression tag'        -21 2  
1 4QB2 SER A 3  ? UNP H6WCZ0 ? ? 'expression tag'        -20 3  
1 4QB2 SER A 4  ? UNP H6WCZ0 ? ? 'expression tag'        -19 4  
1 4QB2 HIS A 5  ? UNP H6WCZ0 ? ? 'expression tag'        -18 5  
1 4QB2 HIS A 6  ? UNP H6WCZ0 ? ? 'expression tag'        -17 6  
1 4QB2 HIS A 7  ? UNP H6WCZ0 ? ? 'expression tag'        -16 7  
1 4QB2 HIS A 8  ? UNP H6WCZ0 ? ? 'expression tag'        -15 8  
1 4QB2 HIS A 9  ? UNP H6WCZ0 ? ? 'expression tag'        -14 9  
1 4QB2 HIS A 10 ? UNP H6WCZ0 ? ? 'expression tag'        -13 10 
1 4QB2 SER A 11 ? UNP H6WCZ0 ? ? 'expression tag'        -12 11 
1 4QB2 SER A 12 ? UNP H6WCZ0 ? ? 'expression tag'        -11 12 
1 4QB2 GLY A 13 ? UNP H6WCZ0 ? ? 'expression tag'        -10 13 
1 4QB2 LEU A 14 ? UNP H6WCZ0 ? ? 'expression tag'        -9  14 
1 4QB2 VAL A 15 ? UNP H6WCZ0 ? ? 'expression tag'        -8  15 
1 4QB2 PRO A 16 ? UNP H6WCZ0 ? ? 'expression tag'        -7  16 
1 4QB2 ARG A 17 ? UNP H6WCZ0 ? ? 'expression tag'        -6  17 
1 4QB2 GLY A 18 ? UNP H6WCZ0 ? ? 'expression tag'        -5  18 
1 4QB2 HIS A 19 ? UNP H6WCZ0 ? ? 'expression tag'        -4  19 
1 4QB2 SER A 20 ? UNP H6WCZ0 ? ? 'expression tag'        -3  20 
1 4QB2 MET A 21 ? UNP H6WCZ0 ? ? 'expression tag'        -2  21 
1 4QB2 ALA A 22 ? UNP H6WCZ0 ? ? 'expression tag'        -1  22 
1 4QB2 SER A 23 ? UNP H6WCZ0 ? ? 'expression tag'        0   23 
# 
loop_
_chem_comp.id 
_chem_comp.type 
_chem_comp.mon_nstd_flag 
_chem_comp.name 
_chem_comp.pdbx_synonyms 
_chem_comp.formula 
_chem_comp.formula_weight 
ALA 'L-peptide linking'           y ALANINE                         ?                                                             
'C3 H7 N O2'     89.093  
ARG 'L-peptide linking'           y ARGININE                        ?                                                             
'C6 H15 N4 O2 1' 175.209 
ASN 'L-peptide linking'           y ASPARAGINE                      ?                                                             
'C4 H8 N2 O3'    132.118 
ASP 'L-peptide linking'           y 'ASPARTIC ACID'                 ?                                                             
'C4 H7 N O4'     133.103 
BDP 'D-saccharide, beta linking'  . 'beta-D-glucopyranuronic acid'  'beta-D-glucuronic acid; D-glucuronic acid; glucuronic acid'  
'C6 H10 O7'      194.139 
CA  non-polymer                   . 'CALCIUM ION'                   ?                                                             
'Ca 2'           40.078  
GCU 'D-saccharide, alpha linking' . 'alpha-D-glucopyranuronic acid' 'alpha-D-glucuronic acid; D-glucuronic acid; glucuronic acid' 
'C6 H10 O7'      194.139 
GLN 'L-peptide linking'           y GLUTAMINE                       ?                                                             
'C5 H10 N2 O3'   146.144 
GLU 'L-peptide linking'           y 'GLUTAMIC ACID'                 ?                                                             
'C5 H9 N O4'     147.129 
GLY 'peptide linking'             y GLYCINE                         ?                                                             
'C2 H5 N O2'     75.067  
HIS 'L-peptide linking'           y HISTIDINE                       ?                                                             
'C6 H10 N3 O2 1' 156.162 
HOH non-polymer                   . WATER                           ?                                                             
'H2 O'           18.015  
ILE 'L-peptide linking'           y ISOLEUCINE                      ?                                                             
'C6 H13 N O2'    131.173 
LEU 'L-peptide linking'           y LEUCINE                         ?                                                             
'C6 H13 N O2'    131.173 
LYS 'L-peptide linking'           y LYSINE                          ?                                                             
'C6 H15 N2 O2 1' 147.195 
MET 'L-peptide linking'           y METHIONINE                      ?                                                             
'C5 H11 N O2 S'  149.211 
PHE 'L-peptide linking'           y PHENYLALANINE                   ?                                                             
'C9 H11 N O2'    165.189 
PRO 'L-peptide linking'           y PROLINE                         ?                                                             
'C5 H9 N O2'     115.130 
SER 'L-peptide linking'           y SERINE                          ?                                                             
'C3 H7 N O3'     105.093 
THR 'L-peptide linking'           y THREONINE                       ?                                                             
'C4 H9 N O3'     119.119 
TRP 'L-peptide linking'           y TRYPTOPHAN                      ?                                                             
'C11 H12 N2 O2'  204.225 
TYR 'L-peptide linking'           y TYROSINE                        ?                                                             
'C9 H11 N O3'    181.189 
VAL 'L-peptide linking'           y VALINE                          ?                                                             
'C5 H11 N O2'    117.146 
# 
_exptl.entry_id          4QB2 
_exptl.method            'X-RAY DIFFRACTION' 
_exptl.crystals_number   1 
# 
_exptl_crystal.id                    1 
_exptl_crystal.density_meas          ? 
_exptl_crystal.density_Matthews      2.80 
_exptl_crystal.density_percent_sol   56.01 
_exptl_crystal.description           ? 
_exptl_crystal.F_000                 ? 
_exptl_crystal.preparation           ? 
# 
_exptl_crystal_grow.crystal_id      1 
_exptl_crystal_grow.method          'VAPOR DIFFUSION, SITTING DROP' 
_exptl_crystal_grow.temp            293 
_exptl_crystal_grow.temp_details    ? 
_exptl_crystal_grow.pH              7 
_exptl_crystal_grow.pdbx_details    
'20% PEG 6000, 0.2M Calcium chloride, 0.1M HEPES, pH 7, VAPOR DIFFUSION, SITTING DROP, temperature 293K' 
_exptl_crystal_grow.pdbx_pH_range   ? 
# 
_diffrn.id                     1 
_diffrn.ambient_temp           120 
_diffrn.ambient_temp_details   ? 
_diffrn.crystal_id             1 
# 
_diffrn_detector.diffrn_id              1 
_diffrn_detector.detector               PIXEL 
_diffrn_detector.type                   'DECTRIS PILATUS 6M-F' 
_diffrn_detector.pdbx_collection_date   2014-01-23 
_diffrn_detector.details                ? 
# 
_diffrn_radiation.diffrn_id                        1 
_diffrn_radiation.wavelength_id                    1 
_diffrn_radiation.pdbx_monochromatic_or_laue_m_l   M 
_diffrn_radiation.monochromator                    Si-111 
_diffrn_radiation.pdbx_diffrn_protocol             'SINGLE WAVELENGTH' 
_diffrn_radiation.pdbx_scattering_type             x-ray 
# 
_diffrn_radiation_wavelength.id           1 
_diffrn_radiation_wavelength.wavelength   0.978583 
_diffrn_radiation_wavelength.wt           1.0 
# 
_diffrn_source.diffrn_id                   1 
_diffrn_source.source                      SYNCHROTRON 
_diffrn_source.type                        'PETRA III, EMBL c/o DESY BEAMLINE P13 (MX1)' 
_diffrn_source.pdbx_synchrotron_site       'PETRA III, EMBL c/o DESY' 
_diffrn_source.pdbx_synchrotron_beamline   'P13 (MX1)' 
_diffrn_source.pdbx_wavelength             ? 
_diffrn_source.pdbx_wavelength_list        0.978583 
# 
_reflns.entry_id                     4QB2 
_reflns.observed_criterion_sigma_I   1.0 
_reflns.observed_criterion_sigma_F   1.0 
_reflns.d_resolution_low             102.74 
_reflns.d_resolution_high            1.5 
_reflns.number_obs                   32026 
_reflns.number_all                   414192 
_reflns.percent_possible_obs         99.6 
_reflns.pdbx_Rmerge_I_obs            0.097 
_reflns.pdbx_Rsym_value              0.028 
_reflns.pdbx_netI_over_sigmaI        16.0 
_reflns.B_iso_Wilson_estimate        9.94 
_reflns.pdbx_redundancy              12.9 
_reflns.R_free_details               ? 
_reflns.limit_h_max                  ? 
_reflns.limit_h_min                  ? 
_reflns.limit_k_max                  ? 
_reflns.limit_k_min                  ? 
_reflns.limit_l_max                  ? 
_reflns.limit_l_min                  ? 
_reflns.observed_criterion_F_max     ? 
_reflns.observed_criterion_F_min     ? 
_reflns.pdbx_chi_squared             ? 
_reflns.pdbx_scaling_rejects         ? 
_reflns.pdbx_ordinal                 1 
_reflns.pdbx_diffrn_id               1 
# 
_reflns_shell.d_res_high             1.50 
_reflns_shell.d_res_low              1.58 
_reflns_shell.percent_possible_all   100 
_reflns_shell.Rmerge_I_obs           0.510 
_reflns_shell.pdbx_Rsym_value        0.146 
_reflns_shell.meanI_over_sigI_obs    5.1 
_reflns_shell.pdbx_redundancy        13.0 
_reflns_shell.percent_possible_obs   ? 
_reflns_shell.number_unique_all      4619 
_reflns_shell.number_measured_all    ? 
_reflns_shell.number_measured_obs    ? 
_reflns_shell.number_unique_obs      ? 
_reflns_shell.pdbx_chi_squared       ? 
_reflns_shell.pdbx_ordinal           1 
_reflns_shell.pdbx_diffrn_id         1 
# 
_refine.entry_id                                 4QB2 
_refine.ls_number_reflns_obs                     30348 
_refine.ls_number_reflns_all                     414192 
_refine.pdbx_ls_sigma_I                          1.0 
_refine.pdbx_ls_sigma_F                          1.0 
_refine.pdbx_data_cutoff_high_absF               ? 
_refine.pdbx_data_cutoff_low_absF                ? 
_refine.pdbx_data_cutoff_high_rms_absF           ? 
_refine.ls_d_res_low                             51.37 
_refine.ls_d_res_high                            1.50 
_refine.ls_percent_reflns_obs                    99.55 
_refine.ls_R_factor_obs                          0.15569 
_refine.ls_R_factor_all                          ? 
_refine.ls_R_factor_R_work                       0.15499 
_refine.ls_R_factor_R_free                       0.16882 
_refine.ls_R_factor_R_free_error                 ? 
_refine.ls_R_factor_R_free_error_details         ? 
_refine.ls_percent_reflns_R_free                 5.1 
_refine.ls_number_reflns_R_free                  1618 
_refine.ls_number_parameters                     ? 
_refine.ls_number_restraints                     ? 
_refine.occupancy_min                            ? 
_refine.occupancy_max                            ? 
_refine.correlation_coeff_Fo_to_Fc               0.967 
_refine.correlation_coeff_Fo_to_Fc_free          0.965 
_refine.B_iso_mean                               14.625 
_refine.aniso_B[1][1]                            -0.07 
_refine.aniso_B[2][2]                            0.86 
_refine.aniso_B[3][3]                            -0.80 
_refine.aniso_B[1][2]                            0.00 
_refine.aniso_B[1][3]                            0.00 
_refine.aniso_B[2][3]                            0.00 
_refine.solvent_model_details                    MASK 
_refine.solvent_model_param_ksol                 ? 
_refine.solvent_model_param_bsol                 ? 
_refine.pdbx_solvent_vdw_probe_radii             1.20 
_refine.pdbx_solvent_ion_probe_radii             0.80 
_refine.pdbx_solvent_shrinkage_radii             0.80 
_refine.pdbx_ls_cross_valid_method               THROUGHOUT 
_refine.details                                  'HYDROGENS HAVE BEEN ADDED IN THE RIDING POSITIONS' 
_refine.pdbx_starting_model                      'PDB ENTRY 4QB1' 
_refine.pdbx_method_to_determine_struct          'MOLECULAR REPLACEMENT' 
_refine.pdbx_isotropic_thermal_model             ? 
_refine.pdbx_stereochemistry_target_values       'MAXIMUM LIKELIHOOD' 
_refine.pdbx_stereochem_target_val_spec_case     ? 
_refine.pdbx_R_Free_selection_details            RANDOM 
_refine.pdbx_overall_ESU_R                       0.051 
_refine.pdbx_overall_ESU_R_Free                  0.051 
_refine.overall_SU_ML                            0.031 
_refine.pdbx_overall_phase_error                 ? 
_refine.overall_SU_B                             0.810 
_refine.overall_SU_R_Cruickshank_DPI             ? 
_refine.ls_redundancy_reflns_obs                 ? 
_refine.B_iso_min                                ? 
_refine.B_iso_max                                ? 
_refine.overall_SU_R_free                        ? 
_refine.ls_wR_factor_R_free                      ? 
_refine.ls_wR_factor_R_work                      ? 
_refine.overall_FOM_free_R_set                   ? 
_refine.overall_FOM_work_R_set                   ? 
_refine.pdbx_diffrn_id                           1 
_refine.pdbx_refine_id                           'X-RAY DIFFRACTION' 
_refine.pdbx_TLS_residual_ADP_flag               ? 
_refine.pdbx_overall_SU_R_free_Cruickshank_DPI   ? 
_refine.pdbx_overall_SU_R_Blow_DPI               ? 
_refine.pdbx_overall_SU_R_free_Blow_DPI          ? 
# 
_refine_hist.pdbx_refine_id                   'X-RAY DIFFRACTION' 
_refine_hist.cycle_id                         LAST 
_refine_hist.pdbx_number_atoms_protein        981 
_refine_hist.pdbx_number_atoms_nucleic_acid   0 
_refine_hist.pdbx_number_atoms_ligand         28 
_refine_hist.number_atoms_solvent             117 
_refine_hist.number_atoms_total               1126 
_refine_hist.d_res_high                       1.50 
_refine_hist.d_res_low                        51.37 
# 
loop_
_refine_ls_restr.type 
_refine_ls_restr.dev_ideal 
_refine_ls_restr.dev_ideal_target 
_refine_ls_restr.weight 
_refine_ls_restr.number 
_refine_ls_restr.pdbx_restraint_function 
_refine_ls_restr.pdbx_refine_id 
r_bond_refined_d       0.022  0.020  ? 1116 ? 'X-RAY DIFFRACTION' 
r_bond_other_d         0.001  0.020  ? 973  ? 'X-RAY DIFFRACTION' 
r_angle_refined_deg    1.840  1.949  ? 1541 ? 'X-RAY DIFFRACTION' 
r_angle_other_deg      0.905  3.000  ? 2251 ? 'X-RAY DIFFRACTION' 
r_dihedral_angle_1_deg 7.240  5.000  ? 148  ? 'X-RAY DIFFRACTION' 
r_dihedral_angle_2_deg 39.124 25.625 ? 48   ? 'X-RAY DIFFRACTION' 
r_dihedral_angle_3_deg 12.155 15.000 ? 168  ? 'X-RAY DIFFRACTION' 
r_dihedral_angle_4_deg 18.933 15.000 ? 4    ? 'X-RAY DIFFRACTION' 
r_chiral_restr         0.117  0.200  ? 184  ? 'X-RAY DIFFRACTION' 
r_gen_planes_refined   0.011  0.020  ? 1336 ? 'X-RAY DIFFRACTION' 
r_gen_planes_other     0.001  0.020  ? 256  ? 'X-RAY DIFFRACTION' 
r_mcbond_it            1.372  1.314  ? 565  ? 'X-RAY DIFFRACTION' 
r_mcbond_other         1.356  1.311  ? 564  ? 'X-RAY DIFFRACTION' 
r_mcangle_it           2.179  1.965  ? 722  ? 'X-RAY DIFFRACTION' 
r_mcangle_other        2.185  1.968  ? 723  ? 'X-RAY DIFFRACTION' 
r_scbond_it            2.272  1.477  ? 551  ? 'X-RAY DIFFRACTION' 
r_scbond_other         2.247  1.476  ? 551  ? 'X-RAY DIFFRACTION' 
r_scangle_other        3.198  2.160  ? 820  ? 'X-RAY DIFFRACTION' 
r_long_range_B_refined 4.436  11.596 ? 1279 ? 'X-RAY DIFFRACTION' 
r_long_range_B_other   4.272  11.265 ? 1241 ? 'X-RAY DIFFRACTION' 
# 
_refine_ls_shell.pdbx_total_number_of_bins_used   20 
_refine_ls_shell.d_res_high                       1.500 
_refine_ls_shell.d_res_low                        1.539 
_refine_ls_shell.number_reflns_R_work             2226 
_refine_ls_shell.R_factor_R_work                  0.175 
_refine_ls_shell.percent_reflns_obs               100.00 
_refine_ls_shell.R_factor_R_free                  0.200 
_refine_ls_shell.R_factor_R_free_error            ? 
_refine_ls_shell.percent_reflns_R_free            ? 
_refine_ls_shell.number_reflns_R_free             130 
_refine_ls_shell.number_reflns_all                ? 
_refine_ls_shell.R_factor_all                     ? 
_refine_ls_shell.number_reflns_obs                ? 
_refine_ls_shell.redundancy_reflns_obs            ? 
_refine_ls_shell.pdbx_refine_id                   'X-RAY DIFFRACTION' 
# 
_struct.entry_id                  4QB2 
_struct.title                     'Structure of CBM35 in complex with glucuronic acid' 
_struct.pdbx_model_details        ? 
_struct.pdbx_CASP_flag            ? 
_struct.pdbx_model_type_details   ? 
# 
_struct_keywords.entry_id        4QB2 
_struct_keywords.pdbx_keywords   'SUGAR BINDING PROTEIN' 
_struct_keywords.text            'BETA-STRUCTURE, CARBOHYDRATE BINDING MODULE, CALCIUM BINDING, CELL WALL, SUGAR BINDING PROTEIN' 
# 
loop_
_struct_asym.id 
_struct_asym.pdbx_blank_PDB_chainid_flag 
_struct_asym.pdbx_modified 
_struct_asym.entity_id 
_struct_asym.details 
A N N 1 ? 
B N N 2 ? 
C N N 3 ? 
D N N 3 ? 
E N N 4 ? 
F N N 5 ? 
# 
_struct_biol.id        1 
_struct_biol.details   ? 
# 
loop_
_struct_conn.id 
_struct_conn.conn_type_id 
_struct_conn.pdbx_leaving_atom_flag 
_struct_conn.pdbx_PDB_id 
_struct_conn.ptnr1_label_asym_id 
_struct_conn.ptnr1_label_comp_id 
_struct_conn.ptnr1_label_seq_id 
_struct_conn.ptnr1_label_atom_id 
_struct_conn.pdbx_ptnr1_label_alt_id 
_struct_conn.pdbx_ptnr1_PDB_ins_code 
_struct_conn.pdbx_ptnr1_standard_comp_id 
_struct_conn.ptnr1_symmetry 
_struct_conn.ptnr2_label_asym_id 
_struct_conn.ptnr2_label_comp_id 
_struct_conn.ptnr2_label_seq_id 
_struct_conn.ptnr2_label_atom_id 
_struct_conn.pdbx_ptnr2_label_alt_id 
_struct_conn.pdbx_ptnr2_PDB_ins_code 
_struct_conn.ptnr1_auth_asym_id 
_struct_conn.ptnr1_auth_comp_id 
_struct_conn.ptnr1_auth_seq_id 
_struct_conn.ptnr2_auth_asym_id 
_struct_conn.ptnr2_auth_comp_id 
_struct_conn.ptnr2_auth_seq_id 
_struct_conn.ptnr2_symmetry 
_struct_conn.pdbx_ptnr3_label_atom_id 
_struct_conn.pdbx_ptnr3_label_seq_id 
_struct_conn.pdbx_ptnr3_label_comp_id 
_struct_conn.pdbx_ptnr3_label_asym_id 
_struct_conn.pdbx_ptnr3_label_alt_id 
_struct_conn.pdbx_ptnr3_PDB_ins_code 
_struct_conn.details 
_struct_conn.pdbx_dist_value 
_struct_conn.pdbx_value_order 
_struct_conn.pdbx_role 
metalc1  metalc ? ? A GLU 41  OE1 ? ? ? 1_555 C CA  . CA ? ? A GLU 18  A CA  202 1_555 ? ? ? ? ? ? ? 2.267 ? ? 
metalc2  metalc ? ? A GLU 43  OE2 ? ? ? 1_555 C CA  . CA ? ? A GLU 20  A CA  202 1_555 ? ? ? ? ? ? ? 2.437 ? ? 
metalc3  metalc ? ? A GLU 43  OE1 ? ? ? 1_555 C CA  . CA ? ? A GLU 20  A CA  202 1_555 ? ? ? ? ? ? ? 2.516 ? ? 
metalc4  metalc ? ? A THR 61  O   ? ? ? 1_555 C CA  . CA ? ? A THR 38  A CA  202 1_555 ? ? ? ? ? ? ? 2.354 ? ? 
metalc5  metalc ? ? A GLY 64  O   ? ? ? 1_555 C CA  . CA ? ? A GLY 41  A CA  202 1_555 ? ? ? ? ? ? ? 2.409 ? ? 
metalc6  metalc ? ? A ASN 67  OD1 ? ? ? 1_555 D CA  . CA ? ? A ASN 44  A CA  203 1_555 ? ? ? ? ? ? ? 2.425 ? ? 
metalc7  metalc ? ? A PHE 68  O   ? ? ? 1_555 D CA  . CA ? ? A PHE 45  A CA  203 1_555 ? ? ? ? ? ? ? 2.393 ? ? 
metalc8  metalc ? ? A GLU 152 OE2 ? ? ? 1_555 D CA  . CA ? ? A GLU 129 A CA  203 1_555 ? ? ? ? ? ? ? 2.409 ? ? 
metalc9  metalc ? ? A GLU 152 OE1 ? ? ? 1_555 D CA  . CA ? ? A GLU 129 A CA  203 1_555 ? ? ? ? ? ? ? 2.578 ? ? 
metalc10 metalc ? ? A ASP 157 OD1 ? ? ? 1_555 C CA  . CA ? ? A ASP 134 A CA  202 1_555 ? ? ? ? ? ? ? 2.296 ? ? 
metalc11 metalc ? ? A ASP 157 O   ? ? ? 1_555 C CA  . CA ? ? A ASP 134 A CA  202 1_555 ? ? ? ? ? ? ? 2.583 ? ? 
metalc12 metalc ? ? B GCU .   O4  ? ? ? 1_555 D CA  . CA ? ? A GCU 201 A CA  203 1_555 ? ? ? ? ? ? ? 2.487 ? ? 
metalc13 metalc ? ? B GCU .   O6A ? ? ? 1_555 D CA  . CA ? ? A GCU 201 A CA  203 1_555 ? ? ? ? ? ? ? 2.399 ? ? 
metalc14 metalc ? ? D CA  .   CA  ? ? ? 1_555 F HOH . O  ? ? A CA  203 A HOH 304 1_555 ? ? ? ? ? ? ? 2.480 ? ? 
metalc15 metalc ? ? D CA  .   CA  ? ? ? 1_555 F HOH . O  ? ? A CA  203 A HOH 306 1_555 ? ? ? ? ? ? ? 2.425 ? ? 
# 
_struct_conn_type.id          metalc 
_struct_conn_type.criteria    ? 
_struct_conn_type.reference   ? 
# 
loop_
_struct_sheet.id 
_struct_sheet.type 
_struct_sheet.number_strands 
_struct_sheet.details 
A ? 4 ? 
B ? 5 ? 
C ? 2 ? 
# 
loop_
_struct_sheet_order.sheet_id 
_struct_sheet_order.range_id_1 
_struct_sheet_order.range_id_2 
_struct_sheet_order.offset 
_struct_sheet_order.sense 
A 1 2 ? anti-parallel 
A 2 3 ? anti-parallel 
A 3 4 ? anti-parallel 
B 1 2 ? anti-parallel 
B 2 3 ? anti-parallel 
B 3 4 ? anti-parallel 
B 4 5 ? anti-parallel 
C 1 2 ? anti-parallel 
# 
loop_
_struct_sheet_range.sheet_id 
_struct_sheet_range.id 
_struct_sheet_range.beg_label_comp_id 
_struct_sheet_range.beg_label_asym_id 
_struct_sheet_range.beg_label_seq_id 
_struct_sheet_range.pdbx_beg_PDB_ins_code 
_struct_sheet_range.end_label_comp_id 
_struct_sheet_range.end_label_asym_id 
_struct_sheet_range.end_label_seq_id 
_struct_sheet_range.pdbx_end_PDB_ins_code 
_struct_sheet_range.beg_auth_comp_id 
_struct_sheet_range.beg_auth_asym_id 
_struct_sheet_range.beg_auth_seq_id 
_struct_sheet_range.end_auth_comp_id 
_struct_sheet_range.end_auth_asym_id 
_struct_sheet_range.end_auth_seq_id 
A 1 THR A 38  ? GLU A 41  ? THR A 15  GLU A 18  
A 2 ASN A 155 ? ALA A 163 ? ASN A 132 ALA A 140 
A 3 GLY A 87  ? ALA A 96  ? GLY A 64  ALA A 73  
A 4 GLY A 129 ? MET A 137 ? GLY A 106 MET A 114 
B 1 THR A 46  ? THR A 49  ? THR A 23  THR A 26  
B 2 THR A 72  ? ASN A 83  ? THR A 49  ASN A 60  
B 3 GLY A 140 ? THR A 149 ? GLY A 117 THR A 126 
B 4 ARG A 102 ? VAL A 108 ? ARG A 79  VAL A 85  
B 5 THR A 111 ? PHE A 119 ? THR A 88  PHE A 96  
C 1 ALA A 51  ? GLU A 54  ? ALA A 28  GLU A 31  
C 2 TYR A 65  ? PHE A 68  ? TYR A 42  PHE A 45  
# 
loop_
_pdbx_struct_sheet_hbond.sheet_id 
_pdbx_struct_sheet_hbond.range_id_1 
_pdbx_struct_sheet_hbond.range_id_2 
_pdbx_struct_sheet_hbond.range_1_label_atom_id 
_pdbx_struct_sheet_hbond.range_1_label_comp_id 
_pdbx_struct_sheet_hbond.range_1_label_asym_id 
_pdbx_struct_sheet_hbond.range_1_label_seq_id 
_pdbx_struct_sheet_hbond.range_1_PDB_ins_code 
_pdbx_struct_sheet_hbond.range_1_auth_atom_id 
_pdbx_struct_sheet_hbond.range_1_auth_comp_id 
_pdbx_struct_sheet_hbond.range_1_auth_asym_id 
_pdbx_struct_sheet_hbond.range_1_auth_seq_id 
_pdbx_struct_sheet_hbond.range_2_label_atom_id 
_pdbx_struct_sheet_hbond.range_2_label_comp_id 
_pdbx_struct_sheet_hbond.range_2_label_asym_id 
_pdbx_struct_sheet_hbond.range_2_label_seq_id 
_pdbx_struct_sheet_hbond.range_2_PDB_ins_code 
_pdbx_struct_sheet_hbond.range_2_auth_atom_id 
_pdbx_struct_sheet_hbond.range_2_auth_comp_id 
_pdbx_struct_sheet_hbond.range_2_auth_asym_id 
_pdbx_struct_sheet_hbond.range_2_auth_seq_id 
A 1 2 N TYR A 40  ? N TYR A 17  O ILE A 159 ? O ILE A 136 
A 2 3 O ASP A 157 ? O ASP A 134 N ARG A 94  ? N ARG A 71  
A 3 4 N LYS A 89  ? N LYS A 66  O VAL A 135 ? O VAL A 112 
B 1 2 N THR A 49  ? N THR A 26  O ALA A 75  ? O ALA A 52  
B 2 3 N TRP A 78  ? N TRP A 55  O LEU A 144 ? O LEU A 121 
B 3 4 O ARG A 145 ? O ARG A 122 N TYR A 107 ? N TYR A 84  
B 4 5 N ILE A 106 ? N ILE A 83  O VAL A 113 ? O VAL A 90  
C 1 2 N VAL A 52  ? N VAL A 29  O ASN A 67  ? O ASN A 44  
# 
_atom_sites.entry_id                    4QB2 
_atom_sites.fract_transf_matrix[1][1]   -0.01060058 
_atom_sites.fract_transf_matrix[1][2]   0.00268248 
_atom_sites.fract_transf_matrix[1][3]   0.02255741 
_atom_sites.fract_transf_matrix[2][1]   -0.00104126 
_atom_sites.fract_transf_matrix[2][2]   -0.02090904 
_atom_sites.fract_transf_matrix[2][3]   0.00199713 
_atom_sites.fract_transf_matrix[3][1]   0.00880767 
_atom_sites.fract_transf_matrix[3][2]   -0.00004279 
_atom_sites.fract_transf_matrix[3][3]   0.00414414 
_atom_sites.fract_transf_vector[1]      -0.092143 
_atom_sites.fract_transf_vector[2]      0.199350 
_atom_sites.fract_transf_vector[3]      0.134005 
# 
loop_
_atom_type.symbol 
C  
CA 
N  
O  
S  
# 
loop_
_atom_site.group_PDB 
_atom_site.id 
_atom_site.type_symbol 
_atom_site.label_atom_id 
_atom_site.label_alt_id 
_atom_site.label_comp_id 
_atom_site.label_asym_id 
_atom_site.label_entity_id 
_atom_site.label_seq_id 
_atom_site.pdbx_PDB_ins_code 
_atom_site.Cartn_x 
_atom_site.Cartn_y 
_atom_site.Cartn_z 
_atom_site.occupancy 
_atom_site.B_iso_or_equiv 
_atom_site.pdbx_formal_charge 
_atom_site.auth_seq_id 
_atom_site.auth_comp_id 
_atom_site.auth_asym_id 
_atom_site.auth_atom_id 
_atom_site.pdbx_PDB_model_num 
ATOM   1    N  N   . THR A 1 36  ? -5.376  -17.356 -5.216  1.00 53.65 ? 13  THR A N   1 
ATOM   2    C  CA  . THR A 1 36  ? -4.011  -16.739 -5.013  1.00 49.30 ? 13  THR A CA  1 
ATOM   3    C  C   . THR A 1 36  ? -3.916  -15.247 -5.395  1.00 41.76 ? 13  THR A C   1 
ATOM   4    O  O   . THR A 1 36  ? -3.180  -14.474 -4.705  1.00 42.32 ? 13  THR A O   1 
ATOM   5    C  CB  . THR A 1 36  ? -2.894  -17.496 -5.782  1.00 58.37 ? 13  THR A CB  1 
ATOM   6    O  OG1 . THR A 1 36  ? -3.462  -18.227 -6.884  1.00 63.93 ? 13  THR A OG1 1 
ATOM   7    C  CG2 . THR A 1 36  ? -2.137  -18.454 -4.849  1.00 59.80 ? 13  THR A CG2 1 
ATOM   8    N  N   . GLY A 1 37  ? -4.602  -14.831 -6.478  1.00 29.82 ? 14  GLY A N   1 
ATOM   9    C  CA  . GLY A 1 37  ? -4.605  -13.418 -6.790  1.00 24.69 ? 14  GLY A CA  1 
ATOM   10   C  C   . GLY A 1 37  ? -3.365  -13.001 -7.508  1.00 20.65 ? 14  GLY A C   1 
ATOM   11   O  O   . GLY A 1 37  ? -2.681  -13.833 -8.129  1.00 24.25 ? 14  GLY A O   1 
ATOM   12   N  N   . THR A 1 38  ? -3.100  -11.711 -7.508  1.00 14.64 ? 15  THR A N   1 
ATOM   13   C  CA  . THR A 1 38  ? -1.892  -11.098 -8.082  1.00 12.91 ? 15  THR A CA  1 
ATOM   14   C  C   . THR A 1 38  ? -1.237  -10.282 -6.958  1.00 12.40 ? 15  THR A C   1 
ATOM   15   O  O   . THR A 1 38  ? -1.915  -9.495  -6.340  1.00 13.71 ? 15  THR A O   1 
ATOM   16   C  CB  . THR A 1 38  ? -2.283  -10.155 -9.236  1.00 13.99 ? 15  THR A CB  1 
ATOM   17   O  OG1 . THR A 1 38  ? -2.988  -10.939 -10.242 1.00 15.98 ? 15  THR A OG1 1 
ATOM   18   C  CG2 . THR A 1 38  ? -1.120  -9.531  -9.849  1.00 14.67 ? 15  THR A CG2 1 
ATOM   19   N  N   . THR A 1 39  ? 0.083   -10.388 -6.871  1.00 13.01 ? 16  THR A N   1 
ATOM   20   C  CA  . THR A 1 39  ? 0.891   -9.524  -6.030  1.00 12.72 ? 16  THR A CA  1 
ATOM   21   C  C   . THR A 1 39  ? 1.528   -8.471  -6.907  1.00 14.03 ? 16  THR A C   1 
ATOM   22   O  O   . THR A 1 39  ? 2.151   -8.779  -7.972  1.00 16.25 ? 16  THR A O   1 
ATOM   23   C  CB  . THR A 1 39  ? 1.930   -10.323 -5.253  1.00 13.37 ? 16  THR A CB  1 
ATOM   24   O  OG1 . THR A 1 39  ? 1.223   -11.258 -4.409  1.00 14.68 ? 16  THR A OG1 1 
ATOM   25   C  CG2 . THR A 1 39  ? 2.812   -9.435  -4.415  1.00 13.83 ? 16  THR A CG2 1 
ATOM   26   N  N   . TYR A 1 40  ? 1.417   -7.219  -6.453  1.00 11.51 ? 17  TYR A N   1 
ATOM   27   C  CA  . TYR A 1 40  ? 2.038   -6.090  -7.147  1.00 12.29 ? 17  TYR A CA  1 
ATOM   28   C  C   . TYR A 1 40  ? 3.052   -5.526  -6.166  1.00 13.01 ? 17  TYR A C   1 
ATOM   29   O  O   . TYR A 1 40  ? 2.708   -5.047  -5.058  1.00 13.14 ? 17  TYR A O   1 
ATOM   30   C  CB  . TYR A 1 40  ? 1.001   -5.031  -7.447  1.00 13.44 ? 17  TYR A CB  1 
ATOM   31   C  CG  . TYR A 1 40  ? -0.170  -5.524  -8.287  1.00 12.62 ? 17  TYR A CG  1 
ATOM   32   C  CD1 . TYR A 1 40  ? -1.299  -6.059  -7.724  1.00 12.49 ? 17  TYR A CD1 1 
ATOM   33   C  CD2 . TYR A 1 40  ? -0.122  -5.435  -9.676  1.00 13.03 ? 17  TYR A CD2 1 
ATOM   34   C  CE1 . TYR A 1 40  ? -2.357  -6.512  -8.498  1.00 12.79 ? 17  TYR A CE1 1 
ATOM   35   C  CE2 . TYR A 1 40  ? -1.143  -5.880  -10.451 1.00 13.42 ? 17  TYR A CE2 1 
ATOM   36   C  CZ  . TYR A 1 40  ? -2.267  -6.373  -9.880  1.00 13.97 ? 17  TYR A CZ  1 
ATOM   37   O  OH  . TYR A 1 40  ? -3.308  -6.841  -10.649 1.00 13.98 ? 17  TYR A OH  1 
ATOM   38   N  N   . GLU A 1 41  ? 4.327   -5.469  -6.583  1.00 11.49 ? 18  GLU A N   1 
ATOM   39   C  CA  . GLU A 1 41  ? 5.342   -4.854  -5.738  1.00 11.72 ? 18  GLU A CA  1 
ATOM   40   C  C   . GLU A 1 41  ? 5.084   -3.354  -5.566  1.00 12.52 ? 18  GLU A C   1 
ATOM   41   O  O   . GLU A 1 41  ? 4.533   -2.679  -6.466  1.00 12.81 ? 18  GLU A O   1 
ATOM   42   C  CB  . GLU A 1 41  ? 6.731   -5.074  -6.307  1.00 13.16 ? 18  GLU A CB  1 
ATOM   43   C  CG  . GLU A 1 41  ? 7.150   -6.491  -6.386  1.00 14.55 ? 18  GLU A CG  1 
ATOM   44   C  CD  . GLU A 1 41  ? 7.250   -7.138  -5.020  1.00 16.17 ? 18  GLU A CD  1 
ATOM   45   O  OE1 . GLU A 1 41  ? 7.343   -6.404  -4.010  1.00 14.10 ? 18  GLU A OE1 1 
ATOM   46   O  OE2 . GLU A 1 41  ? 7.360   -8.359  -5.006  1.00 20.72 ? 18  GLU A OE2 1 
ATOM   47   N  N   . ALA A 1 42  ? 5.484   -2.795  -4.439  1.00 12.05 ? 19  ALA A N   1 
ATOM   48   C  CA  . ALA A 1 42  ? 5.366   -1.363  -4.205  1.00 12.04 ? 19  ALA A CA  1 
ATOM   49   C  C   . ALA A 1 42  ? 6.431   -0.573  -4.964  1.00 13.75 ? 19  ALA A C   1 
ATOM   50   O  O   . ALA A 1 42  ? 6.190   0.572   -5.296  1.00 13.12 ? 19  ALA A O   1 
ATOM   51   C  CB  . ALA A 1 42  ? 5.474   -1.045  -2.725  1.00 12.13 ? 19  ALA A CB  1 
ATOM   52   N  N   . GLU A 1 43  ? 7.566   -1.208  -5.201  1.00 13.35 ? 20  GLU A N   1 
ATOM   53   C  CA  . GLU A 1 43  ? 8.782   -0.466  -5.670  1.00 15.83 ? 20  GLU A CA  1 
ATOM   54   C  C   . GLU A 1 43  ? 8.899   -0.390  -7.146  1.00 17.82 ? 20  GLU A C   1 
ATOM   55   O  O   . GLU A 1 43  ? 9.744   0.423   -7.617  1.00 21.47 ? 20  GLU A O   1 
ATOM   56   C  CB  . GLU A 1 43  ? 10.017  -1.101  -5.058  1.00 16.28 ? 20  GLU A CB  1 
ATOM   57   C  CG  . GLU A 1 43  ? 10.269  -2.516  -5.472  1.00 16.01 ? 20  GLU A CG  1 
ATOM   58   C  CD  . GLU A 1 43  ? 9.630   -3.609  -4.578  1.00 14.24 ? 20  GLU A CD  1 
ATOM   59   O  OE1 . GLU A 1 43  ? 10.018  -4.786  -4.668  1.00 13.65 ? 20  GLU A OE1 1 
ATOM   60   O  OE2 . GLU A 1 43  ? 8.678   -3.239  -3.796  1.00 13.00 ? 20  GLU A OE2 1 
ATOM   61   N  N   . THR A 1 44  ? 8.165   -1.194  -7.883  1.00 18.38 ? 21  THR A N   1 
ATOM   62   C  CA  . THR A 1 44  ? 8.272   -1.203  -9.353  1.00 22.72 ? 21  THR A CA  1 
ATOM   63   C  C   . THR A 1 44  ? 6.887   -1.251  -9.907  1.00 21.29 ? 21  THR A C   1 
ATOM   64   O  O   . THR A 1 44  ? 5.946   -1.748  -9.336  1.00 23.27 ? 21  THR A O   1 
ATOM   65   C  CB  . THR A 1 44  ? 9.172   -2.359  -9.843  1.00 25.41 ? 21  THR A CB  1 
ATOM   66   O  OG1 . THR A 1 44  ? 8.761   -3.510  -9.167  1.00 25.25 ? 21  THR A OG1 1 
ATOM   67   C  CG2 . THR A 1 44  ? 10.620  -2.133  -9.513  1.00 27.76 ? 21  THR A CG2 1 
ATOM   68   N  N   . GLY A 1 45  ? 6.679   -0.585  -11.049 1.00 25.05 ? 22  GLY A N   1 
ATOM   69   C  CA  . GLY A 1 45  ? 5.302   -0.502  -11.524 1.00 24.02 ? 22  GLY A CA  1 
ATOM   70   C  C   . GLY A 1 45  ? 4.335   0.511   -10.847 1.00 21.92 ? 22  GLY A C   1 
ATOM   71   O  O   . GLY A 1 45  ? 3.017   0.473   -10.867 1.00 26.38 ? 22  GLY A O   1 
ATOM   72   N  N   . THR A 1 46  ? 5.031   1.417   -10.177 1.00 17.58 ? 23  THR A N   1 
ATOM   73   C  CA  . THR A 1 46  ? 4.309   2.429   -9.427  1.00 14.85 ? 23  THR A CA  1 
ATOM   74   C  C   . THR A 1 46  ? 4.886   3.819   -9.629  1.00 14.43 ? 23  THR A C   1 
ATOM   75   O  O   . THR A 1 46  ? 6.022   4.000   -10.130 1.00 17.00 ? 23  THR A O   1 
ATOM   76   C  CB  . THR A 1 46  ? 4.443   2.138   -7.896  1.00 14.27 ? 23  THR A CB  1 
ATOM   77   O  OG1 . THR A 1 46  ? 5.825   2.042   -7.546  1.00 14.02 ? 23  THR A OG1 1 
ATOM   78   C  CG2 . THR A 1 46  ? 3.749   0.890   -7.475  1.00 15.65 ? 23  THR A CG2 1 
ATOM   79   N  N   . THR A 1 47  ? 4.088   4.823   -9.262  1.00 14.34 ? 24  THR A N   1 
ATOM   80   C  CA  . THR A 1 47  ? 4.557   6.208   -9.197  1.00 15.59 ? 24  THR A CA  1 
ATOM   81   C  C   . THR A 1 47  ? 4.674   6.624   -7.759  1.00 13.62 ? 24  THR A C   1 
ATOM   82   O  O   . THR A 1 47  ? 3.707   6.455   -6.985  1.00 13.82 ? 24  THR A O   1 
ATOM   83   C  CB  . THR A 1 47  ? 3.587   7.137   -9.934  1.00 17.52 ? 24  THR A CB  1 
ATOM   84   O  OG1 . THR A 1 47  ? 3.452   6.665   -11.279 1.00 18.62 ? 24  THR A OG1 1 
ATOM   85   C  CG2 . THR A 1 47  ? 4.059   8.577   -9.926  1.00 19.28 ? 24  THR A CG2 1 
ATOM   86   N  N   . LEU A 1 48  ? 5.814   7.137   -7.363  1.00 13.23 ? 25  LEU A N   1 
ATOM   87   C  CA  . LEU A 1 48  ? 6.145   7.541   -5.995  1.00 13.48 ? 25  LEU A CA  1 
ATOM   88   C  C   . LEU A 1 48  ? 6.125   9.027   -5.868  1.00 14.88 ? 25  LEU A C   1 
ATOM   89   O  O   . LEU A 1 48  ? 6.685   9.743   -6.745  1.00 15.95 ? 25  LEU A O   1 
ATOM   90   C  CB  . LEU A 1 48  ? 7.506   6.982   -5.560  1.00 14.33 ? 25  LEU A CB  1 
ATOM   91   C  CG  . LEU A 1 48  ? 7.640   5.470   -5.757  1.00 14.53 ? 25  LEU A CG  1 
ATOM   92   C  CD1 . LEU A 1 48  ? 8.971   5.012   -5.213  1.00 15.03 ? 25  LEU A CD1 1 
ATOM   93   C  CD2 . LEU A 1 48  ? 6.506   4.679   -5.026  1.00 14.06 ? 25  LEU A CD2 1 
ATOM   94   N  N   . THR A 1 49  ? 5.593   9.539   -4.791  1.00 13.49 ? 26  THR A N   1 
ATOM   95   C  CA  . THR A 1 49  ? 5.639   10.960  -4.454  1.00 13.58 ? 26  THR A CA  1 
ATOM   96   C  C   . THR A 1 49  ? 6.221   11.124  -3.060  1.00 13.75 ? 26  THR A C   1 
ATOM   97   O  O   . THR A 1 49  ? 5.690   10.602  -2.080  1.00 13.54 ? 26  THR A O   1 
ATOM   98   C  CB  . THR A 1 49  ? 4.244   11.575  -4.509  1.00 15.18 ? 26  THR A CB  1 
ATOM   99   O  OG1 . THR A 1 49  ? 3.642   11.327  -5.793  1.00 16.71 ? 26  THR A OG1 1 
ATOM   100  C  CG2 . THR A 1 49  ? 4.261   13.112  -4.265  1.00 16.05 ? 26  THR A CG2 1 
ATOM   101  N  N   . ASP A 1 50  ? 7.332   11.855  -2.938  1.00 13.67 ? 27  ASP A N   1 
ATOM   102  C  CA  . ASP A 1 50  ? 8.012   12.017  -1.657  1.00 14.02 ? 27  ASP A CA  1 
ATOM   103  C  C   . ASP A 1 50  ? 8.138   10.635  -0.930  1.00 12.70 ? 27  ASP A C   1 
ATOM   104  O  O   . ASP A 1 50  ? 7.909   10.544  0.237   1.00 13.41 ? 27  ASP A O   1 
ATOM   105  C  CB  . ASP A 1 50  ? 7.353   13.078  -0.815  1.00 15.84 ? 27  ASP A CB  1 
ATOM   106  C  CG  . ASP A 1 50  ? 7.596   14.456  -1.408  1.00 19.57 ? 27  ASP A CG  1 
ATOM   107  O  OD1 . ASP A 1 50  ? 8.765   14.863  -1.522  1.00 22.23 ? 27  ASP A OD1 1 
ATOM   108  O  OD2 . ASP A 1 50  ? 6.614   15.097  -1.730  1.00 22.83 ? 27  ASP A OD2 1 
ATOM   109  N  N   . ALA A 1 51  ? 8.640   9.678   -1.698  1.00 12.51 ? 28  ALA A N   1 
ATOM   110  C  CA  . ALA A 1 51  ? 8.834   8.302   -1.235  1.00 13.46 ? 28  ALA A CA  1 
ATOM   111  C  C   . ALA A 1 51  ? 9.896   7.692   -2.091  1.00 13.98 ? 28  ALA A C   1 
ATOM   112  O  O   . ALA A 1 51  ? 10.020  8.015   -3.286  1.00 16.60 ? 28  ALA A O   1 
ATOM   113  C  CB  . ALA A 1 51  ? 7.518   7.531   -1.338  1.00 13.41 ? 28  ALA A CB  1 
ATOM   114  N  N   . VAL A 1 52  ? 10.669  6.807   -1.502  1.00 13.84 ? 29  VAL A N   1 
ATOM   115  C  CA  . VAL A 1 52  ? 11.820  6.188   -2.162  1.00 15.13 ? 29  VAL A CA  1 
ATOM   116  C  C   . VAL A 1 52  ? 11.897  4.706   -2.029  1.00 14.42 ? 29  VAL A C   1 
ATOM   117  O  O   . VAL A 1 52  ? 11.385  4.144   -1.068  1.00 13.58 ? 29  VAL A O   1 
ATOM   118  C  CB  . VAL A 1 52  ? 13.165  6.781   -1.644  1.00 15.05 ? 29  VAL A CB  1 
ATOM   119  C  CG1 . VAL A 1 52  ? 13.265  8.286   -1.987  1.00 18.05 ? 29  VAL A CG1 1 
ATOM   120  C  CG2 . VAL A 1 52  ? 13.396  6.583   -0.186  1.00 15.43 ? 29  VAL A CG2 1 
ATOM   121  N  N   . VAL A 1 53  ? 12.531  4.027   -2.981  1.00 14.40 ? 30  VAL A N   1 
ATOM   122  C  CA  . VAL A 1 53  ? 12.824  2.625   -2.892  1.00 15.81 ? 30  VAL A CA  1 
ATOM   123  C  C   . VAL A 1 53  ? 14.018  2.406   -1.990  1.00 16.11 ? 30  VAL A C   1 
ATOM   124  O  O   . VAL A 1 53  ? 15.041  3.137   -2.071  1.00 18.61 ? 30  VAL A O   1 
ATOM   125  C  CB  . VAL A 1 53  ? 13.032  2.017   -4.279  1.00 16.62 ? 30  VAL A CB  1 
ATOM   126  C  CG1 . VAL A 1 53  ? 13.330  0.517   -4.137  1.00 17.27 ? 30  VAL A CG1 1 
ATOM   127  C  CG2 . VAL A 1 53  ? 11.808  2.306   -5.158  1.00 17.12 ? 30  VAL A CG2 1 
ATOM   128  N  N   A GLU A 1 54  ? 13.871  1.448   -1.065  0.50 12.84 ? 31  GLU A N   1 
ATOM   129  N  N   B GLU A 1 54  ? 13.900  1.477   -1.052  0.50 15.09 ? 31  GLU A N   1 
ATOM   130  C  CA  A GLU A 1 54  ? 14.812  1.183   0.033   0.50 13.06 ? 31  GLU A CA  1 
ATOM   131  C  CA  B GLU A 1 54  ? 15.020  1.170   -0.195  0.50 17.86 ? 31  GLU A CA  1 
ATOM   132  C  C   A GLU A 1 54  ? 15.040  -0.335  0.087   0.50 14.38 ? 31  GLU A C   1 
ATOM   133  C  C   B GLU A 1 54  ? 15.075  -0.322  0.060   0.50 16.61 ? 31  GLU A C   1 
ATOM   134  O  O   A GLU A 1 54  ? 14.147  -1.116  -0.324  0.50 13.18 ? 31  GLU A O   1 
ATOM   135  O  O   B GLU A 1 54  ? 14.113  -1.069  -0.217  0.50 14.37 ? 31  GLU A O   1 
ATOM   136  C  CB  A GLU A 1 54  ? 14.334  1.815   1.358   0.50 12.09 ? 31  GLU A CB  1 
ATOM   137  C  CB  B GLU A 1 54  ? 15.092  2.055   1.086   0.50 19.78 ? 31  GLU A CB  1 
ATOM   138  C  CG  A GLU A 1 54  ? 15.249  1.661   2.551   0.50 10.93 ? 31  GLU A CG  1 
ATOM   139  C  CG  B GLU A 1 54  ? 14.769  3.560   0.874   0.50 21.79 ? 31  GLU A CG  1 
ATOM   140  C  CD  A GLU A 1 54  ? 14.777  2.487   3.740   0.50 11.21 ? 31  GLU A CD  1 
ATOM   141  C  CD  B GLU A 1 54  ? 15.884  4.623   0.902   0.50 24.48 ? 31  GLU A CD  1 
ATOM   142  O  OE1 A GLU A 1 54  ? 14.859  3.711   3.573   0.50 11.79 ? 31  GLU A OE1 1 
ATOM   143  O  OE1 B GLU A 1 54  ? 16.006  5.349   1.997   0.50 16.25 ? 31  GLU A OE1 1 
ATOM   144  O  OE2 A GLU A 1 54  ? 14.446  1.940   4.806   0.50 8.22  ? 31  GLU A OE2 1 
ATOM   145  O  OE2 B GLU A 1 54  ? 16.523  4.775   -0.225  0.50 21.12 ? 31  GLU A OE2 1 
ATOM   146  N  N   . THR A 1 55  ? 16.239  -0.770  0.540   1.00 15.46 ? 32  THR A N   1 
ATOM   147  C  CA  . THR A 1 55  ? 16.554  -2.193  0.693   1.00 16.69 ? 32  THR A CA  1 
ATOM   148  C  C   . THR A 1 55  ? 17.229  -2.423  2.042   1.00 14.87 ? 32  THR A C   1 
ATOM   149  O  O   . THR A 1 55  ? 17.784  -3.510  2.289   1.00 17.93 ? 32  THR A O   1 
ATOM   150  C  CB  . THR A 1 55  ? 17.447  -2.683  -0.455  1.00 17.81 ? 32  THR A CB  1 
ATOM   151  O  OG1 . THR A 1 55  ? 18.687  -1.926  -0.451  1.00 18.56 ? 32  THR A OG1 1 
ATOM   152  C  CG2 . THR A 1 55  ? 16.784  -2.578  -1.795  1.00 18.51 ? 32  THR A CG2 1 
ATOM   153  N  N   . LEU A 1 56  ? 17.226  -1.440  2.923   1.00 14.60 ? 33  LEU A N   1 
ATOM   154  C  CA  . LEU A 1 56  ? 17.979  -1.499  4.182   1.00 16.01 ? 33  LEU A CA  1 
ATOM   155  C  C   . LEU A 1 56  ? 17.578  -2.670  5.045   1.00 16.09 ? 33  LEU A C   1 
ATOM   156  O  O   . LEU A 1 56  ? 18.444  -3.449  5.537   1.00 18.28 ? 33  LEU A O   1 
ATOM   157  C  CB  . LEU A 1 56  ? 17.806  -0.149  4.941   1.00 18.32 ? 33  LEU A CB  1 
ATOM   158  C  CG  . LEU A 1 56  ? 18.473  -0.036  6.305   1.00 22.48 ? 33  LEU A CG  1 
ATOM   159  C  CD1 . LEU A 1 56  ? 19.979  -0.261  6.192   1.00 25.58 ? 33  LEU A CD1 1 
ATOM   160  C  CD2 . LEU A 1 56  ? 18.159  1.280   6.990   1.00 24.28 ? 33  LEU A CD2 1 
ATOM   161  N  N   . TYR A 1 57  ? 16.289  -2.884  5.233   1.00 13.87 ? 34  TYR A N   1 
ATOM   162  C  CA  . TYR A 1 57  ? 15.766  -3.939  6.135   1.00 13.91 ? 34  TYR A CA  1 
ATOM   163  C  C   . TYR A 1 57  ? 15.427  -5.157  5.309   1.00 13.96 ? 34  TYR A C   1 
ATOM   164  O  O   . TYR A 1 57  ? 14.776  -5.073  4.283   1.00 14.29 ? 34  TYR A O   1 
ATOM   165  C  CB  . TYR A 1 57  ? 14.556  -3.447  6.914   1.00 14.50 ? 34  TYR A CB  1 
ATOM   166  C  CG  . TYR A 1 57  ? 14.905  -2.309  7.804   1.00 15.30 ? 34  TYR A CG  1 
ATOM   167  C  CD1 . TYR A 1 57  ? 15.734  -2.487  8.876   1.00 16.81 ? 34  TYR A CD1 1 
ATOM   168  C  CD2 . TYR A 1 57  ? 14.479  -1.039  7.479   1.00 17.54 ? 34  TYR A CD2 1 
ATOM   169  C  CE1 . TYR A 1 57  ? 16.136  -1.385  9.645   1.00 18.74 ? 34  TYR A CE1 1 
ATOM   170  C  CE2 . TYR A 1 57  ? 14.819  0.044   8.235   1.00 18.70 ? 34  TYR A CE2 1 
ATOM   171  C  CZ  . TYR A 1 57  ? 15.662  -0.116  9.255   1.00 19.12 ? 34  TYR A CZ  1 
ATOM   172  O  OH  . TYR A 1 57  ? 16.004  1.000   9.982   1.00 24.53 ? 34  TYR A OH  1 
ATOM   173  N  N   . PRO A 1 58  ? 15.909  -6.334  5.708   1.00 13.17 ? 35  PRO A N   1 
ATOM   174  C  CA  . PRO A 1 58  ? 15.695  -7.509  4.928   1.00 12.69 ? 35  PRO A CA  1 
ATOM   175  C  C   . PRO A 1 58  ? 14.296  -8.124  5.069   1.00 12.08 ? 35  PRO A C   1 
ATOM   176  O  O   . PRO A 1 58  ? 13.567  -7.758  5.989   1.00 12.74 ? 35  PRO A O   1 
ATOM   177  C  CB  . PRO A 1 58  ? 16.736  -8.506  5.545   1.00 13.68 ? 35  PRO A CB  1 
ATOM   178  C  CG  . PRO A 1 58  ? 16.811  -8.063  6.953   1.00 14.92 ? 35  PRO A CG  1 
ATOM   179  C  CD  . PRO A 1 58  ? 16.737  -6.564  6.893   1.00 14.04 ? 35  PRO A CD  1 
ATOM   180  N  N   . GLY A 1 59  ? 13.963  -8.968  4.105   1.00 11.74 ? 36  GLY A N   1 
ATOM   181  C  CA  . GLY A 1 59  ? 12.698  -9.703  4.157   1.00 12.86 ? 36  GLY A CA  1 
ATOM   182  C  C   . GLY A 1 59  ? 11.637  -9.302  3.196   1.00 13.19 ? 36  GLY A C   1 
ATOM   183  O  O   . GLY A 1 59  ? 10.608  -9.960  3.140   1.00 14.50 ? 36  GLY A O   1 
ATOM   184  N  N   . TYR A 1 60  ? 11.908  -8.245  2.439   1.00 12.72 ? 37  TYR A N   1 
ATOM   185  C  CA  . TYR A 1 60  ? 10.983  -7.779  1.430   1.00 12.68 ? 37  TYR A CA  1 
ATOM   186  C  C   . TYR A 1 60  ? 10.901  -8.773  0.269   1.00 13.88 ? 37  TYR A C   1 
ATOM   187  O  O   . TYR A 1 60  ? 11.866  -9.526  -0.071  1.00 14.20 ? 37  TYR A O   1 
ATOM   188  C  CB  . TYR A 1 60  ? 11.430  -6.374  0.914   1.00 12.62 ? 37  TYR A CB  1 
ATOM   189  C  CG  . TYR A 1 60  ? 12.852  -6.340  0.501   1.00 12.84 ? 37  TYR A CG  1 
ATOM   190  C  CD1 . TYR A 1 60  ? 13.214  -6.719  -0.776  1.00 14.04 ? 37  TYR A CD1 1 
ATOM   191  C  CD2 . TYR A 1 60  ? 13.820  -5.856  1.343   1.00 13.59 ? 37  TYR A CD2 1 
ATOM   192  C  CE1 . TYR A 1 60  ? 14.544  -6.690  -1.190  1.00 14.12 ? 37  TYR A CE1 1 
ATOM   193  C  CE2 . TYR A 1 60  ? 15.162  -5.852  0.956   1.00 14.29 ? 37  TYR A CE2 1 
ATOM   194  C  CZ  . TYR A 1 60  ? 15.483  -6.276  -0.312  1.00 13.95 ? 37  TYR A CZ  1 
ATOM   195  O  OH  . TYR A 1 60  ? 16.819  -6.250  -0.776  1.00 17.89 ? 37  TYR A OH  1 
ATOM   196  N  N   . THR A 1 61  ? 9.813   -8.736  -0.468  1.00 12.74 ? 38  THR A N   1 
ATOM   197  C  CA  . THR A 1 61  ? 9.658   -9.410  -1.738  1.00 13.19 ? 38  THR A CA  1 
ATOM   198  C  C   . THR A 1 61  ? 10.126  -8.472  -2.859  1.00 14.31 ? 38  THR A C   1 
ATOM   199  O  O   . THR A 1 61  ? 10.120  -7.245  -2.748  1.00 13.23 ? 38  THR A O   1 
ATOM   200  C  CB  . THR A 1 61  ? 8.221   -9.845  -1.998  1.00 13.66 ? 38  THR A CB  1 
ATOM   201  O  OG1 . THR A 1 61  ? 7.380   -8.699  -2.212  1.00 15.64 ? 38  THR A OG1 1 
ATOM   202  C  CG2 . THR A 1 61  ? 7.648   -10.657 -0.871  1.00 15.12 ? 38  THR A CG2 1 
ATOM   203  N  N   . GLY A 1 62  ? 10.499  -9.066  -3.987  1.00 16.03 ? 39  GLY A N   1 
ATOM   204  C  CA  . GLY A 1 62  ? 10.937  -8.271  -5.102  1.00 15.94 ? 39  GLY A CA  1 
ATOM   205  C  C   . GLY A 1 62  ? 12.282  -7.614  -4.892  1.00 17.07 ? 39  GLY A C   1 
ATOM   206  O  O   . GLY A 1 62  ? 13.115  -8.146  -4.182  1.00 18.64 ? 39  GLY A O   1 
ATOM   207  N  N   . SER A 1 63  ? 12.485  -6.442  -5.445  1.00 15.46 ? 40  SER A N   1 
ATOM   208  C  CA  . SER A 1 63  ? 13.736  -5.744  -5.389  1.00 15.49 ? 40  SER A CA  1 
ATOM   209  C  C   . SER A 1 63  ? 13.893  -4.775  -4.236  1.00 16.28 ? 40  SER A C   1 
ATOM   210  O  O   . SER A 1 63  ? 14.971  -4.184  -4.074  1.00 16.98 ? 40  SER A O   1 
ATOM   211  C  CB  . SER A 1 63  ? 13.969  -5.047  -6.727  1.00 17.05 ? 40  SER A CB  1 
ATOM   212  O  OG  . SER A 1 63  ? 12.946  -4.097  -6.962  1.00 20.02 ? 40  SER A OG  1 
ATOM   213  N  N   . GLY A 1 64  ? 12.840  -4.583  -3.436  1.00 13.91 ? 41  GLY A N   1 
ATOM   214  C  CA  . GLY A 1 64  ? 12.967  -3.703  -2.251  1.00 13.55 ? 41  GLY A CA  1 
ATOM   215  C  C   . GLY A 1 64  ? 11.621  -3.402  -1.685  1.00 11.39 ? 41  GLY A C   1 
ATOM   216  O  O   . GLY A 1 64  ? 10.714  -4.221  -1.767  1.00 12.09 ? 41  GLY A O   1 
ATOM   217  N  N   . TYR A 1 65  ? 11.489  -2.258  -1.038  1.00 11.52 ? 42  TYR A N   1 
ATOM   218  C  CA  . TYR A 1 65  ? 10.234  -1.753  -0.522  1.00 11.80 ? 42  TYR A CA  1 
ATOM   219  C  C   . TYR A 1 65  ? 10.242  -0.262  -0.641  1.00 12.42 ? 42  TYR A C   1 
ATOM   220  O  O   . TYR A 1 65  ? 11.254  0.364   -0.997  1.00 12.19 ? 42  TYR A O   1 
ATOM   221  C  CB  . TYR A 1 65  ? 10.077  -2.215  0.940   1.00 11.32 ? 42  TYR A CB  1 
ATOM   222  C  CG  . TYR A 1 65  ? 11.173  -1.785  1.839   1.00 11.13 ? 42  TYR A CG  1 
ATOM   223  C  CD1 . TYR A 1 65  ? 11.170  -0.550  2.469   1.00 12.14 ? 42  TYR A CD1 1 
ATOM   224  C  CD2 . TYR A 1 65  ? 12.261  -2.636  2.079   1.00 11.86 ? 42  TYR A CD2 1 
ATOM   225  C  CE1 . TYR A 1 65  ? 12.204  -0.148  3.314   1.00 13.43 ? 42  TYR A CE1 1 
ATOM   226  C  CE2 . TYR A 1 65  ? 13.316  -2.243  2.893   1.00 13.07 ? 42  TYR A CE2 1 
ATOM   227  C  CZ  . TYR A 1 65  ? 13.288  -1.024  3.496   1.00 13.78 ? 42  TYR A CZ  1 
ATOM   228  O  OH  . TYR A 1 65  ? 14.337  -0.671  4.330   1.00 15.12 ? 42  TYR A OH  1 
ATOM   229  N  N   . VAL A 1 66  ? 9.114   0.356   -0.366  1.00 11.61 ? 43  VAL A N   1 
ATOM   230  C  CA  . VAL A 1 66  ? 9.008   1.783   -0.402  1.00 12.22 ? 43  VAL A CA  1 
ATOM   231  C  C   . VAL A 1 66  ? 8.959   2.408   0.994   1.00 11.76 ? 43  VAL A C   1 
ATOM   232  O  O   . VAL A 1 66  ? 8.190   1.941   1.863   1.00 11.53 ? 43  VAL A O   1 
ATOM   233  C  CB  . VAL A 1 66  ? 7.789   2.254   -1.233  1.00 12.51 ? 43  VAL A CB  1 
ATOM   234  C  CG1 . VAL A 1 66  ? 7.571   3.757   -1.128  1.00 12.72 ? 43  VAL A CG1 1 
ATOM   235  C  CG2 . VAL A 1 66  ? 7.914   1.752   -2.656  1.00 12.53 ? 43  VAL A CG2 1 
ATOM   236  N  N   . ASN A 1 67  ? 9.785   3.416   1.182   1.00 10.87 ? 44  ASN A N   1 
ATOM   237  C  CA  . ASN A 1 67  ? 9.856   4.221   2.334   1.00 11.44 ? 44  ASN A CA  1 
ATOM   238  C  C   . ASN A 1 67  ? 9.174   5.543   2.073   1.00 11.10 ? 44  ASN A C   1 
ATOM   239  O  O   . ASN A 1 67  ? 9.681   6.322   1.244   1.00 11.88 ? 44  ASN A O   1 
ATOM   240  C  CB  . ASN A 1 67  ? 11.331  4.386   2.737   1.00 11.96 ? 44  ASN A CB  1 
ATOM   241  C  CG  . ASN A 1 67  ? 11.513  5.248   3.926   1.00 12.19 ? 44  ASN A CG  1 
ATOM   242  O  OD1 . ASN A 1 67  ? 10.579  5.811   4.417   1.00 12.19 ? 44  ASN A OD1 1 
ATOM   243  N  ND2 . ASN A 1 67  ? 12.735  5.399   4.375   1.00 13.82 ? 44  ASN A ND2 1 
ATOM   244  N  N   . PHE A 1 68  ? 8.048   5.827   2.730   1.00 11.17 ? 45  PHE A N   1 
ATOM   245  C  CA  . PHE A 1 68  ? 7.393   7.157   2.659   1.00 11.16 ? 45  PHE A CA  1 
ATOM   246  C  C   . PHE A 1 68  ? 8.261   8.182   3.386   1.00 11.62 ? 45  PHE A C   1 
ATOM   247  O  O   . PHE A 1 68  ? 8.721   7.896   4.482   1.00 12.58 ? 45  PHE A O   1 
ATOM   248  C  CB  . PHE A 1 68  ? 6.037   7.155   3.318   1.00 11.29 ? 45  PHE A CB  1 
ATOM   249  C  CG  . PHE A 1 68  ? 5.011   6.251   2.695   1.00 11.57 ? 45  PHE A CG  1 
ATOM   250  C  CD1 . PHE A 1 68  ? 4.129   6.734   1.710   1.00 11.26 ? 45  PHE A CD1 1 
ATOM   251  C  CD2 . PHE A 1 68  ? 4.819   4.972   3.169   1.00 11.98 ? 45  PHE A CD2 1 
ATOM   252  C  CE1 . PHE A 1 68  ? 3.130   5.884   1.181   1.00 12.09 ? 45  PHE A CE1 1 
ATOM   253  C  CE2 . PHE A 1 68  ? 3.818   4.181   2.670   1.00 12.56 ? 45  PHE A CE2 1 
ATOM   254  C  CZ  . PHE A 1 68  ? 2.975   4.633   1.704   1.00 11.75 ? 45  PHE A CZ  1 
ATOM   255  N  N   . ASN A 1 69  ? 8.563   9.326   2.751   1.00 11.85 ? 46  ASN A N   1 
ATOM   256  C  CA  . ASN A 1 69  ? 9.399   10.303  3.456   1.00 13.31 ? 46  ASN A CA  1 
ATOM   257  C  C   . ASN A 1 69  ? 8.705   11.430  4.133   1.00 12.79 ? 46  ASN A C   1 
ATOM   258  O  O   . ASN A 1 69  ? 9.192   11.950  5.157   1.00 14.55 ? 46  ASN A O   1 
ATOM   259  C  CB  . ASN A 1 69  ? 10.433  10.870  2.556   1.00 16.94 ? 46  ASN A CB  1 
ATOM   260  C  CG  . ASN A 1 69  ? 11.503  9.834   2.216   1.00 21.04 ? 46  ASN A CG  1 
ATOM   261  O  OD1 . ASN A 1 69  ? 12.070  9.065   3.087   1.00 24.72 ? 46  ASN A OD1 1 
ATOM   262  N  ND2 . ASN A 1 69  ? 11.648  9.682   0.956   1.00 20.78 ? 46  ASN A ND2 1 
ATOM   263  N  N   . ALA A 1 70  ? 7.547   11.804  3.656   1.00 11.42 ? 47  ALA A N   1 
ATOM   264  C  CA  . ALA A 1 70  ? 6.836   13.001  4.198   1.00 11.00 ? 47  ALA A CA  1 
ATOM   265  C  C   . ALA A 1 70  ? 5.705   12.561  5.110   1.00 10.68 ? 47  ALA A C   1 
ATOM   266  O  O   . ALA A 1 70  ? 4.942   11.596  4.818   1.00 11.68 ? 47  ALA A O   1 
ATOM   267  C  CB  . ALA A 1 70  ? 6.323   13.945  3.143   1.00 11.43 ? 47  ALA A CB  1 
ATOM   268  N  N   . TYR A 1 71  ? 5.492   13.292  6.200   1.00 10.79 ? 48  TYR A N   1 
ATOM   269  C  CA  . TYR A 1 71  ? 4.391   12.950  7.126   1.00 10.85 ? 48  TYR A CA  1 
ATOM   270  C  C   . TYR A 1 71  ? 3.055   13.093  6.483   1.00 10.81 ? 48  TYR A C   1 
ATOM   271  O  O   . TYR A 1 71  ? 2.162   12.310  6.881   1.00 11.25 ? 48  TYR A O   1 
ATOM   272  C  CB  . TYR A 1 71  ? 4.499   13.789  8.439   1.00 11.12 ? 48  TYR A CB  1 
ATOM   273  C  CG  . TYR A 1 71  ? 5.390   13.123  9.463   1.00 11.59 ? 48  TYR A CG  1 
ATOM   274  C  CD1 . TYR A 1 71  ? 6.760   13.091  9.291   1.00 13.27 ? 48  TYR A CD1 1 
ATOM   275  C  CD2 . TYR A 1 71  ? 4.843   12.449  10.508  1.00 11.66 ? 48  TYR A CD2 1 
ATOM   276  C  CE1 . TYR A 1 71  ? 7.555   12.405  10.211  1.00 14.04 ? 48  TYR A CE1 1 
ATOM   277  C  CE2 . TYR A 1 71  ? 5.622   11.826  11.461  1.00 13.32 ? 48  TYR A CE2 1 
ATOM   278  C  CZ  . TYR A 1 71  ? 6.978   11.795  11.254  1.00 14.26 ? 48  TYR A CZ  1 
ATOM   279  O  OH  . TYR A 1 71  ? 7.779   11.128  12.173  1.00 19.06 ? 48  TYR A OH  1 
ATOM   280  N  N   A THR A 1 72  ? 2.895   14.032  5.554   0.50 11.69 ? 49  THR A N   1 
ATOM   281  N  N   B THR A 1 72  ? 2.896   14.022  5.553   0.50 10.98 ? 49  THR A N   1 
ATOM   282  C  CA  A THR A 1 72  ? 1.690   14.177  4.755   0.50 12.42 ? 49  THR A CA  1 
ATOM   283  C  CA  B THR A 1 72  ? 1.686   14.092  4.785   0.50 11.08 ? 49  THR A CA  1 
ATOM   284  C  C   A THR A 1 72  ? 2.036   14.246  3.301   0.50 11.91 ? 49  THR A C   1 
ATOM   285  C  C   B THR A 1 72  ? 1.967   14.322  3.306   0.50 11.06 ? 49  THR A C   1 
ATOM   286  O  O   A THR A 1 72  ? 3.120   14.720  2.937   0.50 12.32 ? 49  THR A O   1 
ATOM   287  O  O   B THR A 1 72  ? 2.922   15.000  2.914   0.50 11.82 ? 49  THR A O   1 
ATOM   288  C  CB  A THR A 1 72  ? 0.996   15.504  5.104   0.50 13.53 ? 49  THR A CB  1 
ATOM   289  C  CB  B THR A 1 72  ? 0.761   15.179  5.369   0.50 11.14 ? 49  THR A CB  1 
ATOM   290  O  OG1 A THR A 1 72  ? 0.567   15.436  6.455   0.50 15.97 ? 49  THR A OG1 1 
ATOM   291  O  OG1 B THR A 1 72  ? -0.550  15.028  4.805   0.50 11.37 ? 49  THR A OG1 1 
ATOM   292  C  CG2 A THR A 1 72  ? -0.179  15.804  4.188   0.50 14.10 ? 49  THR A CG2 1 
ATOM   293  C  CG2 B THR A 1 72  ? 1.337   16.588  5.113   0.50 11.43 ? 49  THR A CG2 1 
ATOM   294  N  N   . ASN A 1 73  ? 1.150   13.694  2.457   1.00 11.77 ? 50  ASN A N   1 
ATOM   295  C  CA  . ASN A 1 73  ? 1.238   13.792  1.036   1.00 12.83 ? 50  ASN A CA  1 
ATOM   296  C  C   . ASN A 1 73  ? 2.325   13.016  0.312   1.00 12.28 ? 50  ASN A C   1 
ATOM   297  O  O   . ASN A 1 73  ? 2.594   13.261  -0.882  1.00 15.80 ? 50  ASN A O   1 
ATOM   298  C  CB  . ASN A 1 73  ? 1.161   15.260  0.544   1.00 14.43 ? 50  ASN A CB  1 
ATOM   299  C  CG  . ASN A 1 73  ? -0.209  15.846  0.747   1.00 19.70 ? 50  ASN A CG  1 
ATOM   300  O  OD1 . ASN A 1 73  ? -1.232  15.126  0.737   1.00 21.55 ? 50  ASN A OD1 1 
ATOM   301  N  ND2 . ASN A 1 73  ? -0.233  17.130  1.051   1.00 25.19 ? 50  ASN A ND2 1 
ATOM   302  N  N   A SER A 1 74  ? 2.907   12.072  1.022   0.50 11.35 ? 51  SER A N   1 
ATOM   303  N  N   B SER A 1 74  ? 2.950   12.063  0.996   0.50 11.45 ? 51  SER A N   1 
ATOM   304  C  CA  A SER A 1 74  ? 3.745   11.087  0.428   0.50 11.63 ? 51  SER A CA  1 
ATOM   305  C  CA  B SER A 1 74  ? 3.774   11.077  0.314   0.50 11.72 ? 51  SER A CA  1 
ATOM   306  C  C   A SER A 1 74  ? 2.803   10.043  -0.181  0.50 11.26 ? 51  SER A C   1 
ATOM   307  C  C   B SER A 1 74  ? 2.865   9.958   -0.147  0.50 11.42 ? 51  SER A C   1 
ATOM   308  O  O   A SER A 1 74  ? 1.721   9.817   0.385   0.50 11.03 ? 51  SER A O   1 
ATOM   309  O  O   B SER A 1 74  ? 1.953   9.522   0.575   0.50 11.89 ? 51  SER A O   1 
ATOM   310  C  CB  A SER A 1 74  ? 4.559   10.483  1.543   0.50 11.10 ? 51  SER A CB  1 
ATOM   311  C  CB  B SER A 1 74  ? 4.774   10.448  1.264   0.50 11.47 ? 51  SER A CB  1 
ATOM   312  O  OG  A SER A 1 74  ? 5.516   9.640   0.964   0.50 12.10 ? 51  SER A OG  1 
ATOM   313  O  OG  B SER A 1 74  ? 5.901   11.272  1.528   0.50 11.73 ? 51  SER A OG  1 
ATOM   314  N  N   . ALA A 1 75  ? 3.144   9.426   -1.304  1.00 11.11 ? 52  ALA A N   1 
ATOM   315  C  CA  . ALA A 1 75  ? 2.195   8.510   -1.974  1.00 11.55 ? 52  ALA A CA  1 
ATOM   316  C  C   . ALA A 1 75  ? 2.871   7.412   -2.745  1.00 11.00 ? 52  ALA A C   1 
ATOM   317  O  O   . ALA A 1 75  ? 3.976   7.571   -3.300  1.00 11.50 ? 52  ALA A O   1 
ATOM   318  C  CB  . ALA A 1 75  ? 1.298   9.285   -2.921  1.00 11.61 ? 52  ALA A CB  1 
ATOM   319  N  N   . ILE A 1 76  ? 2.173   6.289   -2.887  1.00 10.14 ? 53  ILE A N   1 
ATOM   320  C  CA  . ILE A 1 76  ? 2.461   5.202   -3.807  1.00 10.48 ? 53  ILE A CA  1 
ATOM   321  C  C   . ILE A 1 76  ? 1.214   5.030   -4.637  1.00 11.28 ? 53  ILE A C   1 
ATOM   322  O  O   . ILE A 1 76  ? 0.108   4.859   -4.095  1.00 10.95 ? 53  ILE A O   1 
ATOM   323  C  CB  . ILE A 1 76  ? 2.798   3.904   -3.097  1.00 10.86 ? 53  ILE A CB  1 
ATOM   324  C  CG1 . ILE A 1 76  ? 3.937   4.069   -2.119  1.00 11.49 ? 53  ILE A CG1 1 
ATOM   325  C  CG2 . ILE A 1 76  ? 3.100   2.823   -4.132  1.00 11.26 ? 53  ILE A CG2 1 
ATOM   326  C  CD1 . ILE A 1 76  ? 4.141   2.872   -1.203  1.00 11.45 ? 53  ILE A CD1 1 
ATOM   327  N  N   . GLU A 1 77  ? 1.363   5.092   -5.952  1.00 12.12 ? 54  GLU A N   1 
ATOM   328  C  CA  . GLU A 1 77  ? 0.249   4.833   -6.877  1.00 12.58 ? 54  GLU A CA  1 
ATOM   329  C  C   . GLU A 1 77  ? 0.549   3.673   -7.777  1.00 12.42 ? 54  GLU A C   1 
ATOM   330  O  O   . GLU A 1 77  ? 1.553   3.659   -8.486  1.00 12.97 ? 54  GLU A O   1 
ATOM   331  C  CB  . GLU A 1 77  ? -0.072  6.086   -7.731  1.00 14.19 ? 54  GLU A CB  1 
ATOM   332  C  CG  . GLU A 1 77  ? -1.274  5.855   -8.646  1.00 17.61 ? 54  GLU A CG  1 
ATOM   333  C  CD  . GLU A 1 77  ? -1.931  7.122   -9.220  1.00 24.78 ? 54  GLU A CD  1 
ATOM   334  O  OE1 . GLU A 1 77  ? -1.991  8.164   -8.542  1.00 29.49 ? 54  GLU A OE1 1 
ATOM   335  O  OE2 . GLU A 1 77  ? -2.592  7.021   -10.265 1.00 26.42 ? 54  GLU A OE2 1 
ATOM   336  N  N   . TRP A 1 78  ? -0.300  2.666   -7.695  1.00 11.77 ? 55  TRP A N   1 
ATOM   337  C  CA  . TRP A 1 78  ? -0.319  1.538   -8.636  1.00 11.92 ? 55  TRP A CA  1 
ATOM   338  C  C   . TRP A 1 78  ? -1.222  1.892   -9.824  1.00 14.21 ? 55  TRP A C   1 
ATOM   339  O  O   . TRP A 1 78  ? -2.348  2.227   -9.626  1.00 14.76 ? 55  TRP A O   1 
ATOM   340  C  CB  . TRP A 1 78  ? -0.808  0.282   -7.966  1.00 11.75 ? 55  TRP A CB  1 
ATOM   341  C  CG  . TRP A 1 78  ? 0.140   -0.361  -6.972  1.00 11.80 ? 55  TRP A CG  1 
ATOM   342  C  CD1 . TRP A 1 78  ? 1.083   -1.314  -7.244  1.00 12.12 ? 55  TRP A CD1 1 
ATOM   343  C  CD2 . TRP A 1 78  ? 0.268   -0.054  -5.609  1.00 12.43 ? 55  TRP A CD2 1 
ATOM   344  N  NE1 . TRP A 1 78  ? 1.723   -1.677  -6.129  1.00 12.54 ? 55  TRP A NE1 1 
ATOM   345  C  CE2 . TRP A 1 78  ? 1.288   -0.889  -5.091  1.00 12.00 ? 55  TRP A CE2 1 
ATOM   346  C  CE3 . TRP A 1 78  ? -0.414  0.801   -4.736  1.00 11.70 ? 55  TRP A CE3 1 
ATOM   347  C  CZ2 . TRP A 1 78  ? 1.602   -0.917  -3.763  1.00 12.68 ? 55  TRP A CZ2 1 
ATOM   348  C  CZ3 . TRP A 1 78  ? -0.037  0.812   -3.402  1.00 12.54 ? 55  TRP A CZ3 1 
ATOM   349  C  CH2 . TRP A 1 78  ? 0.958   -0.059  -2.941  1.00 13.30 ? 55  TRP A CH2 1 
ATOM   350  N  N   A ASN A 1 79  ? -0.664  1.683   -11.017 0.50 17.40 ? 56  ASN A N   1 
ATOM   351  N  N   B ASN A 1 79  ? -0.735  1.886   -11.082 0.50 17.63 ? 56  ASN A N   1 
ATOM   352  C  CA  A ASN A 1 79  ? -1.278  2.196   -12.197 0.50 18.20 ? 56  ASN A CA  1 
ATOM   353  C  CA  B ASN A 1 79  ? -1.666  2.230   -12.183 0.50 18.53 ? 56  ASN A CA  1 
ATOM   354  C  C   A ASN A 1 79  ? -1.921  1.110   -13.019 0.50 17.19 ? 56  ASN A C   1 
ATOM   355  C  C   B ASN A 1 79  ? -1.986  1.055   -13.079 0.50 17.56 ? 56  ASN A C   1 
ATOM   356  O  O   A ASN A 1 79  ? -2.662  1.455   -13.961 0.50 18.64 ? 56  ASN A O   1 
ATOM   357  O  O   B ASN A 1 79  ? -2.576  1.238   -14.156 0.50 19.50 ? 56  ASN A O   1 
ATOM   358  C  CB  A ASN A 1 79  ? -0.249  2.906   -13.067 0.50 20.34 ? 56  ASN A CB  1 
ATOM   359  C  CB  B ASN A 1 79  ? -1.222  3.422   -13.066 0.50 18.35 ? 56  ASN A CB  1 
ATOM   360  C  CG  A ASN A 1 79  ? 0.885   2.042   -13.368 0.50 21.44 ? 56  ASN A CG  1 
ATOM   361  C  CG  B ASN A 1 79  ? -1.000  4.703   -12.292 0.50 22.39 ? 56  ASN A CG  1 
ATOM   362  O  OD1 A ASN A 1 79  ? 0.998   1.497   -14.446 0.50 30.07 ? 56  ASN A OD1 1 
ATOM   363  O  OD1 B ASN A 1 79  ? -1.911  5.520   -12.167 0.50 26.40 ? 56  ASN A OD1 1 
ATOM   364  N  ND2 A ASN A 1 79  ? 1.756   1.866   -12.378 0.50 23.61 ? 56  ASN A ND2 1 
ATOM   365  N  ND2 B ASN A 1 79  ? 0.225   4.899   -11.807 0.50 20.96 ? 56  ASN A ND2 1 
ATOM   366  N  N   . ALA A 1 80  ? -1.721  -0.155  -12.628 1.00 16.07 ? 57  ALA A N   1 
ATOM   367  C  CA  . ALA A 1 80  ? -2.074  -1.339  -13.440 1.00 16.79 ? 57  ALA A CA  1 
ATOM   368  C  C   . ALA A 1 80  ? -2.551  -2.529  -12.605 1.00 15.26 ? 57  ALA A C   1 
ATOM   369  O  O   . ALA A 1 80  ? -2.170  -3.647  -12.854 1.00 18.55 ? 57  ALA A O   1 
ATOM   370  C  CB  . ALA A 1 80  ? -0.906  -1.770  -14.273 1.00 19.48 ? 57  ALA A CB  1 
ATOM   371  N  N   . ILE A 1 81  ? -3.555  -2.281  -11.776 1.00 14.33 ? 58  ILE A N   1 
ATOM   372  C  CA  . ILE A 1 81  ? -4.181  -3.395  -11.011 1.00 13.62 ? 58  ILE A CA  1 
ATOM   373  C  C   . ILE A 1 81  ? -5.245  -4.016  -11.933 1.00 13.00 ? 58  ILE A C   1 
ATOM   374  O  O   . ILE A 1 81  ? -6.185  -3.277  -12.318 1.00 14.71 ? 58  ILE A O   1 
ATOM   375  C  CB  . ILE A 1 81  ? -4.765  -2.895  -9.727  1.00 14.90 ? 58  ILE A CB  1 
ATOM   376  C  CG1 . ILE A 1 81  ? -3.619  -2.501  -8.776  1.00 17.92 ? 58  ILE A CG1 1 
ATOM   377  C  CG2 . ILE A 1 81  ? -5.598  -3.979  -9.045  1.00 14.31 ? 58  ILE A CG2 1 
ATOM   378  C  CD1 . ILE A 1 81  ? -4.106  -1.715  -7.666  1.00 20.70 ? 58  ILE A CD1 1 
ATOM   379  N  N   . ASN A 1 82  ? -5.039  -5.249  -12.317 1.00 12.48 ? 59  ASN A N   1 
ATOM   380  C  CA  . ASN A 1 82  ? -5.771  -5.844  -13.420 1.00 13.43 ? 59  ASN A CA  1 
ATOM   381  C  C   . ASN A 1 82  ? -6.639  -7.002  -12.908 1.00 12.66 ? 59  ASN A C   1 
ATOM   382  O  O   . ASN A 1 82  ? -6.119  -7.995  -12.447 1.00 13.74 ? 59  ASN A O   1 
ATOM   383  C  CB  . ASN A 1 82  ? -4.785  -6.248  -14.486 1.00 15.16 ? 59  ASN A CB  1 
ATOM   384  C  CG  . ASN A 1 82  ? -5.482  -6.551  -15.772 1.00 17.46 ? 59  ASN A CG  1 
ATOM   385  O  OD1 . ASN A 1 82  ? -6.639  -6.972  -15.777 1.00 17.18 ? 59  ASN A OD1 1 
ATOM   386  N  ND2 . ASN A 1 82  ? -4.815  -6.261  -16.869 1.00 17.02 ? 59  ASN A ND2 1 
ATOM   387  N  N   . ASN A 1 83  ? -7.944  -6.795  -12.922 1.00 13.04 ? 60  ASN A N   1 
ATOM   388  C  CA  . ASN A 1 83  ? -8.907  -7.707  -12.337 1.00 12.01 ? 60  ASN A CA  1 
ATOM   389  C  C   . ASN A 1 83  ? -9.756  -8.423  -13.443 1.00 12.50 ? 60  ASN A C   1 
ATOM   390  O  O   . ASN A 1 83  ? -10.065 -7.767  -14.454 1.00 12.86 ? 60  ASN A O   1 
ATOM   391  C  CB  . ASN A 1 83  ? -9.828  -6.958  -11.408 1.00 12.52 ? 60  ASN A CB  1 
ATOM   392  C  CG  . ASN A 1 83  ? -9.108  -6.288  -10.264 1.00 13.07 ? 60  ASN A CG  1 
ATOM   393  O  OD1 . ASN A 1 83  ? -8.151  -6.844  -9.740  1.00 13.25 ? 60  ASN A OD1 1 
ATOM   394  N  ND2 . ASN A 1 83  ? -9.605  -5.148  -9.825  1.00 12.69 ? 60  ASN A ND2 1 
ATOM   395  N  N   . MET A 1 84  ? -10.207 -9.618  -13.159 1.00 13.30 ? 61  MET A N   1 
ATOM   396  C  CA  . MET A 1 84  ? -11.112 -10.339 -14.113 1.00 14.75 ? 61  MET A CA  1 
ATOM   397  C  C   . MET A 1 84  ? -12.534 -9.902  -13.947 1.00 15.34 ? 61  MET A C   1 
ATOM   398  O  O   . MET A 1 84  ? -13.329 -10.014 -14.889 1.00 13.42 ? 61  MET A O   1 
ATOM   399  C  CB  . MET A 1 84  ? -11.065 -11.782 -13.841 1.00 18.17 ? 61  MET A CB  1 
ATOM   400  C  CG  . MET A 1 84  ? -9.734  -12.368 -13.984 1.00 24.47 ? 61  MET A CG  1 
ATOM   401  S  SD  . MET A 1 84  ? -9.302  -12.696 -15.680 1.00 33.85 ? 61  MET A SD  1 
ATOM   402  C  CE  . MET A 1 84  ? -10.782 -13.303 -16.247 1.00 17.02 ? 61  MET A CE  1 
ATOM   403  N  N   . THR A 1 85  ? -12.886 -9.332  -12.787 1.00 14.15 ? 62  THR A N   1 
ATOM   404  C  CA  . THR A 1 85  ? -14.295 -9.055  -12.415 1.00 14.58 ? 62  THR A CA  1 
ATOM   405  C  C   . THR A 1 85  ? -14.444 -7.778  -11.641 1.00 13.81 ? 62  THR A C   1 
ATOM   406  O  O   . THR A 1 85  ? -13.476 -7.295  -11.023 1.00 13.39 ? 62  THR A O   1 
ATOM   407  C  CB  . THR A 1 85  ? -14.923 -10.181 -11.542 1.00 16.29 ? 62  THR A CB  1 
ATOM   408  O  OG1 . THR A 1 85  ? -14.204 -10.259 -10.284 1.00 17.22 ? 62  THR A OG1 1 
ATOM   409  C  CG2 . THR A 1 85  ? -14.861 -11.569 -12.239 1.00 17.86 ? 62  THR A CG2 1 
ATOM   410  N  N   . THR A 1 86  ? -15.661 -7.232  -11.615 1.00 14.03 ? 63  THR A N   1 
ATOM   411  C  CA  . THR A 1 86  ? -15.997 -6.066  -10.833 1.00 13.44 ? 63  THR A CA  1 
ATOM   412  C  C   . THR A 1 86  ? -16.578 -6.588  -9.541  1.00 14.70 ? 63  THR A C   1 
ATOM   413  O  O   . THR A 1 86  ? -17.466 -7.466  -9.529  1.00 16.85 ? 63  THR A O   1 
ATOM   414  C  CB  . THR A 1 86  ? -17.042 -5.259  -11.559 1.00 14.37 ? 63  THR A CB  1 
ATOM   415  O  OG1 . THR A 1 86  ? -16.459 -4.627  -12.738 1.00 15.62 ? 63  THR A OG1 1 
ATOM   416  C  CG2 . THR A 1 86  ? -17.637 -4.185  -10.674 1.00 15.18 ? 63  THR A CG2 1 
ATOM   417  N  N   . GLY A 1 87  ? -16.155 -6.004  -8.417  1.00 13.81 ? 64  GLY A N   1 
ATOM   418  C  CA  . GLY A 1 87  ? -16.720 -6.428  -7.145  1.00 14.44 ? 64  GLY A CA  1 
ATOM   419  C  C   . GLY A 1 87  ? -15.822 -6.018  -6.008  1.00 12.55 ? 64  GLY A C   1 
ATOM   420  O  O   . GLY A 1 87  ? -14.813 -5.300  -6.186  1.00 13.58 ? 64  GLY A O   1 
ATOM   421  N  N   . THR A 1 88  ? -16.128 -6.530  -4.851  1.00 12.45 ? 65  THR A N   1 
ATOM   422  C  CA  . THR A 1 88  ? -15.326 -6.209  -3.638  1.00 12.39 ? 65  THR A CA  1 
ATOM   423  C  C   . THR A 1 88  ? -14.081 -7.074  -3.663  1.00 12.40 ? 65  THR A C   1 
ATOM   424  O  O   . THR A 1 88  ? -14.099 -8.252  -4.005  1.00 13.43 ? 65  THR A O   1 
ATOM   425  C  CB  . THR A 1 88  ? -16.128 -6.570  -2.394  1.00 13.14 ? 65  THR A CB  1 
ATOM   426  O  OG1 . THR A 1 88  ? -17.325 -5.774  -2.378  1.00 15.07 ? 65  THR A OG1 1 
ATOM   427  C  CG2 . THR A 1 88  ? -15.308 -6.292  -1.135  1.00 14.32 ? 65  THR A CG2 1 
ATOM   428  N  N   . LYS A 1 89  ? -12.926 -6.431  -3.446  1.00 11.52 ? 66  LYS A N   1 
ATOM   429  C  CA  . LYS A 1 89  ? -11.634 -7.080  -3.458  1.00 11.72 ? 66  LYS A CA  1 
ATOM   430  C  C   . LYS A 1 89  ? -11.016 -7.056  -2.054  1.00 11.72 ? 66  LYS A C   1 
ATOM   431  O  O   . LYS A 1 89  ? -11.196 -6.032  -1.329  1.00 12.60 ? 66  LYS A O   1 
ATOM   432  C  CB  . LYS A 1 89  ? -10.675 -6.338  -4.387  1.00 11.72 ? 66  LYS A CB  1 
ATOM   433  C  CG  . LYS A 1 89  ? -11.230 -6.118  -5.778  1.00 12.38 ? 66  LYS A CG  1 
ATOM   434  C  CD  . LYS A 1 89  ? -11.698 -7.382  -6.499  1.00 12.31 ? 66  LYS A CD  1 
ATOM   435  C  CE  . LYS A 1 89  ? -12.324 -7.005  -7.805  1.00 12.64 ? 66  LYS A CE  1 
ATOM   436  N  NZ  . LYS A 1 89  ? -12.968 -8.199  -8.418  1.00 13.66 ? 66  LYS A NZ  1 
ATOM   437  N  N   . ASN A 1 90  ? -10.233 -8.056  -1.735  1.00 11.58 ? 67  ASN A N   1 
ATOM   438  C  CA  . ASN A 1 90  ? -9.317  -8.069  -0.603  1.00 11.81 ? 67  ASN A CA  1 
ATOM   439  C  C   . ASN A 1 90  ? -7.995  -7.510  -1.138  1.00 12.61 ? 67  ASN A C   1 
ATOM   440  O  O   . ASN A 1 90  ? -7.418  -8.093  -2.062  1.00 14.06 ? 67  ASN A O   1 
ATOM   441  C  CB  . ASN A 1 90  ? -9.122  -9.460  -0.035  1.00 14.28 ? 67  ASN A CB  1 
ATOM   442  C  CG  . ASN A 1 90  ? -10.351 -10.063 0.557   1.00 18.04 ? 67  ASN A CG  1 
ATOM   443  O  OD1 . ASN A 1 90  ? -11.240 -9.400  1.033   1.00 19.69 ? 67  ASN A OD1 1 
ATOM   444  N  ND2 . ASN A 1 90  ? -10.424 -11.371 0.487   1.00 28.59 ? 67  ASN A ND2 1 
ATOM   445  N  N   . VAL A 1 91  ? -7.531  -6.421  -0.527  1.00 11.15 ? 68  VAL A N   1 
ATOM   446  C  CA  . VAL A 1 91  ? -6.229  -5.842  -0.842  1.00 11.51 ? 68  VAL A CA  1 
ATOM   447  C  C   . VAL A 1 91  ? -5.390  -6.008  0.408   1.00 11.50 ? 68  VAL A C   1 
ATOM   448  O  O   . VAL A 1 91  ? -5.691  -5.403  1.436   1.00 12.32 ? 68  VAL A O   1 
ATOM   449  C  CB  . VAL A 1 91  ? -6.313  -4.404  -1.270  1.00 12.30 ? 68  VAL A CB  1 
ATOM   450  C  CG1 . VAL A 1 91  ? -4.897  -3.873  -1.572  1.00 12.87 ? 68  VAL A CG1 1 
ATOM   451  C  CG2 . VAL A 1 91  ? -7.236  -4.192  -2.473  1.00 13.41 ? 68  VAL A CG2 1 
ATOM   452  N  N   . LYS A 1 92  ? -4.376  -6.864  0.303   1.00 11.15 ? 69  LYS A N   1 
ATOM   453  C  CA  . LYS A 1 92  ? -3.544  -7.265  1.438   1.00 12.48 ? 69  LYS A CA  1 
ATOM   454  C  C   . LYS A 1 92  ? -2.190  -6.580  1.257   1.00 11.12 ? 69  LYS A C   1 
ATOM   455  O  O   . LYS A 1 92  ? -1.447  -6.899  0.339   1.00 12.36 ? 69  LYS A O   1 
ATOM   456  C  CB  . LYS A 1 92  ? -3.385  -8.793  1.455   1.00 14.96 ? 69  LYS A CB  1 
ATOM   457  C  CG  . LYS A 1 92  ? -2.565  -9.249  2.661   1.00 16.36 ? 69  LYS A CG  1 
ATOM   458  C  CD  . LYS A 1 92  ? -2.520  -10.752 2.856   1.00 22.52 ? 69  LYS A CD  1 
ATOM   459  C  CE  . LYS A 1 92  ? -1.954  -11.424 1.669   1.00 26.41 ? 69  LYS A CE  1 
ATOM   460  N  NZ  . LYS A 1 92  ? -2.091  -12.915 1.905   1.00 33.02 ? 69  LYS A NZ  1 
ATOM   461  N  N   . PHE A 1 93  ? -1.902  -5.643  2.154   1.00 10.42 ? 70  PHE A N   1 
ATOM   462  C  CA  . PHE A 1 93  ? -0.621  -4.909  2.164   1.00 10.02 ? 70  PHE A CA  1 
ATOM   463  C  C   . PHE A 1 93  ? 0.380   -5.696  2.998   1.00 10.66 ? 70  PHE A C   1 
ATOM   464  O  O   . PHE A 1 93  ? 0.020   -6.142  4.092   1.00 11.66 ? 70  PHE A O   1 
ATOM   465  C  CB  . PHE A 1 93  ? -0.817  -3.558  2.860   1.00 10.16 ? 70  PHE A CB  1 
ATOM   466  C  CG  . PHE A 1 93  ? -1.772  -2.652  2.186   1.00 10.07 ? 70  PHE A CG  1 
ATOM   467  C  CD1 . PHE A 1 93  ? -1.355  -1.785  1.225   1.00 10.13 ? 70  PHE A CD1 1 
ATOM   468  C  CD2 . PHE A 1 93  ? -3.138  -2.688  2.521   1.00 11.83 ? 70  PHE A CD2 1 
ATOM   469  C  CE1 . PHE A 1 93  ? -2.225  -0.919  0.622   1.00 11.68 ? 70  PHE A CE1 1 
ATOM   470  C  CE2 . PHE A 1 93  ? -4.029  -1.818  1.898   1.00 12.16 ? 70  PHE A CE2 1 
ATOM   471  C  CZ  . PHE A 1 93  ? -3.578  -0.961  0.914   1.00 12.10 ? 70  PHE A CZ  1 
ATOM   472  N  N   . ARG A 1 94  ? 1.589   -5.914  2.492   1.00 9.58  ? 71  ARG A N   1 
ATOM   473  C  CA  . ARG A 1 94  ? 2.654   -6.458  3.270   1.00 9.87  ? 71  ARG A CA  1 
ATOM   474  C  C   . ARG A 1 94  ? 3.564   -5.309  3.613   1.00 10.04 ? 71  ARG A C   1 
ATOM   475  O  O   . ARG A 1 94  ? 4.028   -4.571  2.681   1.00 10.20 ? 71  ARG A O   1 
ATOM   476  C  CB  . ARG A 1 94  ? 3.416   -7.541  2.530   1.00 10.07 ? 71  ARG A CB  1 
ATOM   477  C  CG  . ARG A 1 94  ? 4.473   -8.212  3.388   1.00 11.19 ? 71  ARG A CG  1 
ATOM   478  C  CD  . ARG A 1 94  ? 4.988   -9.470  2.740   1.00 11.51 ? 71  ARG A CD  1 
ATOM   479  N  NE  . ARG A 1 94  ? 5.870   -10.288 3.593   1.00 12.99 ? 71  ARG A NE  1 
ATOM   480  C  CZ  . ARG A 1 94  ? 7.189   -10.262 3.552   1.00 12.01 ? 71  ARG A CZ  1 
ATOM   481  N  NH1 . ARG A 1 94  ? 7.876   -9.438  2.816   1.00 12.96 ? 71  ARG A NH1 1 
ATOM   482  N  NH2 . ARG A 1 94  ? 7.856   -11.134 4.298   1.00 12.68 ? 71  ARG A NH2 1 
ATOM   483  N  N   . TYR A 1 95  ? 3.803   -5.052  4.888   1.00 10.12 ? 72  TYR A N   1 
ATOM   484  C  CA  . TYR A 1 95  ? 4.426   -3.811  5.361   1.00 10.20 ? 72  TYR A CA  1 
ATOM   485  C  C   . TYR A 1 95  ? 5.183   -4.025  6.618   1.00 9.71  ? 72  TYR A C   1 
ATOM   486  O  O   . TYR A 1 95  ? 4.953   -5.038  7.332   1.00 10.75 ? 72  TYR A O   1 
ATOM   487  C  CB  . TYR A 1 95  ? 3.333   -2.687  5.567   1.00 10.15 ? 72  TYR A CB  1 
ATOM   488  C  CG  . TYR A 1 95  ? 2.493   -2.897  6.777   1.00 10.44 ? 72  TYR A CG  1 
ATOM   489  C  CD1 . TYR A 1 95  ? 1.406   -3.716  6.759   1.00 11.73 ? 72  TYR A CD1 1 
ATOM   490  C  CD2 . TYR A 1 95  ? 2.786   -2.245  7.961   1.00 10.15 ? 72  TYR A CD2 1 
ATOM   491  C  CE1 . TYR A 1 95  ? 0.694   -3.952  7.923   1.00 11.81 ? 72  TYR A CE1 1 
ATOM   492  C  CE2 . TYR A 1 95  ? 2.071   -2.461  9.136   1.00 10.95 ? 72  TYR A CE2 1 
ATOM   493  C  CZ  . TYR A 1 95  ? 0.980   -3.257  9.114   1.00 11.38 ? 72  TYR A CZ  1 
ATOM   494  O  OH  . TYR A 1 95  ? 0.255   -3.485  10.275  1.00 13.99 ? 72  TYR A OH  1 
ATOM   495  N  N   . ALA A 1 96  ? 6.025   -3.083  6.977   1.00 9.71  ? 73  ALA A N   1 
ATOM   496  C  CA  . ALA A 1 96  ? 6.749   -3.122  8.270   1.00 10.07 ? 73  ALA A CA  1 
ATOM   497  C  C   . ALA A 1 96  ? 6.578   -1.755  8.965   1.00 11.23 ? 73  ALA A C   1 
ATOM   498  O  O   . ALA A 1 96  ? 6.585   -0.703  8.277   1.00 11.24 ? 73  ALA A O   1 
ATOM   499  C  CB  . ALA A 1 96  ? 8.216   -3.456  8.084   1.00 10.72 ? 73  ALA A CB  1 
ATOM   500  N  N   . LEU A 1 97  ? 6.501   -1.793  10.262  1.00 10.73 ? 74  LEU A N   1 
ATOM   501  C  CA  . LEU A 1 97  ? 6.298   -0.563  11.056  1.00 10.63 ? 74  LEU A CA  1 
ATOM   502  C  C   . LEU A 1 97  ? 6.827   -0.801  12.441  1.00 10.52 ? 74  LEU A C   1 
ATOM   503  O  O   . LEU A 1 97  ? 6.222   -1.545  13.216  1.00 11.33 ? 74  LEU A O   1 
ATOM   504  C  CB  . LEU A 1 97  ? 4.830   -0.123  11.018  1.00 11.39 ? 74  LEU A CB  1 
ATOM   505  C  CG  . LEU A 1 97  ? 4.504   1.137   11.810  1.00 12.16 ? 74  LEU A CG  1 
ATOM   506  C  CD1 . LEU A 1 97  ? 5.416   2.290   11.515  1.00 12.30 ? 74  LEU A CD1 1 
ATOM   507  C  CD2 . LEU A 1 97  ? 3.029   1.486   11.569  1.00 13.25 ? 74  LEU A CD2 1 
ATOM   508  N  N   . GLU A 1 98  ? 7.975   -0.186  12.755  1.00 10.32 ? 75  GLU A N   1 
ATOM   509  C  CA  . GLU A 1 98  ? 8.629   -0.524  14.052  1.00 12.06 ? 75  GLU A CA  1 
ATOM   510  C  C   . GLU A 1 98  ? 7.727   -0.267  15.258  1.00 13.48 ? 75  GLU A C   1 
ATOM   511  O  O   . GLU A 1 98  ? 7.548   -1.209  16.105  1.00 13.85 ? 75  GLU A O   1 
ATOM   512  C  CB  . GLU A 1 98  ? 9.921   0.216   14.153  1.00 14.07 ? 75  GLU A CB  1 
ATOM   513  C  CG  . GLU A 1 98  ? 10.635  0.019   15.526  1.00 15.51 ? 75  GLU A CG  1 
ATOM   514  C  CD  . GLU A 1 98  ? 11.902  0.832   15.534  1.00 19.46 ? 75  GLU A CD  1 
ATOM   515  O  OE1 . GLU A 1 98  ? 12.965  0.260   15.269  1.00 22.77 ? 75  GLU A OE1 1 
ATOM   516  O  OE2 . GLU A 1 98  ? 11.818  2.050   15.773  1.00 24.48 ? 75  GLU A OE2 1 
ATOM   517  N  N   A SER A 1 99  ? 7.157   0.934   15.388  0.50 13.11 ? 76  SER A N   1 
ATOM   518  N  N   B SER A 1 99  ? 7.076   0.894   15.303  0.50 14.60 ? 76  SER A N   1 
ATOM   519  C  CA  A SER A 1 99  ? 6.253   1.220   16.505  0.50 13.00 ? 76  SER A CA  1 
ATOM   520  C  CA  B SER A 1 99  ? 6.367   1.331   16.486  0.50 15.56 ? 76  SER A CA  1 
ATOM   521  C  C   A SER A 1 99  ? 5.234   2.243   16.094  0.50 13.70 ? 76  SER A C   1 
ATOM   522  C  C   B SER A 1 99  ? 5.263   2.313   16.120  0.50 15.22 ? 76  SER A C   1 
ATOM   523  O  O   A SER A 1 99  ? 5.442   3.019   15.151  0.50 13.93 ? 76  SER A O   1 
ATOM   524  O  O   B SER A 1 99  ? 5.439   3.132   15.213  0.50 15.76 ? 76  SER A O   1 
ATOM   525  C  CB  A SER A 1 99  ? 7.014   1.765   17.721  0.50 12.95 ? 76  SER A CB  1 
ATOM   526  C  CB  B SER A 1 99  ? 7.400   2.001   17.405  0.50 17.35 ? 76  SER A CB  1 
ATOM   527  O  OG  A SER A 1 99  ? 7.599   3.034   17.424  0.50 12.92 ? 76  SER A OG  1 
ATOM   528  O  OG  B SER A 1 99  ? 6.801   2.515   18.556  0.50 20.58 ? 76  SER A OG  1 
ATOM   529  N  N   . GLY A 1 100 ? 4.126   2.218   16.782  1.00 14.07 ? 77  GLY A N   1 
ATOM   530  C  CA  . GLY A 1 100 ? 3.065   3.184   16.559  1.00 13.14 ? 77  GLY A CA  1 
ATOM   531  C  C   . GLY A 1 100 ? 2.144   2.778   15.419  1.00 14.82 ? 77  GLY A C   1 
ATOM   532  O  O   . GLY A 1 100 ? 2.380   1.816   14.724  1.00 15.63 ? 77  GLY A O   1 
ATOM   533  N  N   . THR A 1 101 ? 1.088   3.556   15.289  1.00 12.78 ? 78  THR A N   1 
ATOM   534  C  CA  . THR A 1 101 ? 0.114   3.448   14.208  1.00 12.51 ? 78  THR A CA  1 
ATOM   535  C  C   . THR A 1 101 ? 0.281   4.594   13.209  1.00 12.25 ? 78  THR A C   1 
ATOM   536  O  O   . THR A 1 101 ? 0.362   5.775   13.647  1.00 14.19 ? 78  THR A O   1 
ATOM   537  C  CB  . THR A 1 101 ? -1.313  3.384   14.736  1.00 13.86 ? 78  THR A CB  1 
ATOM   538  O  OG1 . THR A 1 101 ? -1.408  2.213   15.579  1.00 15.27 ? 78  THR A OG1 1 
ATOM   539  C  CG2 . THR A 1 101 ? -2.358  3.314   13.648  1.00 13.00 ? 78  THR A CG2 1 
ATOM   540  N  N   . ARG A 1 102 ? 0.216   4.318   11.916  1.00 11.36 ? 79  ARG A N   1 
ATOM   541  C  CA  . ARG A 1 102 ? 0.339   5.350   10.886  1.00 11.57 ? 79  ARG A CA  1 
ATOM   542  C  C   . ARG A 1 102 ? -0.838  5.183   9.972   1.00 11.89 ? 79  ARG A C   1 
ATOM   543  O  O   . ARG A 1 102 ? -1.213  4.050   9.605   1.00 12.99 ? 79  ARG A O   1 
ATOM   544  C  CB  . ARG A 1 102 ? 1.659   5.258   10.136  1.00 11.45 ? 79  ARG A CB  1 
ATOM   545  C  CG  . ARG A 1 102 ? 2.844   5.479   11.070  1.00 11.02 ? 79  ARG A CG  1 
ATOM   546  C  CD  . ARG A 1 102 ? 4.154   5.526   10.344  1.00 11.98 ? 79  ARG A CD  1 
ATOM   547  N  NE  . ARG A 1 102 ? 5.230   5.777   11.283  1.00 11.87 ? 79  ARG A NE  1 
ATOM   548  C  CZ  . ARG A 1 102 ? 6.488   5.915   10.891  1.00 13.02 ? 79  ARG A CZ  1 
ATOM   549  N  NH1 . ARG A 1 102 ? 6.838   5.883   9.633   1.00 12.70 ? 79  ARG A NH1 1 
ATOM   550  N  NH2 . ARG A 1 102 ? 7.421   6.163   11.795  1.00 15.13 ? 79  ARG A NH2 1 
ATOM   551  N  N   . ASN A 1 103 ? -1.465  6.309   9.586   1.00 11.92 ? 80  ASN A N   1 
ATOM   552  C  CA  . ASN A 1 103 ? -2.721  6.255   8.873   1.00 12.18 ? 80  ASN A CA  1 
ATOM   553  C  C   . ASN A 1 103 ? -2.619  6.723   7.459   1.00 13.32 ? 80  ASN A C   1 
ATOM   554  O  O   . ASN A 1 103 ? -1.879  7.685   7.176   1.00 15.42 ? 80  ASN A O   1 
ATOM   555  C  CB  . ASN A 1 103 ? -3.702  7.173   9.563   1.00 12.99 ? 80  ASN A CB  1 
ATOM   556  C  CG  . ASN A 1 103 ? -3.820  6.914   11.002  1.00 15.10 ? 80  ASN A CG  1 
ATOM   557  O  OD1 . ASN A 1 103 ? -4.026  5.836   11.463  1.00 18.31 ? 80  ASN A OD1 1 
ATOM   558  N  ND2 . ASN A 1 103 ? -3.646  8.010   11.787  1.00 21.12 ? 80  ASN A ND2 1 
ATOM   559  N  N   . LEU A 1 104 ? -3.222  6.007   6.486   1.00 11.51 ? 81  LEU A N   1 
ATOM   560  C  CA  . LEU A 1 104 ? -3.096  6.391   5.082   1.00 12.33 ? 81  LEU A CA  1 
ATOM   561  C  C   . LEU A 1 104 ? -4.484  6.615   4.487   1.00 11.43 ? 81  LEU A C   1 
ATOM   562  O  O   . LEU A 1 104 ? -5.402  5.828   4.768   1.00 12.06 ? 81  LEU A O   1 
ATOM   563  C  CB  . LEU A 1 104 ? -2.416  5.265   4.271   1.00 12.62 ? 81  LEU A CB  1 
ATOM   564  C  CG  . LEU A 1 104 ? -1.027  4.820   4.699   1.00 12.54 ? 81  LEU A CG  1 
ATOM   565  C  CD1 . LEU A 1 104 ? -0.519  3.721   3.817   1.00 12.67 ? 81  LEU A CD1 1 
ATOM   566  C  CD2 . LEU A 1 104 ? -0.044  5.979   4.659   1.00 13.48 ? 81  LEU A CD2 1 
ATOM   567  N  N   . ASP A 1 105 ? -4.642  7.627   3.649   1.00 10.16 ? 82  ASP A N   1 
ATOM   568  C  CA  . ASP A 1 105 ? -5.778  7.719   2.749   1.00 10.72 ? 82  ASP A CA  1 
ATOM   569  C  C   . ASP A 1 105 ? -5.598  6.735   1.607   1.00 11.73 ? 82  ASP A C   1 
ATOM   570  O  O   . ASP A 1 105 ? -4.477  6.546   1.117   1.00 11.90 ? 82  ASP A O   1 
ATOM   571  C  CB  . ASP A 1 105 ? -5.981  9.094   2.178   1.00 11.81 ? 82  ASP A CB  1 
ATOM   572  C  CG  . ASP A 1 105 ? -6.573  10.128  3.180   1.00 12.50 ? 82  ASP A CG  1 
ATOM   573  O  OD1 . ASP A 1 105 ? -7.123  9.727   4.223   1.00 11.22 ? 82  ASP A OD1 1 
ATOM   574  O  OD2 . ASP A 1 105 ? -6.507  11.337  2.821   1.00 14.00 ? 82  ASP A OD2 1 
ATOM   575  N  N   . ILE A 1 106 ? -6.705  6.124   1.158   1.00 10.83 ? 83  ILE A N   1 
ATOM   576  C  CA  . ILE A 1 106 ? -6.679  5.110   0.115   1.00 11.50 ? 83  ILE A CA  1 
ATOM   577  C  C   . ILE A 1 106 ? -7.646  5.500   -0.960  1.00 11.69 ? 83  ILE A C   1 
ATOM   578  O  O   . ILE A 1 106 ? -8.816  5.745   -0.643  1.00 11.25 ? 83  ILE A O   1 
ATOM   579  C  CB  . ILE A 1 106 ? -6.944  3.688   0.674   1.00 12.91 ? 83  ILE A CB  1 
ATOM   580  C  CG1 . ILE A 1 106 ? -5.855  3.408   1.775   1.00 16.85 ? 83  ILE A CG1 1 
ATOM   581  C  CG2 . ILE A 1 106 ? -6.874  2.694   -0.494  1.00 12.39 ? 83  ILE A CG2 1 
ATOM   582  C  CD1 . ILE A 1 106 ? -5.671  2.063   2.291   1.00 18.63 ? 83  ILE A CD1 1 
ATOM   583  N  N   . TYR A 1 107 ? -7.145  5.616   -2.191  1.00 10.83 ? 84  TYR A N   1 
ATOM   584  C  CA  . TYR A 1 107 ? -7.893  5.992   -3.396  1.00 10.29 ? 84  TYR A CA  1 
ATOM   585  C  C   . TYR A 1 107 ? -7.958  4.810   -4.312  1.00 11.68 ? 84  TYR A C   1 
ATOM   586  O  O   . TYR A 1 107 ? -6.966  4.079   -4.480  1.00 12.37 ? 84  TYR A O   1 
ATOM   587  C  CB  . TYR A 1 107 ? -7.180  7.173   -4.109  1.00 11.10 ? 84  TYR A CB  1 
ATOM   588  C  CG  . TYR A 1 107 ? -7.084  8.477   -3.342  1.00 12.04 ? 84  TYR A CG  1 
ATOM   589  C  CD1 . TYR A 1 107 ? -6.191  8.612   -2.310  1.00 11.96 ? 84  TYR A CD1 1 
ATOM   590  C  CD2 . TYR A 1 107 ? -7.871  9.570   -3.695  1.00 13.87 ? 84  TYR A CD2 1 
ATOM   591  C  CE1 . TYR A 1 107 ? -6.100  9.791   -1.604  1.00 13.60 ? 84  TYR A CE1 1 
ATOM   592  C  CE2 . TYR A 1 107 ? -7.752  10.754  -2.996  1.00 14.35 ? 84  TYR A CE2 1 
ATOM   593  C  CZ  . TYR A 1 107 ? -6.866  10.834  -1.951  1.00 15.49 ? 84  TYR A CZ  1 
ATOM   594  O  OH  . TYR A 1 107 ? -6.730  12.085  -1.275  1.00 18.35 ? 84  TYR A OH  1 
ATOM   595  N  N   . VAL A 1 108 ? -9.103  4.630   -4.961  1.00 11.31 ? 85  VAL A N   1 
ATOM   596  C  CA  . VAL A 1 108 ? -9.285  3.642   -6.008  1.00 11.44 ? 85  VAL A CA  1 
ATOM   597  C  C   . VAL A 1 108 ? -9.854  4.381   -7.217  1.00 11.94 ? 85  VAL A C   1 
ATOM   598  O  O   . VAL A 1 108 ? -10.859 5.063   -7.106  1.00 12.64 ? 85  VAL A O   1 
ATOM   599  C  CB  . VAL A 1 108 ? -10.207 2.501   -5.601  1.00 11.09 ? 85  VAL A CB  1 
ATOM   600  C  CG1 . VAL A 1 108 ? -10.580 1.605   -6.781  1.00 11.93 ? 85  VAL A CG1 1 
ATOM   601  C  CG2 . VAL A 1 108 ? -9.571  1.672   -4.498  1.00 12.09 ? 85  VAL A CG2 1 
ATOM   602  N  N   . ASN A 1 109 ? -9.168  4.218   -8.338  1.00 12.74 ? 86  ASN A N   1 
ATOM   603  C  CA  . ASN A 1 109 ? -9.572  4.890   -9.619  1.00 13.50 ? 86  ASN A CA  1 
ATOM   604  C  C   . ASN A 1 109 ? -9.800  6.366   -9.419  1.00 15.12 ? 86  ASN A C   1 
ATOM   605  O  O   . ASN A 1 109 ? -10.723 7.011   -10.000 1.00 16.97 ? 86  ASN A O   1 
ATOM   606  C  CB  . ASN A 1 109 ? -10.779 4.147   -10.154 1.00 13.61 ? 86  ASN A CB  1 
ATOM   607  C  CG  . ASN A 1 109 ? -10.449 2.751   -10.619 1.00 13.26 ? 86  ASN A CG  1 
ATOM   608  O  OD1 . ASN A 1 109 ? -9.368  2.506   -11.152 1.00 15.10 ? 86  ASN A OD1 1 
ATOM   609  N  ND2 . ASN A 1 109 ? -11.313 1.796   -10.296 1.00 15.66 ? 86  ASN A ND2 1 
ATOM   610  N  N   . GLY A 1 110 ? -8.944  6.946   -8.602  1.00 13.65 ? 87  GLY A N   1 
ATOM   611  C  CA  . GLY A 1 110 ? -8.954  8.364   -8.388  1.00 15.35 ? 87  GLY A CA  1 
ATOM   612  C  C   . GLY A 1 110 ? -9.887  8.946   -7.381  1.00 16.42 ? 87  GLY A C   1 
ATOM   613  O  O   . GLY A 1 110 ? -9.865  10.184  -7.162  1.00 21.61 ? 87  GLY A O   1 
ATOM   614  N  N   . THR A 1 111 ? -10.685 8.103   -6.716  1.00 15.37 ? 88  THR A N   1 
ATOM   615  C  CA  . THR A 1 111 ? -11.612 8.547   -5.708  1.00 16.62 ? 88  THR A CA  1 
ATOM   616  C  C   . THR A 1 111 ? -11.170 8.040   -4.350  1.00 14.67 ? 88  THR A C   1 
ATOM   617  O  O   . THR A 1 111 ? -10.798 6.900   -4.216  1.00 13.87 ? 88  THR A O   1 
ATOM   618  C  CB  . THR A 1 111 ? -13.000 7.974   -6.022  1.00 19.41 ? 88  THR A CB  1 
ATOM   619  O  OG1 . THR A 1 111 ? -13.423 8.541   -7.285  1.00 21.74 ? 88  THR A OG1 1 
ATOM   620  C  CG2 . THR A 1 111 ? -14.011 8.377   -4.996  1.00 21.83 ? 88  THR A CG2 1 
ATOM   621  N  N   . LYS A 1 112 ? -11.165 8.928   -3.355  1.00 14.74 ? 89  LYS A N   1 
ATOM   622  C  CA  . LYS A 1 112 ? -10.806 8.486   -2.006  1.00 13.21 ? 89  LYS A CA  1 
ATOM   623  C  C   . LYS A 1 112 ? -11.912 7.586   -1.534  1.00 13.72 ? 89  LYS A C   1 
ATOM   624  O  O   . LYS A 1 112 ? -13.088 7.985   -1.523  1.00 15.83 ? 89  LYS A O   1 
ATOM   625  C  CB  . LYS A 1 112 ? -10.644 9.660   -1.028  1.00 14.55 ? 89  LYS A CB  1 
ATOM   626  C  CG  . LYS A 1 112 ? -10.004 9.277   0.331   1.00 14.32 ? 89  LYS A CG  1 
ATOM   627  C  CD  . LYS A 1 112 ? -9.956  10.390  1.408   1.00 16.85 ? 89  LYS A CD  1 
ATOM   628  C  CE  . LYS A 1 112 ? -9.216  11.594  0.919   1.00 19.60 ? 89  LYS A CE  1 
ATOM   629  N  NZ  . LYS A 1 112 ? -9.268  12.583  2.043   1.00 20.76 ? 89  LYS A NZ  1 
ATOM   630  N  N   . VAL A 1 113 ? -11.531 6.429   -1.031  1.00 11.22 ? 90  VAL A N   1 
ATOM   631  C  CA  . VAL A 1 113 ? -12.492 5.450   -0.538  1.00 11.42 ? 90  VAL A CA  1 
ATOM   632  C  C   . VAL A 1 113 ? -12.231 4.956   0.853   1.00 11.11 ? 90  VAL A C   1 
ATOM   633  O  O   . VAL A 1 113 ? -13.120 4.333   1.457   1.00 12.54 ? 90  VAL A O   1 
ATOM   634  C  CB  . VAL A 1 113 ? -12.626 4.254   -1.513  1.00 12.87 ? 90  VAL A CB  1 
ATOM   635  C  CG1 . VAL A 1 113 ? -13.142 4.727   -2.877  1.00 15.80 ? 90  VAL A CG1 1 
ATOM   636  C  CG2 . VAL A 1 113 ? -11.328 3.473   -1.623  1.00 13.23 ? 90  VAL A CG2 1 
ATOM   637  N  N   . LEU A 1 114 ? -11.082 5.285   1.457   1.00 10.41 ? 91  LEU A N   1 
ATOM   638  C  CA  . LEU A 1 114 ? -10.816 5.078   2.876   1.00 11.04 ? 91  LEU A CA  1 
ATOM   639  C  C   . LEU A 1 114 ? -10.083 6.298   3.385   1.00 11.05 ? 91  LEU A C   1 
ATOM   640  O  O   . LEU A 1 114 ? -9.133  6.777   2.695   1.00 10.97 ? 91  LEU A O   1 
ATOM   641  C  CB  . LEU A 1 114 ? -9.997  3.808   3.195   1.00 11.69 ? 91  LEU A CB  1 
ATOM   642  C  CG  . LEU A 1 114 ? -10.551 2.498   2.619   1.00 13.37 ? 91  LEU A CG  1 
ATOM   643  C  CD1 . LEU A 1 114 ? -9.478  1.449   2.716   1.00 15.79 ? 91  LEU A CD1 1 
ATOM   644  C  CD2 . LEU A 1 114 ? -11.729 2.119   3.396   1.00 15.41 ? 91  LEU A CD2 1 
ATOM   645  N  N   A SER A 1 115 ? -10.509 6.866   4.503   0.50 10.19 ? 92  SER A N   1 
ATOM   646  N  N   B SER A 1 115 ? -10.482 6.801   4.546   0.50 12.24 ? 92  SER A N   1 
ATOM   647  C  CA  A SER A 1 115 ? -9.875  7.998   5.117   0.50 9.73  ? 92  SER A CA  1 
ATOM   648  C  CA  B SER A 1 115 ? -9.902  7.955   5.171   0.50 12.73 ? 92  SER A CA  1 
ATOM   649  C  C   A SER A 1 115 ? -9.108  7.579   6.338   0.50 10.72 ? 92  SER A C   1 
ATOM   650  C  C   B SER A 1 115 ? -9.097  7.554   6.368   0.50 12.56 ? 92  SER A C   1 
ATOM   651  O  O   A SER A 1 115 ? -9.625  6.920   7.230   0.50 11.01 ? 92  SER A O   1 
ATOM   652  O  O   B SER A 1 115 ? -9.579  6.895   7.286   0.50 12.66 ? 92  SER A O   1 
ATOM   653  C  CB  A SER A 1 115 ? -10.948 9.035   5.467   0.50 9.57  ? 92  SER A CB  1 
ATOM   654  C  CB  B SER A 1 115 ? -11.017 8.910   5.604   0.50 15.03 ? 92  SER A CB  1 
ATOM   655  O  OG  A SER A 1 115 ? -10.489 10.033  6.345   0.50 9.19  ? 92  SER A OG  1 
ATOM   656  O  OG  B SER A 1 115 ? -11.571 9.555   4.473   0.50 19.92 ? 92  SER A OG  1 
ATOM   657  N  N   . ASN A 1 116 ? -7.838  7.951   6.370   1.00 11.61 ? 93  ASN A N   1 
ATOM   658  C  CA  . ASN A 1 116 ? -6.983  7.688   7.540   1.00 12.98 ? 93  ASN A CA  1 
ATOM   659  C  C   . ASN A 1 116 ? -7.043  6.274   8.025   1.00 11.98 ? 93  ASN A C   1 
ATOM   660  O  O   . ASN A 1 116 ? -7.198  5.973   9.211   1.00 13.36 ? 93  ASN A O   1 
ATOM   661  C  CB  . ASN A 1 116 ? -7.263  8.688   8.692   1.00 13.86 ? 93  ASN A CB  1 
ATOM   662  C  CG  . ASN A 1 116 ? -6.802  10.087  8.327   1.00 18.35 ? 93  ASN A CG  1 
ATOM   663  O  OD1 . ASN A 1 116 ? -5.877  10.261  7.593   1.00 19.74 ? 93  ASN A OD1 1 
ATOM   664  N  ND2 . ASN A 1 116 ? -7.587  11.086  8.757   1.00 27.04 ? 93  ASN A ND2 1 
ATOM   665  N  N   . GLU A 1 117 ? -6.860  5.337   7.075   1.00 11.24 ? 94  GLU A N   1 
ATOM   666  C  CA  . GLU A 1 117 ? -6.921  3.933   7.410   1.00 11.97 ? 94  GLU A CA  1 
ATOM   667  C  C   . GLU A 1 117 ? -5.675  3.518   8.223   1.00 12.10 ? 94  GLU A C   1 
ATOM   668  O  O   . GLU A 1 117 ? -4.566  3.820   7.780   1.00 11.83 ? 94  GLU A O   1 
ATOM   669  C  CB  . GLU A 1 117 ? -7.010  3.105   6.138   1.00 13.05 ? 94  GLU A CB  1 
ATOM   670  C  CG  . GLU A 1 117 ? -7.095  1.623   6.372   1.00 13.53 ? 94  GLU A CG  1 
ATOM   671  C  CD  . GLU A 1 117 ? -8.444  1.189   6.926   1.00 15.48 ? 94  GLU A CD  1 
ATOM   672  O  OE1 . GLU A 1 117 ? -9.426  1.944   6.772   1.00 17.27 ? 94  GLU A OE1 1 
ATOM   673  O  OE2 . GLU A 1 117 ? -8.504  0.108   7.517   1.00 17.31 ? 94  GLU A OE2 1 
ATOM   674  N  N   . PRO A 1 118 ? -5.813  2.932   9.399   1.00 11.62 ? 95  PRO A N   1 
ATOM   675  C  CA  . PRO A 1 118 ? -4.682  2.657   10.271  1.00 12.17 ? 95  PRO A CA  1 
ATOM   676  C  C   . PRO A 1 118 ? -3.886  1.443   9.897   1.00 12.68 ? 95  PRO A C   1 
ATOM   677  O  O   . PRO A 1 118 ? -4.445  0.382   9.621   1.00 12.68 ? 95  PRO A O   1 
ATOM   678  C  CB  . PRO A 1 118 ? -5.329  2.452   11.654  1.00 12.89 ? 95  PRO A CB  1 
ATOM   679  C  CG  . PRO A 1 118 ? -6.697  1.895   11.299  1.00 14.21 ? 95  PRO A CG  1 
ATOM   680  C  CD  . PRO A 1 118 ? -7.111  2.646   10.068  1.00 12.99 ? 95  PRO A CD  1 
ATOM   681  N  N   . PHE A 1 119 ? -2.574  1.593   9.948   1.00 10.83 ? 96  PHE A N   1 
ATOM   682  C  CA  . PHE A 1 119 ? -1.611  0.510   9.853   1.00 10.63 ? 96  PHE A CA  1 
ATOM   683  C  C   . PHE A 1 119 ? -0.924  0.410   11.184  1.00 11.37 ? 96  PHE A C   1 
ATOM   684  O  O   . PHE A 1 119 ? -0.238  1.346   11.600  1.00 12.02 ? 96  PHE A O   1 
ATOM   685  C  CB  . PHE A 1 119 ? -0.593  0.809   8.739   1.00 10.86 ? 96  PHE A CB  1 
ATOM   686  C  CG  . PHE A 1 119 ? -1.152  0.593   7.373   1.00 10.20 ? 96  PHE A CG  1 
ATOM   687  C  CD1 . PHE A 1 119 ? -2.052  1.507   6.808   1.00 11.44 ? 96  PHE A CD1 1 
ATOM   688  C  CD2 . PHE A 1 119 ? -0.764  -0.455  6.611   1.00 10.77 ? 96  PHE A CD2 1 
ATOM   689  C  CE1 . PHE A 1 119 ? -2.624  1.266   5.548   1.00 11.59 ? 96  PHE A CE1 1 
ATOM   690  C  CE2 . PHE A 1 119 ? -1.260  -0.630  5.318   1.00 11.13 ? 96  PHE A CE2 1 
ATOM   691  C  CZ  . PHE A 1 119 ? -2.187  0.203   4.812   1.00 11.86 ? 96  PHE A CZ  1 
ATOM   692  N  N   . THR A 1 120 ? -1.185  -0.661  11.917  1.00 12.11 ? 97  THR A N   1 
ATOM   693  C  CA  . THR A 1 120 ? -0.627  -0.852  13.235  1.00 12.07 ? 97  THR A CA  1 
ATOM   694  C  C   . THR A 1 120 ? 0.790   -1.413  13.220  1.00 11.71 ? 97  THR A C   1 
ATOM   695  O  O   . THR A 1 120 ? 1.221   -2.017  12.264  1.00 12.64 ? 97  THR A O   1 
ATOM   696  C  CB  . THR A 1 120 ? -1.560  -1.668  14.131  1.00 13.27 ? 97  THR A CB  1 
ATOM   697  O  OG1 . THR A 1 120 ? -1.730  -2.950  13.588  1.00 15.94 ? 97  THR A OG1 1 
ATOM   698  C  CG2 . THR A 1 120 ? -2.868  -0.964  14.272  1.00 14.70 ? 97  THR A CG2 1 
ATOM   699  N  N   . GLU A 1 121 ? 1.521   -1.234  14.318  1.00 12.76 ? 98  GLU A N   1 
ATOM   700  C  CA  . GLU A 1 121 ? 2.896   -1.625  14.355  1.00 13.17 ? 98  GLU A CA  1 
ATOM   701  C  C   . GLU A 1 121 ? 3.094   -3.121  14.144  1.00 12.68 ? 98  GLU A C   1 
ATOM   702  O  O   . GLU A 1 121 ? 2.262   -3.971  14.582  1.00 14.43 ? 98  GLU A O   1 
ATOM   703  C  CB  . GLU A 1 121 ? 3.576   -1.141  15.637  1.00 14.56 ? 98  GLU A CB  1 
ATOM   704  C  CG  . GLU A 1 121 ? 3.090   -1.892  16.878  1.00 15.27 ? 98  GLU A CG  1 
ATOM   705  C  CD  . GLU A 1 121 ? 3.868   -1.447  18.109  1.00 22.13 ? 98  GLU A CD  1 
ATOM   706  O  OE1 . GLU A 1 121 ? 4.400   -2.331  18.814  1.00 30.71 ? 98  GLU A OE1 1 
ATOM   707  O  OE2 . GLU A 1 121 ? 3.999   -0.261  18.385  1.00 18.20 ? 98  GLU A OE2 1 
ATOM   708  N  N   . THR A 1 122 ? 4.218   -3.455  13.545  1.00 11.70 ? 99  THR A N   1 
ATOM   709  C  CA  . THR A 1 122 ? 4.720   -4.825  13.401  1.00 12.91 ? 99  THR A CA  1 
ATOM   710  C  C   . THR A 1 122 ? 5.792   -5.158  14.442  1.00 13.32 ? 99  THR A C   1 
ATOM   711  O  O   . THR A 1 122 ? 6.081   -6.318  14.667  1.00 15.31 ? 99  THR A O   1 
ATOM   712  C  CB  . THR A 1 122 ? 5.199   -5.130  11.996  1.00 12.69 ? 99  THR A CB  1 
ATOM   713  O  OG1 . THR A 1 122 ? 6.390   -4.363  11.777  1.00 11.30 ? 99  THR A OG1 1 
ATOM   714  C  CG2 . THR A 1 122 ? 4.160   -4.836  10.947  1.00 13.39 ? 99  THR A CG2 1 
ATOM   715  N  N   . GLY A 1 123 ? 6.338   -4.149  15.087  1.00 12.24 ? 100 GLY A N   1 
ATOM   716  C  CA  . GLY A 1 123 ? 7.341   -4.347  16.139  1.00 11.90 ? 100 GLY A CA  1 
ATOM   717  C  C   . GLY A 1 123 ? 8.813   -4.135  15.766  1.00 12.58 ? 100 GLY A C   1 
ATOM   718  O  O   . GLY A 1 123 ? 9.697   -3.882  16.632  1.00 14.85 ? 100 GLY A O   1 
ATOM   719  N  N   . SER A 1 124 ? 9.090   -4.219  14.477  1.00 12.69 ? 101 SER A N   1 
ATOM   720  C  CA  . SER A 1 124 ? 10.435  -4.140  13.953  1.00 12.82 ? 101 SER A CA  1 
ATOM   721  C  C   . SER A 1 124 ? 10.351  -3.677  12.509  1.00 11.54 ? 101 SER A C   1 
ATOM   722  O  O   . SER A 1 124 ? 9.413   -4.101  11.803  1.00 11.84 ? 101 SER A O   1 
ATOM   723  C  CB  . SER A 1 124 ? 11.192  -5.518  13.964  1.00 14.02 ? 101 SER A CB  1 
ATOM   724  O  OG  . SER A 1 124 ? 12.344  -5.450  13.266  1.00 15.86 ? 101 SER A OG  1 
ATOM   725  N  N   . TRP A 1 125 ? 11.352  -2.954  12.026  1.00 11.72 ? 102 TRP A N   1 
ATOM   726  C  CA  . TRP A 1 125 ? 11.428  -2.668  10.600  1.00 11.34 ? 102 TRP A CA  1 
ATOM   727  C  C   . TRP A 1 125 ? 11.706  -3.898  9.701   1.00 11.14 ? 102 TRP A C   1 
ATOM   728  O  O   . TRP A 1 125 ? 11.552  -3.835  8.511   1.00 11.90 ? 102 TRP A O   1 
ATOM   729  C  CB  . TRP A 1 125 ? 12.445  -1.576  10.287  1.00 11.32 ? 102 TRP A CB  1 
ATOM   730  C  CG  . TRP A 1 125 ? 12.101  -0.234  10.838  1.00 11.30 ? 102 TRP A CG  1 
ATOM   731  C  CD1 . TRP A 1 125 ? 12.788  0.448   11.746  1.00 13.09 ? 102 TRP A CD1 1 
ATOM   732  C  CD2 . TRP A 1 125 ? 10.940  0.590   10.505  1.00 11.28 ? 102 TRP A CD2 1 
ATOM   733  N  NE1 . TRP A 1 125 ? 12.162  1.643   12.032  1.00 14.41 ? 102 TRP A NE1 1 
ATOM   734  C  CE2 . TRP A 1 125 ? 11.049  1.764   11.267  1.00 12.75 ? 102 TRP A CE2 1 
ATOM   735  C  CE3 . TRP A 1 125 ? 9.855   0.464   9.596   1.00 11.39 ? 102 TRP A CE3 1 
ATOM   736  C  CZ2 . TRP A 1 125 ? 10.068  2.758   11.235  1.00 12.21 ? 102 TRP A CZ2 1 
ATOM   737  C  CZ3 . TRP A 1 125 ? 8.930   1.484   9.554   1.00 11.62 ? 102 TRP A CZ3 1 
ATOM   738  C  CH2 . TRP A 1 125 ? 9.049   2.596   10.354  1.00 13.01 ? 102 TRP A CH2 1 
ATOM   739  N  N   . SER A 1 126 ? 12.112  -5.026  10.340  1.00 11.55 ? 103 SER A N   1 
ATOM   740  C  CA  . SER A 1 126 ? 12.244  -6.279  9.575   1.00 11.04 ? 103 SER A CA  1 
ATOM   741  C  C   . SER A 1 126 ? 11.225  -7.349  9.998   1.00 10.71 ? 103 SER A C   1 
ATOM   742  O  O   . SER A 1 126 ? 11.324  -8.499  9.594   1.00 11.83 ? 103 SER A O   1 
ATOM   743  C  CB  . SER A 1 126 ? 13.642  -6.833  9.565   1.00 11.94 ? 103 SER A CB  1 
ATOM   744  O  OG  . SER A 1 126 ? 14.004  -7.373  10.838  1.00 12.97 ? 103 SER A OG  1 
ATOM   745  N  N   . THR A 1 127 ? 10.142  -6.913  10.601  1.00 11.43 ? 104 THR A N   1 
ATOM   746  C  CA  . THR A 1 127 ? 8.925   -7.739  10.794  1.00 10.78 ? 104 THR A CA  1 
ATOM   747  C  C   . THR A 1 127 ? 7.922   -7.248  9.773   1.00 11.48 ? 104 THR A C   1 
ATOM   748  O  O   . THR A 1 127 ? 7.356   -6.124  9.871   1.00 12.29 ? 104 THR A O   1 
ATOM   749  C  CB  . THR A 1 127 ? 8.318   -7.670  12.163  1.00 12.84 ? 104 THR A CB  1 
ATOM   750  O  OG1 . THR A 1 127 ? 9.285   -8.157  13.160  1.00 13.91 ? 104 THR A OG1 1 
ATOM   751  C  CG2 . THR A 1 127 ? 7.070   -8.518  12.236  1.00 13.03 ? 104 THR A CG2 1 
ATOM   752  N  N   . TRP A 1 128 ? 7.646   -8.119  8.835   1.00 11.16 ? 105 TRP A N   1 
ATOM   753  C  CA  . TRP A 1 128 ? 6.701   -7.808  7.719   1.00 11.91 ? 105 TRP A CA  1 
ATOM   754  C  C   . TRP A 1 128 ? 5.341   -8.401  8.093   1.00 12.09 ? 105 TRP A C   1 
ATOM   755  O  O   . TRP A 1 128 ? 5.148   -9.604  8.036   1.00 16.07 ? 105 TRP A O   1 
ATOM   756  C  CB  . TRP A 1 128 ? 7.251   -8.292  6.408   1.00 11.48 ? 105 TRP A CB  1 
ATOM   757  C  CG  . TRP A 1 128 ? 8.522   -7.659  6.043   1.00 11.36 ? 105 TRP A CG  1 
ATOM   758  C  CD1 . TRP A 1 128 ? 9.780   -8.122  6.335   1.00 11.38 ? 105 TRP A CD1 1 
ATOM   759  C  CD2 . TRP A 1 128 ? 8.715   -6.421  5.380   1.00 11.36 ? 105 TRP A CD2 1 
ATOM   760  N  NE1 . TRP A 1 128 ? 10.743  -7.272  5.879   1.00 12.65 ? 105 TRP A NE1 1 
ATOM   761  C  CE2 . TRP A 1 128 ? 10.113  -6.187  5.300   1.00 11.82 ? 105 TRP A CE2 1 
ATOM   762  C  CE3 . TRP A 1 128 ? 7.826   -5.425  4.893   1.00 10.89 ? 105 TRP A CE3 1 
ATOM   763  C  CZ2 . TRP A 1 128 ? 10.630  -5.048  4.687   1.00 11.53 ? 105 TRP A CZ2 1 
ATOM   764  C  CZ3 . TRP A 1 128 ? 8.360   -4.332  4.336   1.00 11.89 ? 105 TRP A CZ3 1 
ATOM   765  C  CH2 . TRP A 1 128 ? 9.724   -4.155  4.212   1.00 11.61 ? 105 TRP A CH2 1 
ATOM   766  N  N   . GLY A 1 129 ? 4.415   -7.533  8.417   1.00 11.10 ? 106 GLY A N   1 
ATOM   767  C  CA  . GLY A 1 129 ? 3.071   -7.925  8.678   1.00 11.68 ? 106 GLY A CA  1 
ATOM   768  C  C   . GLY A 1 129 ? 2.166   -7.713  7.515   1.00 11.60 ? 106 GLY A C   1 
ATOM   769  O  O   . GLY A 1 129 ? 2.564   -7.227  6.458   1.00 11.79 ? 106 GLY A O   1 
ATOM   770  N  N   A GLU A 1 130 ? 0.906   -8.094  7.717   0.50 12.66 ? 107 GLU A N   1 
ATOM   771  N  N   B GLU A 1 130 ? 0.908   -8.073  7.731   0.50 13.66 ? 107 GLU A N   1 
ATOM   772  C  CA  A GLU A 1 130 ? -0.120  -8.047  6.665   0.50 12.18 ? 107 GLU A CA  1 
ATOM   773  C  CA  B GLU A 1 130 ? -0.095  -7.944  6.690   0.50 14.18 ? 107 GLU A CA  1 
ATOM   774  C  C   A GLU A 1 130 ? -1.323  -7.295  7.197   0.50 13.59 ? 107 GLU A C   1 
ATOM   775  C  C   B GLU A 1 130 ? -1.321  -7.271  7.209   0.50 14.60 ? 107 GLU A C   1 
ATOM   776  O  O   A GLU A 1 130 ? -1.685  -7.445  8.377   0.50 16.75 ? 107 GLU A O   1 
ATOM   777  O  O   B GLU A 1 130 ? -1.741  -7.514  8.353   0.50 17.52 ? 107 GLU A O   1 
ATOM   778  C  CB  A GLU A 1 130 ? -0.463  -9.475  6.166   0.50 12.80 ? 107 GLU A CB  1 
ATOM   779  C  CB  B GLU A 1 130 ? -0.465  -9.298  6.100   0.50 17.19 ? 107 GLU A CB  1 
ATOM   780  C  CG  A GLU A 1 130 ? 0.712   -10.063 5.375   0.50 13.45 ? 107 GLU A CG  1 
ATOM   781  C  CG  B GLU A 1 130 ? -1.011  -10.310 7.074   0.50 21.35 ? 107 GLU A CG  1 
ATOM   782  C  CD  A GLU A 1 130 ? 0.500   -11.479 4.840   0.50 15.47 ? 107 GLU A CD  1 
ATOM   783  C  CD  B GLU A 1 130 ? -1.485  -11.540 6.330   0.50 23.89 ? 107 GLU A CD  1 
ATOM   784  O  OE1 A GLU A 1 130 ? -0.354  -12.153 5.385   0.50 20.42 ? 107 GLU A OE1 1 
ATOM   785  O  OE1 B GLU A 1 130 ? -2.699  -11.894 6.450   0.50 22.18 ? 107 GLU A OE1 1 
ATOM   786  O  OE2 A GLU A 1 130 ? 1.220   -11.902 3.912   0.50 18.86 ? 107 GLU A OE2 1 
ATOM   787  O  OE2 B GLU A 1 130 ? -0.633  -12.081 5.563   0.50 26.58 ? 107 GLU A OE2 1 
ATOM   788  N  N   . LYS A 1 131 ? -1.921  -6.467  6.355   1.00 12.27 ? 108 LYS A N   1 
ATOM   789  C  CA  . LYS A 1 131 ? -3.188  -5.824  6.651   1.00 12.87 ? 108 LYS A CA  1 
ATOM   790  C  C   . LYS A 1 131 ? -4.064  -5.920  5.428   1.00 12.80 ? 108 LYS A C   1 
ATOM   791  O  O   . LYS A 1 131 ? -3.636  -5.593  4.354   1.00 12.17 ? 108 LYS A O   1 
ATOM   792  C  CB  . LYS A 1 131 ? -2.990  -4.387  7.026   1.00 13.69 ? 108 LYS A CB  1 
ATOM   793  C  CG  . LYS A 1 131 ? -4.292  -3.608  7.081   1.00 15.73 ? 108 LYS A CG  1 
ATOM   794  C  CD  . LYS A 1 131 ? -4.003  -2.156  7.342   1.00 16.29 ? 108 LYS A CD  1 
ATOM   795  C  CE  . LYS A 1 131 ? -5.205  -1.254  7.138   1.00 16.75 ? 108 LYS A CE  1 
ATOM   796  N  NZ  . LYS A 1 131 ? -6.302  -1.536  8.095   1.00 16.00 ? 108 LYS A NZ  1 
ATOM   797  N  N   . THR A 1 132 ? -5.316  -6.364  5.624   1.00 13.46 ? 109 THR A N   1 
ATOM   798  C  CA  . THR A 1 132 ? -6.255  -6.518  4.503   1.00 13.14 ? 109 THR A CA  1 
ATOM   799  C  C   . THR A 1 132 ? -7.394  -5.578  4.655   1.00 13.83 ? 109 THR A C   1 
ATOM   800  O  O   . THR A 1 132 ? -7.986  -5.429  5.706   1.00 15.53 ? 109 THR A O   1 
ATOM   801  C  CB  . THR A 1 132 ? -6.794  -7.953  4.402   1.00 13.84 ? 109 THR A CB  1 
ATOM   802  O  OG1 . THR A 1 132 ? -5.733  -8.884  4.208   1.00 16.40 ? 109 THR A OG1 1 
ATOM   803  C  CG2 . THR A 1 132 ? -7.763  -8.139  3.289   1.00 16.24 ? 109 THR A CG2 1 
ATOM   804  N  N   . ILE A 1 133 ? -7.663  -4.899  3.560   1.00 11.58 ? 110 ILE A N   1 
ATOM   805  C  CA  . ILE A 1 133 ? -8.861  -4.044  3.416   1.00 11.88 ? 110 ILE A CA  1 
ATOM   806  C  C   . ILE A 1 133 ? -9.791  -4.665  2.372   1.00 12.04 ? 110 ILE A C   1 
ATOM   807  O  O   . ILE A 1 133 ? -9.341  -5.445  1.509   1.00 12.15 ? 110 ILE A O   1 
ATOM   808  C  CB  . ILE A 1 133 ? -8.514  -2.619  2.992   1.00 13.80 ? 110 ILE A CB  1 
ATOM   809  C  CG1 . ILE A 1 133 ? -7.862  -2.525  1.653   1.00 14.11 ? 110 ILE A CG1 1 
ATOM   810  C  CG2 . ILE A 1 133 ? -7.632  -1.930  4.093   1.00 14.60 ? 110 ILE A CG2 1 
ATOM   811  C  CD1 . ILE A 1 133 ? -7.589  -1.133  1.150   1.00 14.42 ? 110 ILE A CD1 1 
ATOM   812  N  N   A GLN A 1 134 ? -11.068 -4.318  2.468   0.50 11.57 ? 111 GLN A N   1 
ATOM   813  N  N   B GLN A 1 134 ? -11.069 -4.302  2.461   0.50 12.53 ? 111 GLN A N   1 
ATOM   814  C  CA  A GLN A 1 134 ? -12.064 -4.757  1.492   0.50 11.37 ? 111 GLN A CA  1 
ATOM   815  C  CA  B GLN A 1 134 ? -12.085 -4.724  1.489   0.50 12.91 ? 111 GLN A CA  1 
ATOM   816  C  C   A GLN A 1 134 ? -12.626 -3.547  0.782   0.50 11.39 ? 111 GLN A C   1 
ATOM   817  C  C   B GLN A 1 134 ? -12.615 -3.521  0.779   0.50 12.36 ? 111 GLN A C   1 
ATOM   818  O  O   A GLN A 1 134 ? -13.261 -2.669  1.424   0.50 10.97 ? 111 GLN A O   1 
ATOM   819  O  O   B GLN A 1 134 ? -13.258 -2.646  1.411   0.50 11.80 ? 111 GLN A O   1 
ATOM   820  C  CB  A GLN A 1 134 ? -13.128 -5.613  2.173   0.50 12.73 ? 111 GLN A CB  1 
ATOM   821  C  CB  B GLN A 1 134 ? -13.239 -5.444  2.167   0.50 15.41 ? 111 GLN A CB  1 
ATOM   822  C  CG  A GLN A 1 134 ? -12.509 -6.859  2.773   0.50 15.13 ? 111 GLN A CG  1 
ATOM   823  C  CG  B GLN A 1 134 ? -12.985 -6.898  2.395   0.50 19.62 ? 111 GLN A CG  1 
ATOM   824  C  CD  A GLN A 1 134 ? -13.532 -7.892  3.208   0.50 19.31 ? 111 GLN A CD  1 
ATOM   825  C  CD  B GLN A 1 134 ? -12.094 -7.158  3.571   0.50 23.44 ? 111 GLN A CD  1 
ATOM   826  O  OE1 A GLN A 1 134 ? -14.336 -7.600  4.028   0.50 22.07 ? 111 GLN A OE1 1 
ATOM   827  O  OE1 B GLN A 1 134 ? -11.208 -8.034  3.529   0.50 28.10 ? 111 GLN A OE1 1 
ATOM   828  N  NE2 A GLN A 1 134 ? -13.453 -9.117  2.668   0.50 22.03 ? 111 GLN A NE2 1 
ATOM   829  N  NE2 B GLN A 1 134 ? -12.323 -6.409  4.650   0.50 23.42 ? 111 GLN A NE2 1 
ATOM   830  N  N   . VAL A 1 135 ? -12.275 -3.351  -0.503  1.00 11.23 ? 112 VAL A N   1 
ATOM   831  C  CA  . VAL A 1 135 ? -12.643 -2.202  -1.308  1.00 11.60 ? 112 VAL A CA  1 
ATOM   832  C  C   . VAL A 1 135 ? -13.226 -2.657  -2.625  1.00 10.44 ? 112 VAL A C   1 
ATOM   833  O  O   . VAL A 1 135 ? -12.816 -3.695  -3.196  1.00 11.96 ? 112 VAL A O   1 
ATOM   834  C  CB  . VAL A 1 135 ? -11.432 -1.228  -1.556  1.00 12.45 ? 112 VAL A CB  1 
ATOM   835  C  CG1 . VAL A 1 135 ? -11.038 -0.599  -0.216  1.00 13.85 ? 112 VAL A CG1 1 
ATOM   836  C  CG2 . VAL A 1 135 ? -10.267 -1.967  -2.211  1.00 13.93 ? 112 VAL A CG2 1 
ATOM   837  N  N   . ALA A 1 136 ? -14.079 -1.837  -3.190  1.00 10.55 ? 113 ALA A N   1 
ATOM   838  C  CA  . ALA A 1 136 ? -14.663 -2.103  -4.525  1.00 11.28 ? 113 ALA A CA  1 
ATOM   839  C  C   . ALA A 1 136 ? -13.656 -1.731  -5.594  1.00 12.04 ? 113 ALA A C   1 
ATOM   840  O  O   . ALA A 1 136 ? -12.986 -0.705  -5.510  1.00 13.60 ? 113 ALA A O   1 
ATOM   841  C  CB  . ALA A 1 136 ? -15.874 -1.259  -4.692  1.00 13.49 ? 113 ALA A CB  1 
ATOM   842  N  N   A MET A 1 137 ? -13.507 -2.632  -6.585  0.50 11.91 ? 114 MET A N   1 
ATOM   843  N  N   B MET A 1 137 ? -13.517 -2.626  -6.588  0.50 12.43 ? 114 MET A N   1 
ATOM   844  C  CA  A MET A 1 137 ? -12.801 -2.304  -7.807  0.50 12.09 ? 114 MET A CA  1 
ATOM   845  C  CA  B MET A 1 137 ? -12.774 -2.311  -7.789  0.50 12.88 ? 114 MET A CA  1 
ATOM   846  C  C   A MET A 1 137 ? -13.534 -2.871  -9.005  0.50 12.52 ? 114 MET A C   1 
ATOM   847  C  C   B MET A 1 137 ? -13.566 -2.813  -9.001  0.50 12.90 ? 114 MET A C   1 
ATOM   848  O  O   A MET A 1 137 ? -14.389 -3.747  -8.850  0.50 14.60 ? 114 MET A O   1 
ATOM   849  O  O   B MET A 1 137 ? -14.559 -3.510  -8.849  0.50 14.21 ? 114 MET A O   1 
ATOM   850  C  CB  A MET A 1 137 ? -11.424 -2.936  -7.804  0.50 11.61 ? 114 MET A CB  1 
ATOM   851  C  CB  B MET A 1 137 ? -11.388 -2.969  -7.733  0.50 13.15 ? 114 MET A CB  1 
ATOM   852  C  CG  A MET A 1 137 ? -10.594 -2.641  -6.538  0.50 11.73 ? 114 MET A CG  1 
ATOM   853  C  CG  B MET A 1 137 ? -10.499 -2.533  -6.516  0.50 13.74 ? 114 MET A CG  1 
ATOM   854  S  SD  A MET A 1 137 ? -8.833  -2.957  -6.883  0.50 12.14 ? 114 MET A SD  1 
ATOM   855  S  SD  B MET A 1 137 ? -8.867  -3.377  -6.436  0.50 14.57 ? 114 MET A SD  1 
ATOM   856  C  CE  A MET A 1 137 ? -8.121  -1.545  -7.493  0.50 11.27 ? 114 MET A CE  1 
ATOM   857  C  CE  B MET A 1 137 ? -7.914  -2.566  -5.227  0.50 17.19 ? 114 MET A CE  1 
ATOM   858  N  N   . ASN A 1 138 ? -13.153 -2.354  -10.165 1.00 13.18 ? 115 ASN A N   1 
ATOM   859  C  CA  . ASN A 1 138 ? -13.745 -2.828  -11.420 1.00 12.94 ? 115 ASN A CA  1 
ATOM   860  C  C   . ASN A 1 138 ? -12.944 -3.955  -12.017 1.00 12.98 ? 115 ASN A C   1 
ATOM   861  O  O   . ASN A 1 138 ? -11.761 -4.172  -11.755 1.00 13.57 ? 115 ASN A O   1 
ATOM   862  C  CB  . ASN A 1 138 ? -13.866 -1.660  -12.381 1.00 14.14 ? 115 ASN A CB  1 
ATOM   863  C  CG  . ASN A 1 138 ? -14.783 -0.580  -11.838 1.00 18.46 ? 115 ASN A CG  1 
ATOM   864  O  OD1 . ASN A 1 138 ? -15.749 -0.874  -11.157 1.00 20.03 ? 115 ASN A OD1 1 
ATOM   865  N  ND2 . ASN A 1 138 ? -14.469 0.637   -12.163 1.00 20.27 ? 115 ASN A ND2 1 
ATOM   866  N  N   . SER A 1 139 ? -13.584 -4.671  -12.953 1.00 13.02 ? 116 SER A N   1 
ATOM   867  C  CA  . SER A 1 139 ? -12.877 -5.487  -13.868 1.00 12.97 ? 116 SER A CA  1 
ATOM   868  C  C   . SER A 1 139 ? -11.981 -4.591  -14.760 1.00 11.86 ? 116 SER A C   1 
ATOM   869  O  O   . SER A 1 139 ? -12.168 -3.424  -14.849 1.00 13.99 ? 116 SER A O   1 
ATOM   870  C  CB  . SER A 1 139 ? -13.846 -6.269  -14.777 1.00 12.98 ? 116 SER A CB  1 
ATOM   871  O  OG  . SER A 1 139 ? -14.550 -5.344  -15.598 1.00 15.14 ? 116 SER A OG  1 
ATOM   872  N  N   . GLY A 1 140 ? -11.003 -5.249  -15.343 1.00 11.67 ? 117 GLY A N   1 
ATOM   873  C  CA  . GLY A 1 140 ? -10.012 -4.558  -16.187 1.00 11.30 ? 117 GLY A CA  1 
ATOM   874  C  C   . GLY A 1 140 ? -9.009  -3.813  -15.306 1.00 11.39 ? 117 GLY A C   1 
ATOM   875  O  O   . GLY A 1 140 ? -8.713  -4.231  -14.200 1.00 13.04 ? 117 GLY A O   1 
ATOM   876  N  N   . VAL A 1 141 ? -8.393  -2.820  -15.902 1.00 11.22 ? 118 VAL A N   1 
ATOM   877  C  CA  . VAL A 1 141 ? -7.294  -2.102  -15.309 1.00 12.20 ? 118 VAL A CA  1 
ATOM   878  C  C   . VAL A 1 141 ? -7.801  -0.971  -14.416 1.00 11.99 ? 118 VAL A C   1 
ATOM   879  O  O   . VAL A 1 141 ? -8.636  -0.189  -14.765 1.00 12.98 ? 118 VAL A O   1 
ATOM   880  C  CB  . VAL A 1 141 ? -6.283  -1.552  -16.365 1.00 12.97 ? 118 VAL A CB  1 
ATOM   881  C  CG1 . VAL A 1 141 ? -5.149  -0.780  -15.686 1.00 14.72 ? 118 VAL A CG1 1 
ATOM   882  C  CG2 . VAL A 1 141 ? -5.734  -2.688  -17.187 1.00 13.87 ? 118 VAL A CG2 1 
ATOM   883  N  N   . ASN A 1 142 ? -7.217  -0.904  -13.185 1.00 11.66 ? 119 ASN A N   1 
ATOM   884  C  CA  . ASN A 1 142 ? -7.603  0.036   -12.157 1.00 12.31 ? 119 ASN A CA  1 
ATOM   885  C  C   . ASN A 1 142 ? -6.330  0.686   -11.590 1.00 12.25 ? 119 ASN A C   1 
ATOM   886  O  O   . ASN A 1 142 ? -5.222  0.160   -11.739 1.00 13.29 ? 119 ASN A O   1 
ATOM   887  C  CB  . ASN A 1 142 ? -8.256  -0.720  -10.940 1.00 12.57 ? 119 ASN A CB  1 
ATOM   888  C  CG  . ASN A 1 142 ? -9.523  -1.460  -11.278 1.00 13.42 ? 119 ASN A CG  1 
ATOM   889  O  OD1 . ASN A 1 142 ? -9.506  -2.537  -11.954 1.00 15.71 ? 119 ASN A OD1 1 
ATOM   890  N  ND2 . ASN A 1 142 ? -10.583 -0.966  -10.811 1.00 11.49 ? 119 ASN A ND2 1 
ATOM   891  N  N   . THR A 1 143 ? -6.569  1.793   -10.911 1.00 12.05 ? 120 THR A N   1 
ATOM   892  C  CA  . THR A 1 143 ? -5.518  2.407   -10.129 1.00 13.19 ? 120 THR A CA  1 
ATOM   893  C  C   . THR A 1 143 ? -5.861  2.351   -8.666  1.00 12.77 ? 120 THR A C   1 
ATOM   894  O  O   . THR A 1 143 ? -7.025  2.307   -8.241  1.00 12.34 ? 120 THR A O   1 
ATOM   895  C  CB  . THR A 1 143 ? -5.272  3.850   -10.521 1.00 14.80 ? 120 THR A CB  1 
ATOM   896  O  OG1 . THR A 1 143 ? -6.367  4.676   -10.185 1.00 15.90 ? 120 THR A OG1 1 
ATOM   897  C  CG2 . THR A 1 143 ? -5.058  4.036   -12.042 1.00 16.12 ? 120 THR A CG2 1 
ATOM   898  N  N   . LEU A 1 144 ? -4.803  2.383   -7.816  1.00 12.35 ? 121 LEU A N   1 
ATOM   899  C  CA  . LEU A 1 144 ? -4.930  2.432   -6.351  1.00 12.53 ? 121 LEU A CA  1 
ATOM   900  C  C   . LEU A 1 144 ? -3.801  3.301   -5.837  1.00 12.00 ? 121 LEU A C   1 
ATOM   901  O  O   . LEU A 1 144 ? -2.651  3.083   -6.223  1.00 12.42 ? 121 LEU A O   1 
ATOM   902  C  CB  . LEU A 1 144 ? -4.892  1.039   -5.739  1.00 13.52 ? 121 LEU A CB  1 
ATOM   903  C  CG  . LEU A 1 144 ? -5.278  0.940   -4.241  1.00 15.96 ? 121 LEU A CG  1 
ATOM   904  C  CD1 . LEU A 1 144 ? -5.952  -0.382  -3.933  1.00 19.91 ? 121 LEU A CD1 1 
ATOM   905  C  CD2 . LEU A 1 144 ? -4.027  1.116   -3.447  1.00 16.75 ? 121 LEU A CD2 1 
ATOM   906  N  N   A ARG A 1 145 ? -4.114  4.294   -5.019  0.50 11.20 ? 122 ARG A N   1 
ATOM   907  N  N   B ARG A 1 145 ? -4.114  4.270   -5.005  0.50 10.92 ? 122 ARG A N   1 
ATOM   908  C  CA  A ARG A 1 145 ? -3.106  5.247   -4.489  0.50 12.58 ? 122 ARG A CA  1 
ATOM   909  C  CA  B ARG A 1 145 ? -3.091  5.170   -4.471  0.50 12.07 ? 122 ARG A CA  1 
ATOM   910  C  C   A ARG A 1 145 ? -3.246  5.298   -2.965  0.50 12.53 ? 122 ARG A C   1 
ATOM   911  C  C   B ARG A 1 145 ? -3.250  5.225   -2.952  0.50 12.21 ? 122 ARG A C   1 
ATOM   912  O  O   A ARG A 1 145 ? -4.357  5.478   -2.459  0.50 11.83 ? 122 ARG A O   1 
ATOM   913  O  O   B ARG A 1 145 ? -4.368  5.296   -2.437  0.50 11.58 ? 122 ARG A O   1 
ATOM   914  C  CB  A ARG A 1 145 ? -3.301  6.669   -5.068  0.50 14.59 ? 122 ARG A CB  1 
ATOM   915  C  CB  B ARG A 1 145 ? -3.228  6.561   -5.092  0.50 13.55 ? 122 ARG A CB  1 
ATOM   916  C  CG  A ARG A 1 145 ? -2.339  7.731   -4.527  0.50 15.73 ? 122 ARG A CG  1 
ATOM   917  C  CG  B ARG A 1 145 ? -2.114  7.539   -4.764  0.50 13.99 ? 122 ARG A CG  1 
ATOM   918  C  CD  A ARG A 1 145 ? -2.660  9.199   -4.957  0.50 18.89 ? 122 ARG A CD  1 
ATOM   919  C  CD  B ARG A 1 145 ? -2.167  8.753   -5.710  0.50 15.97 ? 122 ARG A CD  1 
ATOM   920  N  NE  A ARG A 1 145 ? -1.449  9.936   -5.388  0.50 24.49 ? 122 ARG A NE  1 
ATOM   921  N  NE  B ARG A 1 145 ? -3.465  9.405   -5.552  0.50 18.44 ? 122 ARG A NE  1 
ATOM   922  C  CZ  A ARG A 1 145 ? -1.003  11.096  -4.897  0.50 27.02 ? 122 ARG A CZ  1 
ATOM   923  C  CZ  B ARG A 1 145 ? -3.689  10.530  -4.882  0.50 21.36 ? 122 ARG A CZ  1 
ATOM   924  N  NH1 A ARG A 1 145 ? -1.678  11.732  -3.940  0.50 30.81 ? 122 ARG A NH1 1 
ATOM   925  N  NH1 B ARG A 1 145 ? -2.662  11.215  -4.390  0.50 23.78 ? 122 ARG A NH1 1 
ATOM   926  N  NH2 A ARG A 1 145 ? 0.117   11.641  -5.374  0.50 21.85 ? 122 ARG A NH2 1 
ATOM   927  N  NH2 B ARG A 1 145 ? -4.905  11.013  -4.778  0.50 21.99 ? 122 ARG A NH2 1 
ATOM   928  N  N   . ILE A 1 146 ? -2.130  5.186   -2.248  1.00 11.03 ? 123 ILE A N   1 
ATOM   929  C  CA  . ILE A 1 146 ? -2.101  5.303   -0.796  1.00 10.52 ? 123 ILE A CA  1 
ATOM   930  C  C   . ILE A 1 146 ? -1.236  6.478   -0.442  1.00 10.27 ? 123 ILE A C   1 
ATOM   931  O  O   . ILE A 1 146 ? -0.174  6.700   -1.033  1.00 11.31 ? 123 ILE A O   1 
ATOM   932  C  CB  . ILE A 1 146 ? -1.661  4.016   -0.097  1.00 11.35 ? 123 ILE A CB  1 
ATOM   933  C  CG1 . ILE A 1 146 ? -0.212  3.607   -0.452  1.00 11.43 ? 123 ILE A CG1 1 
ATOM   934  C  CG2 . ILE A 1 146 ? -2.617  2.922   -0.423  1.00 12.17 ? 123 ILE A CG2 1 
ATOM   935  C  CD1 . ILE A 1 146 ? 0.180   2.324   0.256   1.00 13.09 ? 123 ILE A CD1 1 
ATOM   936  N  N   . VAL A 1 147 ? -1.708  7.274   0.495   1.00 10.49 ? 124 VAL A N   1 
ATOM   937  C  CA  . VAL A 1 147 ? -1.162  8.638   0.784   1.00 11.07 ? 124 VAL A CA  1 
ATOM   938  C  C   . VAL A 1 147 ? -1.042  8.937   2.247   1.00 10.69 ? 124 VAL A C   1 
ATOM   939  O  O   . VAL A 1 147 ? -1.981  8.655   3.005   1.00 10.56 ? 124 VAL A O   1 
ATOM   940  C  CB  . VAL A 1 147 ? -2.055  9.746   0.104   1.00 12.00 ? 124 VAL A CB  1 
ATOM   941  C  CG1 . VAL A 1 147 ? -1.338  11.085  0.152   1.00 11.68 ? 124 VAL A CG1 1 
ATOM   942  C  CG2 . VAL A 1 147 ? -2.446  9.358   -1.302  1.00 12.62 ? 124 VAL A CG2 1 
ATOM   943  N  N   . THR A 1 148 ? 0.108   9.467   2.684   1.00 10.91 ? 125 THR A N   1 
ATOM   944  C  CA  . THR A 1 148 ? 0.228   9.874   4.068   1.00 11.10 ? 125 THR A CA  1 
ATOM   945  C  C   . THR A 1 148 ? -0.621  11.148  4.358   1.00 10.51 ? 125 THR A C   1 
ATOM   946  O  O   . THR A 1 148 ? -0.864  11.929  3.412   1.00 11.23 ? 125 THR A O   1 
ATOM   947  C  CB  . THR A 1 148 ? 1.716   10.021  4.488   1.00 9.93  ? 125 THR A CB  1 
ATOM   948  O  OG1 . THR A 1 148 ? 2.295   11.124  3.780   1.00 11.17 ? 125 THR A OG1 1 
ATOM   949  C  CG2 . THR A 1 148 ? 2.490   8.773   4.190   1.00 10.36 ? 125 THR A CG2 1 
ATOM   950  N  N   . THR A 1 149 ? -1.001  11.297  5.611   1.00 11.04 ? 126 THR A N   1 
ATOM   951  C  CA  . THR A 1 149 ? -2.003  12.300  6.016   1.00 11.46 ? 126 THR A CA  1 
ATOM   952  C  C   . THR A 1 149 ? -1.620  13.000  7.279   1.00 11.73 ? 126 THR A C   1 
ATOM   953  O  O   . THR A 1 149 ? -2.437  13.732  7.841   1.00 14.50 ? 126 THR A O   1 
ATOM   954  C  CB  . THR A 1 149 ? -3.337  11.640  6.186   1.00 12.55 ? 126 THR A CB  1 
ATOM   955  O  OG1 . THR A 1 149 ? -3.286  10.731  7.287   1.00 13.33 ? 126 THR A OG1 1 
ATOM   956  C  CG2 . THR A 1 149 ? -3.803  10.945  4.905   1.00 13.98 ? 126 THR A CG2 1 
ATOM   957  N  N   . GLY A 1 150 ? -0.394  12.772  7.763   1.00 11.13 ? 127 GLY A N   1 
ATOM   958  C  CA  . GLY A 1 150 ? 0.047   13.444  8.979   1.00 10.86 ? 127 GLY A CA  1 
ATOM   959  C  C   . GLY A 1 150 ? 0.825   12.584  9.950   1.00 12.38 ? 127 GLY A C   1 
ATOM   960  O  O   . GLY A 1 150 ? 1.486   13.113  10.885  1.00 12.88 ? 127 GLY A O   1 
ATOM   961  N  N   . THR A 1 151 ? 0.858   11.263  9.754   1.00 11.31 ? 128 THR A N   1 
ATOM   962  C  CA  . THR A 1 151 ? 1.580   10.346  10.631  1.00 10.46 ? 128 THR A CA  1 
ATOM   963  C  C   . THR A 1 151 ? 2.639   9.558   9.829   1.00 10.45 ? 128 THR A C   1 
ATOM   964  O  O   . THR A 1 151 ? 3.225   8.606   10.323  1.00 11.89 ? 128 THR A O   1 
ATOM   965  C  CB  . THR A 1 151 ? 0.642   9.387   11.405  1.00 11.68 ? 128 THR A CB  1 
ATOM   966  O  OG1 . THR A 1 151 ? -0.318  8.824   10.497  1.00 12.11 ? 128 THR A OG1 1 
ATOM   967  C  CG2 . THR A 1 151 ? -0.082  10.165  12.491  1.00 12.36 ? 128 THR A CG2 1 
ATOM   968  N  N   . GLU A 1 152 ? 2.978   10.025  8.617   1.00 10.13 ? 129 GLU A N   1 
ATOM   969  C  CA  . GLU A 1 152 ? 3.975   9.301   7.812   1.00 11.03 ? 129 GLU A CA  1 
ATOM   970  C  C   . GLU A 1 152 ? 3.382   7.972   7.413   1.00 10.80 ? 129 GLU A C   1 
ATOM   971  O  O   . GLU A 1 152 ? 2.178   7.784   7.413   1.00 11.79 ? 129 GLU A O   1 
ATOM   972  C  CB  . GLU A 1 152 ? 5.371   9.290   8.467   1.00 10.86 ? 129 GLU A CB  1 
ATOM   973  C  CG  . GLU A 1 152 ? 6.527   9.673   7.525   1.00 11.44 ? 129 GLU A CG  1 
ATOM   974  C  CD  . GLU A 1 152 ? 7.481   8.574   7.239   1.00 11.79 ? 129 GLU A CD  1 
ATOM   975  O  OE1 . GLU A 1 152 ? 7.042   7.439   6.884   1.00 11.33 ? 129 GLU A OE1 1 
ATOM   976  O  OE2 . GLU A 1 152 ? 8.740   8.800   7.210   1.00 12.31 ? 129 GLU A OE2 1 
ATOM   977  N  N   . GLY A 1 153 ? 4.193   7.015   7.014   1.00 10.37 ? 130 GLY A N   1 
ATOM   978  C  CA  . GLY A 1 153 ? 3.639   5.759   6.519   1.00 11.38 ? 130 GLY A CA  1 
ATOM   979  C  C   . GLY A 1 153 ? 4.492   4.572   6.953   1.00 11.25 ? 130 GLY A C   1 
ATOM   980  O  O   . GLY A 1 153 ? 5.670   4.688   7.256   1.00 11.27 ? 130 GLY A O   1 
ATOM   981  N  N   . PRO A 1 154 ? 3.886   3.388   6.899   1.00 11.15 ? 131 PRO A N   1 
ATOM   982  C  CA  . PRO A 1 154 ? 4.674   2.162   7.068   1.00 11.11 ? 131 PRO A CA  1 
ATOM   983  C  C   . PRO A 1 154 ? 5.624   1.966   5.905   1.00 10.58 ? 131 PRO A C   1 
ATOM   984  O  O   . PRO A 1 154 ? 5.375   2.443   4.786   1.00 10.79 ? 131 PRO A O   1 
ATOM   985  C  CB  . PRO A 1 154 ? 3.591   1.069   7.092   1.00 11.97 ? 131 PRO A CB  1 
ATOM   986  C  CG  . PRO A 1 154 ? 2.559   1.628   6.189   1.00 12.08 ? 131 PRO A CG  1 
ATOM   987  C  CD  . PRO A 1 154 ? 2.516   3.110   6.477   1.00 12.03 ? 131 PRO A CD  1 
ATOM   988  N  N   . ASN A 1 155 ? 6.703   1.203   6.075   1.00 10.45 ? 132 ASN A N   1 
ATOM   989  C  CA  . ASN A 1 155 ? 7.459   0.764   4.921   1.00 10.69 ? 132 ASN A CA  1 
ATOM   990  C  C   . ASN A 1 155 ? 6.663   -0.287  4.189   1.00 10.17 ? 132 ASN A C   1 
ATOM   991  O  O   . ASN A 1 155 ? 6.136   -1.201  4.793   1.00 10.87 ? 132 ASN A O   1 
ATOM   992  C  CB  . ASN A 1 155 ? 8.818   0.220   5.234   1.00 11.08 ? 132 ASN A CB  1 
ATOM   993  C  CG  . ASN A 1 155 ? 9.783   1.278   5.772   1.00 11.92 ? 132 ASN A CG  1 
ATOM   994  O  OD1 . ASN A 1 155 ? 9.596   2.478   5.662   1.00 12.30 ? 132 ASN A OD1 1 
ATOM   995  N  ND2 . ASN A 1 155 ? 10.862  0.764   6.417   1.00 10.86 ? 132 ASN A ND2 1 
ATOM   996  N  N   . MET A 1 156 ? 6.463   -0.068  2.886   1.00 9.96  ? 133 MET A N   1 
ATOM   997  C  CA  . MET A 1 156 ? 5.496   -0.869  2.106   1.00 9.59  ? 133 MET A CA  1 
ATOM   998  C  C   . MET A 1 156 ? 6.162   -1.793  1.134   1.00 10.13 ? 133 MET A C   1 
ATOM   999  O  O   . MET A 1 156 ? 6.915   -1.303  0.256   1.00 9.58  ? 133 MET A O   1 
ATOM   1000 C  CB  . MET A 1 156 ? 4.552   0.118   1.367   1.00 11.85 ? 133 MET A CB  1 
ATOM   1001 C  CG  . MET A 1 156 ? 3.389   -0.508  0.681   1.00 11.48 ? 133 MET A CG  1 
ATOM   1002 S  SD  . MET A 1 156 ? 2.317   -1.443  1.786   1.00 13.43 ? 133 MET A SD  1 
ATOM   1003 C  CE  . MET A 1 156 ? 1.727   -0.196  2.778   1.00 13.96 ? 133 MET A CE  1 
ATOM   1004 N  N   . ASP A 1 157 ? 5.898   -3.060  1.258   1.00 10.19 ? 134 ASP A N   1 
ATOM   1005 C  CA  . ASP A 1 157 ? 6.586   -4.062  0.428   1.00 10.17 ? 134 ASP A CA  1 
ATOM   1006 C  C   . ASP A 1 157 ? 5.856   -4.352  -0.899  1.00 10.86 ? 134 ASP A C   1 
ATOM   1007 O  O   . ASP A 1 157 ? 6.446   -4.329  -1.965  1.00 11.82 ? 134 ASP A O   1 
ATOM   1008 C  CB  . ASP A 1 157 ? 6.780   -5.337  1.241   1.00 10.35 ? 134 ASP A CB  1 
ATOM   1009 C  CG  . ASP A 1 157 ? 7.622   -6.385  0.504   1.00 11.38 ? 134 ASP A CG  1 
ATOM   1010 O  OD1 . ASP A 1 157 ? 8.345   -5.969  -0.400  1.00 12.49 ? 134 ASP A OD1 1 
ATOM   1011 O  OD2 . ASP A 1 157 ? 7.574   -7.532  0.924   1.00 13.84 ? 134 ASP A OD2 1 
ATOM   1012 N  N   . ASN A 1 158 ? 4.508   -4.749  -0.722  1.00 10.38 ? 135 ASN A N   1 
ATOM   1013 C  CA  . ASN A 1 158 ? 3.718   -5.095  -1.930  1.00 10.51 ? 135 ASN A CA  1 
ATOM   1014 C  C   . ASN A 1 158 ? 2.225   -5.021  -1.612  1.00 11.51 ? 135 ASN A C   1 
ATOM   1015 O  O   . ASN A 1 158 ? 1.878   -4.868  -0.426  1.00 10.88 ? 135 ASN A O   1 
ATOM   1016 C  CB  . ASN A 1 158 ? 4.155   -6.506  -2.452  1.00 10.88 ? 135 ASN A CB  1 
ATOM   1017 C  CG  . ASN A 1 158 ? 3.858   -7.647  -1.469  1.00 11.74 ? 135 ASN A CG  1 
ATOM   1018 O  OD1 . ASN A 1 158 ? 2.806   -7.612  -0.705  1.00 17.41 ? 135 ASN A OD1 1 
ATOM   1019 N  ND2 . ASN A 1 158 ? 4.750   -8.503  -1.321  1.00 10.78 ? 135 ASN A ND2 1 
ATOM   1020 N  N   . ILE A 1 159 ? 1.357   -5.246  -2.458  1.00 10.93 ? 136 ILE A N   1 
ATOM   1021 C  CA  . ILE A 1 159 ? -0.035  -5.583  -2.211  1.00 11.15 ? 136 ILE A CA  1 
ATOM   1022 C  C   . ILE A 1 159 ? -0.377  -6.850  -2.956  1.00 11.46 ? 136 ILE A C   1 
ATOM   1023 O  O   . ILE A 1 159 ? 0.211   -7.173  -4.002  1.00 12.16 ? 136 ILE A O   1 
ATOM   1024 C  CB  . ILE A 1 159 ? -1.013  -4.471  -2.612  1.00 11.50 ? 136 ILE A CB  1 
ATOM   1025 C  CG1 . ILE A 1 159 ? -0.749  -4.024  -4.063  1.00 13.03 ? 136 ILE A CG1 1 
ATOM   1026 C  CG2 . ILE A 1 159 ? -0.826  -3.275  -1.677  1.00 12.71 ? 136 ILE A CG2 1 
ATOM   1027 C  CD1 . ILE A 1 159 ? -1.753  -3.057  -4.600  1.00 14.10 ? 136 ILE A CD1 1 
ATOM   1028 N  N   . THR A 1 160 ? -1.318  -7.591  -2.401  1.00 11.17 ? 137 THR A N   1 
ATOM   1029 C  CA  . THR A 1 160 ? -1.888  -8.777  -3.065  1.00 12.40 ? 137 THR A CA  1 
ATOM   1030 C  C   . THR A 1 160 ? -3.380  -8.570  -3.137  1.00 12.79 ? 137 THR A C   1 
ATOM   1031 O  O   . THR A 1 160 ? -4.036  -8.270  -2.149  1.00 13.83 ? 137 THR A O   1 
ATOM   1032 C  CB  . THR A 1 160 ? -1.566  -10.041 -2.295  1.00 13.37 ? 137 THR A CB  1 
ATOM   1033 O  OG1 . THR A 1 160 ? -0.146  -10.204 -2.236  1.00 14.03 ? 137 THR A OG1 1 
ATOM   1034 C  CG2 . THR A 1 160 ? -2.155  -11.266 -3.062  1.00 13.93 ? 137 THR A CG2 1 
ATOM   1035 N  N   . VAL A 1 161 ? -3.922  -8.668  -4.367  1.00 11.68 ? 138 VAL A N   1 
ATOM   1036 C  CA  . VAL A 1 161 ? -5.343  -8.399  -4.594  1.00 11.75 ? 138 VAL A CA  1 
ATOM   1037 C  C   . VAL A 1 161 ? -6.040  -9.696  -4.943  1.00 11.91 ? 138 VAL A C   1 
ATOM   1038 O  O   . VAL A 1 161 ? -5.537  -10.438 -5.838  1.00 12.81 ? 138 VAL A O   1 
ATOM   1039 C  CB  . VAL A 1 161 ? -5.526  -7.389  -5.771  1.00 11.90 ? 138 VAL A CB  1 
ATOM   1040 C  CG1 . VAL A 1 161 ? -7.015  -7.120  -6.047  1.00 12.90 ? 138 VAL A CG1 1 
ATOM   1041 C  CG2 . VAL A 1 161 ? -4.756  -6.111  -5.478  1.00 12.17 ? 138 VAL A CG2 1 
ATOM   1042 N  N   . THR A 1 162 ? -7.105  -10.019 -4.260  1.00 11.84 ? 139 THR A N   1 
ATOM   1043 C  CA  . THR A 1 162 ? -7.942  -11.178 -4.584  1.00 12.86 ? 139 THR A CA  1 
ATOM   1044 C  C   . THR A 1 162 ? -9.395  -10.761 -4.565  1.00 14.03 ? 139 THR A C   1 
ATOM   1045 O  O   . THR A 1 162 ? -9.789  -9.787  -3.938  1.00 13.28 ? 139 THR A O   1 
ATOM   1046 C  CB  . THR A 1 162 ? -7.747  -12.297 -3.541  1.00 14.68 ? 139 THR A CB  1 
ATOM   1047 O  OG1 . THR A 1 162 ? -7.917  -11.760 -2.220  1.00 16.67 ? 139 THR A OG1 1 
ATOM   1048 C  CG2 . THR A 1 162 ? -6.367  -12.865 -3.611  1.00 16.06 ? 139 THR A CG2 1 
ATOM   1049 N  N   . ALA A 1 163 ? -10.265 -11.541 -5.216  1.00 14.03 ? 140 ALA A N   1 
ATOM   1050 C  CA  . ALA A 1 163 ? -11.678 -11.278 -5.120  1.00 16.86 ? 140 ALA A CA  1 
ATOM   1051 C  C   . ALA A 1 163 ? -12.177 -11.713 -3.744  1.00 18.32 ? 140 ALA A C   1 
ATOM   1052 O  O   . ALA A 1 163 ? -11.762 -12.728 -3.205  1.00 18.62 ? 140 ALA A O   1 
ATOM   1053 C  CB  . ALA A 1 163 ? -12.344 -12.111 -6.209  1.00 17.60 ? 140 ALA A CB  1 
ATOM   1054 N  N   . SER A 1 164 ? -13.008 -10.886 -3.133  1.00 18.78 ? 141 SER A N   1 
ATOM   1055 C  CA  . SER A 1 164 ? -13.478 -11.165 -1.777  1.00 22.77 ? 141 SER A CA  1 
ATOM   1056 C  C   . SER A 1 164 ? -14.424 -12.348 -1.744  1.00 27.29 ? 141 SER A C   1 
ATOM   1057 O  O   . SER A 1 164 ? -15.075 -12.681 -2.707  1.00 29.52 ? 141 SER A O   1 
ATOM   1058 C  CB  . SER A 1 164 ? -14.166 -9.951  -1.159  1.00 22.86 ? 141 SER A CB  1 
ATOM   1059 O  OG  . SER A 1 164 ? -13.221 -8.893  -0.949  1.00 28.08 ? 141 SER A OG  1 
ATOM   1060 O  OXT . SER A 1 164 ? -14.521 -12.997 -0.699  1.00 30.65 ? 141 SER A OXT 1 
HETATM 1061 C  C1  . GCU B 2 .   ? 13.868  4.879   9.868   1.00 14.41 ? 201 GCU A C1  1 
HETATM 1062 C  C2  . GCU B 2 .   ? 13.866  3.653   9.007   1.00 12.94 ? 201 GCU A C2  1 
HETATM 1063 C  C3  . GCU B 2 .   ? 13.008  3.859   7.794   1.00 11.95 ? 201 GCU A C3  1 
HETATM 1064 C  C4  . GCU B 2 .   ? 11.580  4.339   8.198   1.00 11.19 ? 201 GCU A C4  1 
HETATM 1065 C  C5  . GCU B 2 .   ? 11.733  5.571   9.055   1.00 12.43 ? 201 GCU A C5  1 
HETATM 1066 C  C6  . GCU B 2 .   ? 10.371  6.002   9.584   1.00 11.81 ? 201 GCU A C6  1 
HETATM 1067 O  O1  . GCU B 2 .   ? 14.486  5.919   9.204   1.00 19.55 ? 201 GCU A O1  1 
HETATM 1068 O  O2  . GCU B 2 .   ? 15.229  3.358   8.661   1.00 15.64 ? 201 GCU A O2  1 
HETATM 1069 O  O3  . GCU B 2 .   ? 12.927  2.680   7.019   1.00 11.87 ? 201 GCU A O3  1 
HETATM 1070 O  O4  . GCU B 2 .   ? 10.822  4.666   6.993   1.00 11.58 ? 201 GCU A O4  1 
HETATM 1071 O  O5  . GCU B 2 .   ? 12.545  5.255   10.194  1.00 12.97 ? 201 GCU A O5  1 
HETATM 1072 O  O6A . GCU B 2 .   ? 9.469   6.330   8.769   1.00 12.56 ? 201 GCU A O6A 1 
HETATM 1073 O  O6B . GCU B 2 .   ? 10.173  6.068   10.801  1.00 13.30 ? 201 GCU A O6B 1 
HETATM 1074 CA CA  . CA  C 3 .   ? 8.741   -5.346  -2.574  1.00 11.94 ? 202 CA  A CA  1 
HETATM 1075 CA CA  . CA  D 3 .   ? 9.446   6.648   6.391   1.00 11.89 ? 203 CA  A CA  1 
HETATM 1076 C  C1  . BDP E 4 .   ? -7.726  -12.226 -10.985 1.00 18.37 ? 204 BDP A C1  1 
HETATM 1077 C  C2  . BDP E 4 .   ? -6.547  -11.444 -10.462 1.00 16.18 ? 204 BDP A C2  1 
HETATM 1078 C  C3  . BDP E 4 .   ? -6.841  -11.097 -9.010  1.00 15.19 ? 204 BDP A C3  1 
HETATM 1079 C  C4  . BDP E 4 .   ? -8.129  -10.327 -8.972  1.00 15.58 ? 204 BDP A C4  1 
HETATM 1080 C  C5  . BDP E 4 .   ? -9.236  -11.198 -9.568  1.00 15.65 ? 204 BDP A C5  1 
HETATM 1081 C  C6  . BDP E 4 .   ? -10.544 -10.512 -9.521  1.00 18.45 ? 204 BDP A C6  1 
HETATM 1082 O  O2  . BDP E 4 .   ? -5.395  -12.293 -10.471 1.00 17.92 ? 204 BDP A O2  1 
HETATM 1083 O  O3  . BDP E 4 .   ? -5.728  -10.299 -8.521  1.00 14.68 ? 204 BDP A O3  1 
HETATM 1084 O  O4  . BDP E 4 .   ? -8.468  -10.110 -7.568  1.00 16.71 ? 204 BDP A O4  1 
HETATM 1085 O  O5  . BDP E 4 .   ? -8.870  -11.349 -10.957 1.00 16.08 ? 204 BDP A O5  1 
HETATM 1086 O  O6A . BDP E 4 .   ? -11.267 -10.436 -10.543 1.00 17.99 ? 204 BDP A O6A 1 
HETATM 1087 O  O1  . BDP E 4 .   ? -7.513  -12.597 -12.297 1.00 26.18 ? 204 BDP A O1  1 
HETATM 1088 O  O6B . BDP E 4 .   ? -10.946 -10.006 -8.462  1.00 17.30 ? 204 BDP A O6B 1 
HETATM 1089 O  O   . HOH F 5 .   ? -6.244  5.870   -7.434  1.00 8.94  ? 301 HOH A O   1 
HETATM 1090 O  O   . HOH F 5 .   ? 16.183  -9.689  2.290   1.00 20.28 ? 302 HOH A O   1 
HETATM 1091 O  O   . HOH F 5 .   ? 0.200   0.264   16.610  1.00 16.94 ? 303 HOH A O   1 
HETATM 1092 O  O   . HOH F 5 .   ? 7.992   4.761   5.701   1.00 11.70 ? 304 HOH A O   1 
HETATM 1093 O  O   . HOH F 5 .   ? -14.936 -9.177  -6.582  1.00 17.10 ? 305 HOH A O   1 
HETATM 1094 O  O   . HOH F 5 .   ? 11.481  7.964   6.447   1.00 13.74 ? 306 HOH A O   1 
HETATM 1095 O  O   . HOH F 5 .   ? -2.388  10.504  9.931   1.00 14.94 ? 307 HOH A O   1 
HETATM 1096 O  O   . HOH F 5 .   ? -11.177 -0.997  -15.395 1.00 15.95 ? 308 HOH A O   1 
HETATM 1097 O  O   . HOH F 5 .   ? 0.011   9.440   7.538   1.00 11.27 ? 309 HOH A O   1 
HETATM 1098 O  O   . HOH F 5 .   ? 2.470   8.875   -6.206  1.00 16.40 ? 310 HOH A O   1 
HETATM 1099 O  O   . HOH F 5 .   ? 0.594   -8.829  0.089   1.00 14.06 ? 311 HOH A O   1 
HETATM 1100 O  O   . HOH F 5 .   ? 11.137  -2.103  6.526   1.00 12.25 ? 312 HOH A O   1 
HETATM 1101 O  O   . HOH F 5 .   ? -10.474 4.306   7.690   1.00 14.57 ? 313 HOH A O   1 
HETATM 1102 O  O   . HOH F 5 .   ? 4.828   5.487   14.098  1.00 15.78 ? 314 HOH A O   1 
HETATM 1103 O  O   . HOH F 5 .   ? 8.235   -8.025  15.719  1.00 15.55 ? 315 HOH A O   1 
HETATM 1104 O  O   . HOH F 5 .   ? -6.121  -6.737  -19.431 1.00 14.29 ? 316 HOH A O   1 
HETATM 1105 O  O   . HOH F 5 .   ? 14.219  7.160   6.522   1.00 17.83 ? 317 HOH A O   1 
HETATM 1106 O  O   . HOH F 5 .   ? 10.100  10.453  8.730   1.00 18.82 ? 318 HOH A O   1 
HETATM 1107 O  O   . HOH F 5 .   ? -13.969 1.737   0.661   1.00 15.24 ? 319 HOH A O   1 
HETATM 1108 O  O   . HOH F 5 .   ? 1.445   -12.376 -8.580  1.00 21.21 ? 320 HOH A O   1 
HETATM 1109 O  O   . HOH F 5 .   ? -5.604  -10.521 -1.140  1.00 16.48 ? 321 HOH A O   1 
HETATM 1110 O  O   . HOH F 5 .   ? -11.809 -3.383  5.021   1.00 18.60 ? 322 HOH A O   1 
HETATM 1111 O  O   . HOH F 5 .   ? 4.930   -6.276  -9.319  1.00 20.12 ? 323 HOH A O   1 
HETATM 1112 O  O   . HOH F 5 .   ? -8.832  11.639  4.941   1.00 19.78 ? 324 HOH A O   1 
HETATM 1113 O  O   . HOH F 5 .   ? -5.458  -7.636  -9.304  1.00 13.98 ? 325 HOH A O   1 
HETATM 1114 O  O   . HOH F 5 .   ? -13.341 3.939   -6.539  1.00 17.45 ? 326 HOH A O   1 
HETATM 1115 O  O   . HOH F 5 .   ? 2.577   7.031   14.685  1.00 19.56 ? 327 HOH A O   1 
HETATM 1116 O  O   . HOH F 5 .   ? 9.732   13.005  7.718   1.00 14.04 ? 328 HOH A O   1 
HETATM 1117 O  O   . HOH F 5 .   ? 18.387  1.317   0.937   1.00 23.49 ? 329 HOH A O   1 
HETATM 1118 O  O   . HOH F 5 .   ? -2.783  -2.807  10.689  1.00 22.83 ? 330 HOH A O   1 
HETATM 1119 O  O   . HOH F 5 .   ? 4.749   16.252  1.210   1.00 18.35 ? 331 HOH A O   1 
HETATM 1120 O  O   . HOH F 5 .   ? 0.617   5.516   17.525  1.00 25.28 ? 332 HOH A O   1 
HETATM 1121 O  O   . HOH F 5 .   ? -4.910  12.132  0.802   1.00 18.41 ? 333 HOH A O   1 
HETATM 1122 O  O   . HOH F 5 .   ? -17.665 -8.421  -13.316 1.00 23.68 ? 334 HOH A O   1 
HETATM 1123 O  O   . HOH F 5 .   ? 3.865   8.824   12.994  1.00 16.19 ? 335 HOH A O   1 
HETATM 1124 O  O   . HOH F 5 .   ? 3.757   -3.287  -9.170  1.00 23.36 ? 336 HOH A O   1 
HETATM 1125 O  O   . HOH F 5 .   ? -13.796 2.333   -8.841  1.00 19.16 ? 337 HOH A O   1 
HETATM 1126 O  O   . HOH F 5 .   ? 13.311  -10.224 -2.460  1.00 25.30 ? 338 HOH A O   1 
HETATM 1127 O  O   . HOH F 5 .   ? 3.919   -11.291 -0.208  1.00 20.28 ? 339 HOH A O   1 
HETATM 1128 O  O   . HOH F 5 .   ? -11.946 11.771  -3.799  1.00 24.80 ? 340 HOH A O   1 
HETATM 1129 O  O   . HOH F 5 .   ? -12.496 1.173   -14.180 1.00 27.76 ? 341 HOH A O   1 
HETATM 1130 O  O   . HOH F 5 .   ? -7.796  -3.900  7.912   1.00 20.55 ? 342 HOH A O   1 
HETATM 1131 O  O   . HOH F 5 .   ? 13.467  5.599   -5.291  1.00 22.86 ? 343 HOH A O   1 
HETATM 1132 O  O   . HOH F 5 .   ? 8.487   12.971  -5.344  1.00 28.60 ? 344 HOH A O   1 
HETATM 1133 O  O   . HOH F 5 .   ? -18.121 -8.673  -4.744  1.00 26.82 ? 345 HOH A O   1 
HETATM 1134 O  O   . HOH F 5 .   ? -2.817  13.577  2.340   1.00 20.30 ? 346 HOH A O   1 
HETATM 1135 O  O   . HOH F 5 .   ? -4.215  -9.482  6.451   1.00 25.86 ? 347 HOH A O   1 
HETATM 1136 O  O   . HOH F 5 .   ? 7.971   7.416   -9.294  1.00 19.97 ? 348 HOH A O   1 
HETATM 1137 O  O   . HOH F 5 .   ? -6.137  -7.186  8.284   1.00 27.11 ? 349 HOH A O   1 
HETATM 1138 O  O   . HOH F 5 .   ? -18.360 -3.586  -3.784  1.00 24.54 ? 350 HOH A O   1 
HETATM 1139 O  O   . HOH F 5 .   ? -13.650 1.751   -4.628  1.00 19.57 ? 351 HOH A O   1 
HETATM 1140 O  O   . HOH F 5 .   ? 0.440   -9.622  10.164  1.00 26.78 ? 352 HOH A O   1 
HETATM 1141 O  O   . HOH F 5 .   ? -15.899 4.539   0.846   1.00 21.59 ? 353 HOH A O   1 
HETATM 1142 O  O   . HOH F 5 .   ? 7.880   3.342   13.743  1.00 23.15 ? 354 HOH A O   1 
HETATM 1143 O  O   . HOH F 5 .   ? -2.151  -4.733  -16.768 1.00 20.33 ? 355 HOH A O   1 
HETATM 1144 O  O   . HOH F 5 .   ? 10.542  -11.987 -4.266  1.00 31.37 ? 356 HOH A O   1 
HETATM 1145 O  O   . HOH F 5 .   ? 9.922   16.316  -3.299  1.00 28.02 ? 357 HOH A O   1 
HETATM 1146 O  O   . HOH F 5 .   ? 18.488  -5.997  3.547   1.00 28.82 ? 358 HOH A O   1 
HETATM 1147 O  O   . HOH F 5 .   ? -5.503  5.571   13.776  1.00 27.07 ? 359 HOH A O   1 
HETATM 1148 O  O   . HOH F 5 .   ? 15.473  -5.121  11.854  1.00 26.19 ? 360 HOH A O   1 
HETATM 1149 O  O   . HOH F 5 .   ? 14.812  7.770   2.874   1.00 26.15 ? 361 HOH A O   1 
HETATM 1150 O  O   . HOH F 5 .   ? -0.302  -1.860  -10.641 1.00 25.12 ? 362 HOH A O   1 
HETATM 1151 O  O   . HOH F 5 .   ? -3.927  -9.553  -12.487 1.00 23.04 ? 363 HOH A O   1 
HETATM 1152 O  O   . HOH F 5 .   ? 11.628  10.697  5.786   1.00 21.34 ? 364 HOH A O   1 
HETATM 1153 O  O   . HOH F 5 .   ? -10.816 9.928   9.139   1.00 26.77 ? 365 HOH A O   1 
HETATM 1154 O  O   . HOH F 5 .   ? 8.426   -1.661  18.575  1.00 27.88 ? 366 HOH A O   1 
HETATM 1155 O  O   . HOH F 5 .   ? 7.125   17.592  -2.560  1.00 26.08 ? 367 HOH A O   1 
HETATM 1156 O  O   . HOH F 5 .   ? -8.767  4.131   -13.244 1.00 26.57 ? 368 HOH A O   1 
HETATM 1157 O  O   . HOH F 5 .   ? -5.720  -2.040  11.067  1.00 26.64 ? 369 HOH A O   1 
HETATM 1158 O  O   . HOH F 5 .   ? 1.633   -11.038 1.363   1.00 21.70 ? 370 HOH A O   1 
HETATM 1159 O  O   . HOH F 5 .   ? 4.510   -5.151  18.124  1.00 33.13 ? 371 HOH A O   1 
HETATM 1160 O  O   . HOH F 5 .   ? 13.278  -2.153  14.036  1.00 23.89 ? 372 HOH A O   1 
HETATM 1161 O  O   . HOH F 5 .   ? -6.521  13.438  4.365   1.00 25.69 ? 373 HOH A O   1 
HETATM 1162 O  O   . HOH F 5 .   ? -18.032 -5.039  -14.892 1.00 26.71 ? 374 HOH A O   1 
HETATM 1163 O  O   . HOH F 5 .   ? 1.425   0.950   18.761  1.00 29.73 ? 375 HOH A O   1 
HETATM 1164 O  O   . HOH F 5 .   ? -3.765  2.039   16.739  1.00 29.02 ? 376 HOH A O   1 
HETATM 1165 O  O   . HOH F 5 .   ? 11.418  11.781  -0.491  1.00 21.68 ? 377 HOH A O   1 
HETATM 1166 O  O   . HOH F 5 .   ? 8.354   2.641   -8.701  1.00 25.19 ? 378 HOH A O   1 
HETATM 1167 O  O   . HOH F 5 .   ? -9.038  -13.888 -6.745  1.00 22.57 ? 379 HOH A O   1 
HETATM 1168 O  O   . HOH F 5 .   ? 2.326   4.114   -12.204 1.00 36.47 ? 380 HOH A O   1 
HETATM 1169 O  O   . HOH F 5 .   ? 6.528   9.250   13.668  1.00 25.57 ? 381 HOH A O   1 
HETATM 1170 O  O   . HOH F 5 .   ? 3.132   11.220  14.371  1.00 26.35 ? 382 HOH A O   1 
HETATM 1171 O  O   . HOH F 5 .   ? -6.732  -0.994  13.420  1.00 33.24 ? 383 HOH A O   1 
HETATM 1172 O  O   . HOH F 5 .   ? -15.322 -0.052  -8.442  1.00 28.89 ? 384 HOH A O   1 
HETATM 1173 O  O   . HOH F 5 .   ? 11.412  8.019   -5.573  1.00 29.04 ? 385 HOH A O   1 
HETATM 1174 O  O   . HOH F 5 .   ? 13.448  3.747   13.497  1.00 29.79 ? 386 HOH A O   1 
HETATM 1175 O  O   . HOH F 5 .   ? -1.068  -1.908  17.831  1.00 32.09 ? 387 HOH A O   1 
HETATM 1176 O  O   . HOH F 5 .   ? 4.340   15.385  -1.255  1.00 24.97 ? 388 HOH A O   1 
HETATM 1177 O  O   . HOH F 5 .   ? 15.973  4.625   6.147   1.00 25.99 ? 389 HOH A O   1 
HETATM 1178 O  O   . HOH F 5 .   ? 0.060   -6.324  11.209  1.00 39.03 ? 390 HOH A O   1 
HETATM 1179 O  O   . HOH F 5 .   ? -10.662 7.329   10.415  1.00 39.08 ? 391 HOH A O   1 
HETATM 1180 O  O   . HOH F 5 .   ? -0.878  -5.217  -14.325 1.00 26.80 ? 392 HOH A O   1 
HETATM 1181 O  O   . HOH F 5 .   ? 10.514  -5.444  -7.989  1.00 26.88 ? 393 HOH A O   1 
HETATM 1182 O  O   . HOH F 5 .   ? -4.250  14.972  4.163   1.00 29.19 ? 394 HOH A O   1 
HETATM 1183 O  O   . HOH F 5 .   ? -15.555 -11.588 -8.345  1.00 30.81 ? 395 HOH A O   1 
HETATM 1184 O  O   . HOH F 5 .   ? -17.257 -7.157  3.579   1.00 33.23 ? 396 HOH A O   1 
HETATM 1185 O  O   . HOH F 5 .   ? -1.979  7.363   14.630  1.00 33.26 ? 397 HOH A O   1 
HETATM 1186 O  O   . HOH F 5 .   ? -0.074  -4.120  15.749  1.00 32.36 ? 398 HOH A O   1 
HETATM 1187 O  O   . HOH F 5 .   ? 12.365  0.257   -8.279  1.00 32.72 ? 399 HOH A O   1 
HETATM 1188 O  O   . HOH F 5 .   ? -19.509 -7.082  -1.573  1.00 28.59 ? 400 HOH A O   1 
HETATM 1189 O  O   . HOH F 5 .   ? 10.104  11.012  -4.162  1.00 29.08 ? 401 HOH A O   1 
HETATM 1190 O  O   . HOH F 5 .   ? -2.787  12.741  11.468  1.00 27.56 ? 402 HOH A O   1 
HETATM 1191 O  O   . HOH F 5 .   ? -19.907 -6.952  -13.392 1.00 31.22 ? 403 HOH A O   1 
HETATM 1192 O  O   . HOH F 5 .   ? -13.389 6.865   -9.181  1.00 37.91 ? 404 HOH A O   1 
HETATM 1193 O  O   . HOH F 5 .   ? -6.558  -10.726 -13.785 1.00 32.35 ? 405 HOH A O   1 
HETATM 1194 O  O   . HOH F 5 .   ? 5.741   -12.948 1.183   1.00 32.84 ? 406 HOH A O   1 
HETATM 1195 O  O   . HOH F 5 .   ? 0.678   13.266  -3.003  1.00 30.13 ? 407 HOH A O   1 
HETATM 1196 O  O   . HOH F 5 .   ? 15.976  -1.936  -5.269  1.00 30.73 ? 408 HOH A O   1 
HETATM 1197 O  O   . HOH F 5 .   ? 4.485   -11.023 10.461  1.00 34.88 ? 409 HOH A O   1 
HETATM 1198 O  O   . HOH F 5 .   ? 11.751  5.801   13.039  1.00 20.89 ? 410 HOH A O   1 
HETATM 1199 O  O   . HOH F 5 .   ? 14.381  -10.356 0.775   1.00 32.39 ? 411 HOH A O   1 
HETATM 1200 O  O   . HOH F 5 .   ? -5.747  8.804   -6.790  1.00 29.31 ? 412 HOH A O   1 
HETATM 1201 O  O   . HOH F 5 .   ? -1.093  17.535  7.395   1.00 32.58 ? 413 HOH A O   1 
HETATM 1202 O  O   . HOH F 5 .   ? 1.696   13.318  13.546  1.00 27.59 ? 414 HOH A O   1 
HETATM 1203 O  O   . HOH F 5 .   ? 2.259   -2.381  -10.934 1.00 28.84 ? 415 HOH A O   1 
HETATM 1204 O  O   . HOH F 5 .   ? -10.755 -1.414  6.480   1.00 30.68 ? 416 HOH A O   1 
HETATM 1205 O  O   . HOH F 5 .   ? -4.045  -12.670 -0.370  1.00 30.54 ? 417 HOH A O   1 
# 
loop_
_pdbx_poly_seq_scheme.asym_id 
_pdbx_poly_seq_scheme.entity_id 
_pdbx_poly_seq_scheme.seq_id 
_pdbx_poly_seq_scheme.mon_id 
_pdbx_poly_seq_scheme.ndb_seq_num 
_pdbx_poly_seq_scheme.pdb_seq_num 
_pdbx_poly_seq_scheme.auth_seq_num 
_pdbx_poly_seq_scheme.pdb_mon_id 
_pdbx_poly_seq_scheme.auth_mon_id 
_pdbx_poly_seq_scheme.pdb_strand_id 
_pdbx_poly_seq_scheme.pdb_ins_code 
_pdbx_poly_seq_scheme.hetero 
A 1 1   MET 1   -22 ?   ?   ?   A . n 
A 1 2   GLY 2   -21 ?   ?   ?   A . n 
A 1 3   SER 3   -20 ?   ?   ?   A . n 
A 1 4   SER 4   -19 ?   ?   ?   A . n 
A 1 5   HIS 5   -18 ?   ?   ?   A . n 
A 1 6   HIS 6   -17 ?   ?   ?   A . n 
A 1 7   HIS 7   -16 ?   ?   ?   A . n 
A 1 8   HIS 8   -15 ?   ?   ?   A . n 
A 1 9   HIS 9   -14 ?   ?   ?   A . n 
A 1 10  HIS 10  -13 ?   ?   ?   A . n 
A 1 11  SER 11  -12 ?   ?   ?   A . n 
A 1 12  SER 12  -11 ?   ?   ?   A . n 
A 1 13  GLY 13  -10 ?   ?   ?   A . n 
A 1 14  LEU 14  -9  ?   ?   ?   A . n 
A 1 15  VAL 15  -8  ?   ?   ?   A . n 
A 1 16  PRO 16  -7  ?   ?   ?   A . n 
A 1 17  ARG 17  -6  ?   ?   ?   A . n 
A 1 18  GLY 18  -5  ?   ?   ?   A . n 
A 1 19  HIS 19  -4  ?   ?   ?   A . n 
A 1 20  SER 20  -3  ?   ?   ?   A . n 
A 1 21  MET 21  -2  ?   ?   ?   A . n 
A 1 22  ALA 22  -1  ?   ?   ?   A . n 
A 1 23  SER 23  0   ?   ?   ?   A . n 
A 1 24  LEU 24  1   ?   ?   ?   A . n 
A 1 25  SER 25  2   ?   ?   ?   A . n 
A 1 26  GLY 26  3   ?   ?   ?   A . n 
A 1 27  GLY 27  4   ?   ?   ?   A . n 
A 1 28  ASN 28  5   ?   ?   ?   A . n 
A 1 29  SER 29  6   ?   ?   ?   A . n 
A 1 30  GLY 30  7   ?   ?   ?   A . n 
A 1 31  GLY 31  8   ?   ?   ?   A . n 
A 1 32  GLY 32  9   ?   ?   ?   A . n 
A 1 33  ASN 33  10  ?   ?   ?   A . n 
A 1 34  VAL 34  11  ?   ?   ?   A . n 
A 1 35  ASN 35  12  ?   ?   ?   A . n 
A 1 36  THR 36  13  13  THR THR A . n 
A 1 37  GLY 37  14  14  GLY GLY A . n 
A 1 38  THR 38  15  15  THR THR A . n 
A 1 39  THR 39  16  16  THR THR A . n 
A 1 40  TYR 40  17  17  TYR TYR A . n 
A 1 41  GLU 41  18  18  GLU GLU A . n 
A 1 42  ALA 42  19  19  ALA ALA A . n 
A 1 43  GLU 43  20  20  GLU GLU A . n 
A 1 44  THR 44  21  21  THR THR A . n 
A 1 45  GLY 45  22  22  GLY GLY A . n 
A 1 46  THR 46  23  23  THR THR A . n 
A 1 47  THR 47  24  24  THR THR A . n 
A 1 48  LEU 48  25  25  LEU LEU A . n 
A 1 49  THR 49  26  26  THR THR A . n 
A 1 50  ASP 50  27  27  ASP ASP A . n 
A 1 51  ALA 51  28  28  ALA ALA A . n 
A 1 52  VAL 52  29  29  VAL VAL A . n 
A 1 53  VAL 53  30  30  VAL VAL A . n 
A 1 54  GLU 54  31  31  GLU GLU A . n 
A 1 55  THR 55  32  32  THR THR A . n 
A 1 56  LEU 56  33  33  LEU LEU A . n 
A 1 57  TYR 57  34  34  TYR TYR A . n 
A 1 58  PRO 58  35  35  PRO PRO A . n 
A 1 59  GLY 59  36  36  GLY GLY A . n 
A 1 60  TYR 60  37  37  TYR TYR A . n 
A 1 61  THR 61  38  38  THR THR A . n 
A 1 62  GLY 62  39  39  GLY GLY A . n 
A 1 63  SER 63  40  40  SER SER A . n 
A 1 64  GLY 64  41  41  GLY GLY A . n 
A 1 65  TYR 65  42  42  TYR TYR A . n 
A 1 66  VAL 66  43  43  VAL VAL A . n 
A 1 67  ASN 67  44  44  ASN ASN A . n 
A 1 68  PHE 68  45  45  PHE PHE A . n 
A 1 69  ASN 69  46  46  ASN ASN A . n 
A 1 70  ALA 70  47  47  ALA ALA A . n 
A 1 71  TYR 71  48  48  TYR TYR A . n 
A 1 72  THR 72  49  49  THR THR A . n 
A 1 73  ASN 73  50  50  ASN ASN A . n 
A 1 74  SER 74  51  51  SER SER A . n 
A 1 75  ALA 75  52  52  ALA ALA A . n 
A 1 76  ILE 76  53  53  ILE ILE A . n 
A 1 77  GLU 77  54  54  GLU GLU A . n 
A 1 78  TRP 78  55  55  TRP TRP A . n 
A 1 79  ASN 79  56  56  ASN ASN A . n 
A 1 80  ALA 80  57  57  ALA ALA A . n 
A 1 81  ILE 81  58  58  ILE ILE A . n 
A 1 82  ASN 82  59  59  ASN ASN A . n 
A 1 83  ASN 83  60  60  ASN ASN A . n 
A 1 84  MET 84  61  61  MET MET A . n 
A 1 85  THR 85  62  62  THR THR A . n 
A 1 86  THR 86  63  63  THR THR A . n 
A 1 87  GLY 87  64  64  GLY GLY A . n 
A 1 88  THR 88  65  65  THR THR A . n 
A 1 89  LYS 89  66  66  LYS LYS A . n 
A 1 90  ASN 90  67  67  ASN ASN A . n 
A 1 91  VAL 91  68  68  VAL VAL A . n 
A 1 92  LYS 92  69  69  LYS LYS A . n 
A 1 93  PHE 93  70  70  PHE PHE A . n 
A 1 94  ARG 94  71  71  ARG ARG A . n 
A 1 95  TYR 95  72  72  TYR TYR A . n 
A 1 96  ALA 96  73  73  ALA ALA A . n 
A 1 97  LEU 97  74  74  LEU LEU A . n 
A 1 98  GLU 98  75  75  GLU GLU A . n 
A 1 99  SER 99  76  76  SER SER A . n 
A 1 100 GLY 100 77  77  GLY GLY A . n 
A 1 101 THR 101 78  78  THR THR A . n 
A 1 102 ARG 102 79  79  ARG ARG A . n 
A 1 103 ASN 103 80  80  ASN ASN A . n 
A 1 104 LEU 104 81  81  LEU LEU A . n 
A 1 105 ASP 105 82  82  ASP ASP A . n 
A 1 106 ILE 106 83  83  ILE ILE A . n 
A 1 107 TYR 107 84  84  TYR TYR A . n 
A 1 108 VAL 108 85  85  VAL VAL A . n 
A 1 109 ASN 109 86  86  ASN ASN A . n 
A 1 110 GLY 110 87  87  GLY GLY A . n 
A 1 111 THR 111 88  88  THR THR A . n 
A 1 112 LYS 112 89  89  LYS LYS A . n 
A 1 113 VAL 113 90  90  VAL VAL A . n 
A 1 114 LEU 114 91  91  LEU LEU A . n 
A 1 115 SER 115 92  92  SER SER A . n 
A 1 116 ASN 116 93  93  ASN ASN A . n 
A 1 117 GLU 117 94  94  GLU GLU A . n 
A 1 118 PRO 118 95  95  PRO PRO A . n 
A 1 119 PHE 119 96  96  PHE PHE A . n 
A 1 120 THR 120 97  97  THR THR A . n 
A 1 121 GLU 121 98  98  GLU GLU A . n 
A 1 122 THR 122 99  99  THR THR A . n 
A 1 123 GLY 123 100 100 GLY GLY A . n 
A 1 124 SER 124 101 101 SER SER A . n 
A 1 125 TRP 125 102 102 TRP TRP A . n 
A 1 126 SER 126 103 103 SER SER A . n 
A 1 127 THR 127 104 104 THR THR A . n 
A 1 128 TRP 128 105 105 TRP TRP A . n 
A 1 129 GLY 129 106 106 GLY GLY A . n 
A 1 130 GLU 130 107 107 GLU GLU A . n 
A 1 131 LYS 131 108 108 LYS LYS A . n 
A 1 132 THR 132 109 109 THR THR A . n 
A 1 133 ILE 133 110 110 ILE ILE A . n 
A 1 134 GLN 134 111 111 GLN GLN A . n 
A 1 135 VAL 135 112 112 VAL VAL A . n 
A 1 136 ALA 136 113 113 ALA ALA A . n 
A 1 137 MET 137 114 114 MET MET A . n 
A 1 138 ASN 138 115 115 ASN ASN A . n 
A 1 139 SER 139 116 116 SER SER A . n 
A 1 140 GLY 140 117 117 GLY GLY A . n 
A 1 141 VAL 141 118 118 VAL VAL A . n 
A 1 142 ASN 142 119 119 ASN ASN A . n 
A 1 143 THR 143 120 120 THR THR A . n 
A 1 144 LEU 144 121 121 LEU LEU A . n 
A 1 145 ARG 145 122 122 ARG ARG A . n 
A 1 146 ILE 146 123 123 ILE ILE A . n 
A 1 147 VAL 147 124 124 VAL VAL A . n 
A 1 148 THR 148 125 125 THR THR A . n 
A 1 149 THR 149 126 126 THR THR A . n 
A 1 150 GLY 150 127 127 GLY GLY A . n 
A 1 151 THR 151 128 128 THR THR A . n 
A 1 152 GLU 152 129 129 GLU GLU A . n 
A 1 153 GLY 153 130 130 GLY GLY A . n 
A 1 154 PRO 154 131 131 PRO PRO A . n 
A 1 155 ASN 155 132 132 ASN ASN A . n 
A 1 156 MET 156 133 133 MET MET A . n 
A 1 157 ASP 157 134 134 ASP ASP A . n 
A 1 158 ASN 158 135 135 ASN ASN A . n 
A 1 159 ILE 159 136 136 ILE ILE A . n 
A 1 160 THR 160 137 137 THR THR A . n 
A 1 161 VAL 161 138 138 VAL VAL A . n 
A 1 162 THR 162 139 139 THR THR A . n 
A 1 163 ALA 163 140 140 ALA ALA A . n 
A 1 164 SER 164 141 141 SER SER A . n 
# 
loop_
_pdbx_nonpoly_scheme.asym_id 
_pdbx_nonpoly_scheme.entity_id 
_pdbx_nonpoly_scheme.mon_id 
_pdbx_nonpoly_scheme.ndb_seq_num 
_pdbx_nonpoly_scheme.pdb_seq_num 
_pdbx_nonpoly_scheme.auth_seq_num 
_pdbx_nonpoly_scheme.pdb_mon_id 
_pdbx_nonpoly_scheme.auth_mon_id 
_pdbx_nonpoly_scheme.pdb_strand_id 
_pdbx_nonpoly_scheme.pdb_ins_code 
B 2 GCU 1   201 1   GCU GCU A . 
C 3 CA  1   202 1   CA  CA  A . 
D 3 CA  1   203 2   CA  CA  A . 
E 4 BDP 1   204 2   BDP GCU A . 
F 5 HOH 1   301 1   HOH HOH A . 
F 5 HOH 2   302 2   HOH HOH A . 
F 5 HOH 3   303 3   HOH HOH A . 
F 5 HOH 4   304 4   HOH HOH A . 
F 5 HOH 5   305 5   HOH HOH A . 
F 5 HOH 6   306 6   HOH HOH A . 
F 5 HOH 7   307 7   HOH HOH A . 
F 5 HOH 8   308 8   HOH HOH A . 
F 5 HOH 9   309 9   HOH HOH A . 
F 5 HOH 10  310 10  HOH HOH A . 
F 5 HOH 11  311 11  HOH HOH A . 
F 5 HOH 12  312 12  HOH HOH A . 
F 5 HOH 13  313 13  HOH HOH A . 
F 5 HOH 14  314 14  HOH HOH A . 
F 5 HOH 15  315 15  HOH HOH A . 
F 5 HOH 16  316 16  HOH HOH A . 
F 5 HOH 17  317 17  HOH HOH A . 
F 5 HOH 18  318 18  HOH HOH A . 
F 5 HOH 19  319 19  HOH HOH A . 
F 5 HOH 20  320 20  HOH HOH A . 
F 5 HOH 21  321 21  HOH HOH A . 
F 5 HOH 22  322 22  HOH HOH A . 
F 5 HOH 23  323 23  HOH HOH A . 
F 5 HOH 24  324 24  HOH HOH A . 
F 5 HOH 25  325 25  HOH HOH A . 
F 5 HOH 26  326 26  HOH HOH A . 
F 5 HOH 27  327 27  HOH HOH A . 
F 5 HOH 28  328 28  HOH HOH A . 
F 5 HOH 29  329 29  HOH HOH A . 
F 5 HOH 30  330 30  HOH HOH A . 
F 5 HOH 31  331 31  HOH HOH A . 
F 5 HOH 32  332 32  HOH HOH A . 
F 5 HOH 33  333 33  HOH HOH A . 
F 5 HOH 34  334 34  HOH HOH A . 
F 5 HOH 35  335 35  HOH HOH A . 
F 5 HOH 36  336 36  HOH HOH A . 
F 5 HOH 37  337 37  HOH HOH A . 
F 5 HOH 38  338 38  HOH HOH A . 
F 5 HOH 39  339 39  HOH HOH A . 
F 5 HOH 40  340 41  HOH HOH A . 
F 5 HOH 41  341 42  HOH HOH A . 
F 5 HOH 42  342 43  HOH HOH A . 
F 5 HOH 43  343 44  HOH HOH A . 
F 5 HOH 44  344 45  HOH HOH A . 
F 5 HOH 45  345 46  HOH HOH A . 
F 5 HOH 46  346 47  HOH HOH A . 
F 5 HOH 47  347 48  HOH HOH A . 
F 5 HOH 48  348 49  HOH HOH A . 
F 5 HOH 49  349 50  HOH HOH A . 
F 5 HOH 50  350 51  HOH HOH A . 
F 5 HOH 51  351 52  HOH HOH A . 
F 5 HOH 52  352 53  HOH HOH A . 
F 5 HOH 53  353 54  HOH HOH A . 
F 5 HOH 54  354 55  HOH HOH A . 
F 5 HOH 55  355 56  HOH HOH A . 
F 5 HOH 56  356 57  HOH HOH A . 
F 5 HOH 57  357 58  HOH HOH A . 
F 5 HOH 58  358 59  HOH HOH A . 
F 5 HOH 59  359 60  HOH HOH A . 
F 5 HOH 60  360 61  HOH HOH A . 
F 5 HOH 61  361 62  HOH HOH A . 
F 5 HOH 62  362 63  HOH HOH A . 
F 5 HOH 63  363 64  HOH HOH A . 
F 5 HOH 64  364 65  HOH HOH A . 
F 5 HOH 65  365 66  HOH HOH A . 
F 5 HOH 66  366 67  HOH HOH A . 
F 5 HOH 67  367 68  HOH HOH A . 
F 5 HOH 68  368 69  HOH HOH A . 
F 5 HOH 69  369 70  HOH HOH A . 
F 5 HOH 70  370 71  HOH HOH A . 
F 5 HOH 71  371 72  HOH HOH A . 
F 5 HOH 72  372 73  HOH HOH A . 
F 5 HOH 73  373 74  HOH HOH A . 
F 5 HOH 74  374 75  HOH HOH A . 
F 5 HOH 75  375 76  HOH HOH A . 
F 5 HOH 76  376 77  HOH HOH A . 
F 5 HOH 77  377 78  HOH HOH A . 
F 5 HOH 78  378 79  HOH HOH A . 
F 5 HOH 79  379 81  HOH HOH A . 
F 5 HOH 80  380 82  HOH HOH A . 
F 5 HOH 81  381 83  HOH HOH A . 
F 5 HOH 82  382 84  HOH HOH A . 
F 5 HOH 83  383 85  HOH HOH A . 
F 5 HOH 84  384 86  HOH HOH A . 
F 5 HOH 85  385 87  HOH HOH A . 
F 5 HOH 86  386 88  HOH HOH A . 
F 5 HOH 87  387 89  HOH HOH A . 
F 5 HOH 88  388 90  HOH HOH A . 
F 5 HOH 89  389 91  HOH HOH A . 
F 5 HOH 90  390 92  HOH HOH A . 
F 5 HOH 91  391 93  HOH HOH A . 
F 5 HOH 92  392 94  HOH HOH A . 
F 5 HOH 93  393 95  HOH HOH A . 
F 5 HOH 94  394 96  HOH HOH A . 
F 5 HOH 95  395 97  HOH HOH A . 
F 5 HOH 96  396 98  HOH HOH A . 
F 5 HOH 97  397 99  HOH HOH A . 
F 5 HOH 98  398 100 HOH HOH A . 
F 5 HOH 99  399 101 HOH HOH A . 
F 5 HOH 100 400 102 HOH HOH A . 
F 5 HOH 101 401 103 HOH HOH A . 
F 5 HOH 102 402 104 HOH HOH A . 
F 5 HOH 103 403 105 HOH HOH A . 
F 5 HOH 104 404 106 HOH HOH A . 
F 5 HOH 105 405 107 HOH HOH A . 
F 5 HOH 106 406 108 HOH HOH A . 
F 5 HOH 107 407 109 HOH HOH A . 
F 5 HOH 108 408 110 HOH HOH A . 
F 5 HOH 109 409 111 HOH HOH A . 
F 5 HOH 110 410 112 HOH HOH A . 
F 5 HOH 111 411 114 HOH HOH A . 
F 5 HOH 112 412 116 HOH HOH A . 
F 5 HOH 113 413 117 HOH HOH A . 
F 5 HOH 114 414 118 HOH HOH A . 
F 5 HOH 115 415 119 HOH HOH A . 
F 5 HOH 116 416 120 HOH HOH A . 
F 5 HOH 117 417 121 HOH HOH A . 
# 
_pdbx_struct_assembly.id                   1 
_pdbx_struct_assembly.details              author_and_software_defined_assembly 
_pdbx_struct_assembly.method_details       PISA 
_pdbx_struct_assembly.oligomeric_details   monomeric 
_pdbx_struct_assembly.oligomeric_count     1 
# 
_pdbx_struct_assembly_gen.assembly_id       1 
_pdbx_struct_assembly_gen.oper_expression   1 
_pdbx_struct_assembly_gen.asym_id_list      A,B,C,D,E,F 
# 
_pdbx_struct_oper_list.id                   1 
_pdbx_struct_oper_list.type                 'identity operation' 
_pdbx_struct_oper_list.name                 1_555 
_pdbx_struct_oper_list.symmetry_operation   x,y,z 
_pdbx_struct_oper_list.matrix[1][1]         1.0000000000 
_pdbx_struct_oper_list.matrix[1][2]         0.0000000000 
_pdbx_struct_oper_list.matrix[1][3]         0.0000000000 
_pdbx_struct_oper_list.vector[1]            0.0000000000 
_pdbx_struct_oper_list.matrix[2][1]         0.0000000000 
_pdbx_struct_oper_list.matrix[2][2]         1.0000000000 
_pdbx_struct_oper_list.matrix[2][3]         0.0000000000 
_pdbx_struct_oper_list.vector[2]            0.0000000000 
_pdbx_struct_oper_list.matrix[3][1]         0.0000000000 
_pdbx_struct_oper_list.matrix[3][2]         0.0000000000 
_pdbx_struct_oper_list.matrix[3][3]         1.0000000000 
_pdbx_struct_oper_list.vector[3]            0.0000000000 
# 
loop_
_pdbx_struct_conn_angle.id 
_pdbx_struct_conn_angle.ptnr1_label_atom_id 
_pdbx_struct_conn_angle.ptnr1_label_alt_id 
_pdbx_struct_conn_angle.ptnr1_label_asym_id 
_pdbx_struct_conn_angle.ptnr1_label_comp_id 
_pdbx_struct_conn_angle.ptnr1_label_seq_id 
_pdbx_struct_conn_angle.ptnr1_auth_atom_id 
_pdbx_struct_conn_angle.ptnr1_auth_asym_id 
_pdbx_struct_conn_angle.ptnr1_auth_comp_id 
_pdbx_struct_conn_angle.ptnr1_auth_seq_id 
_pdbx_struct_conn_angle.ptnr1_PDB_ins_code 
_pdbx_struct_conn_angle.ptnr1_symmetry 
_pdbx_struct_conn_angle.ptnr2_label_atom_id 
_pdbx_struct_conn_angle.ptnr2_label_alt_id 
_pdbx_struct_conn_angle.ptnr2_label_asym_id 
_pdbx_struct_conn_angle.ptnr2_label_comp_id 
_pdbx_struct_conn_angle.ptnr2_label_seq_id 
_pdbx_struct_conn_angle.ptnr2_auth_atom_id 
_pdbx_struct_conn_angle.ptnr2_auth_asym_id 
_pdbx_struct_conn_angle.ptnr2_auth_comp_id 
_pdbx_struct_conn_angle.ptnr2_auth_seq_id 
_pdbx_struct_conn_angle.ptnr2_PDB_ins_code 
_pdbx_struct_conn_angle.ptnr2_symmetry 
_pdbx_struct_conn_angle.ptnr3_label_atom_id 
_pdbx_struct_conn_angle.ptnr3_label_alt_id 
_pdbx_struct_conn_angle.ptnr3_label_asym_id 
_pdbx_struct_conn_angle.ptnr3_label_comp_id 
_pdbx_struct_conn_angle.ptnr3_label_seq_id 
_pdbx_struct_conn_angle.ptnr3_auth_atom_id 
_pdbx_struct_conn_angle.ptnr3_auth_asym_id 
_pdbx_struct_conn_angle.ptnr3_auth_comp_id 
_pdbx_struct_conn_angle.ptnr3_auth_seq_id 
_pdbx_struct_conn_angle.ptnr3_PDB_ins_code 
_pdbx_struct_conn_angle.ptnr3_symmetry 
_pdbx_struct_conn_angle.value 
_pdbx_struct_conn_angle.value_esd 
1  OE1 ? A GLU 41  ? A GLU 18  ? 1_555 CA ? C CA . ? A CA 202 ? 1_555 OE2 ? A GLU 43  ? A GLU 20  ? 1_555 94.0  ? 
2  OE1 ? A GLU 41  ? A GLU 18  ? 1_555 CA ? C CA . ? A CA 202 ? 1_555 OE1 ? A GLU 43  ? A GLU 20  ? 1_555 83.6  ? 
3  OE2 ? A GLU 43  ? A GLU 20  ? 1_555 CA ? C CA . ? A CA 202 ? 1_555 OE1 ? A GLU 43  ? A GLU 20  ? 1_555 53.3  ? 
4  OE1 ? A GLU 41  ? A GLU 18  ? 1_555 CA ? C CA . ? A CA 202 ? 1_555 O   ? A THR 61  ? A THR 38  ? 1_555 86.4  ? 
5  OE2 ? A GLU 43  ? A GLU 20  ? 1_555 CA ? C CA . ? A CA 202 ? 1_555 O   ? A THR 61  ? A THR 38  ? 1_555 132.5 ? 
6  OE1 ? A GLU 43  ? A GLU 20  ? 1_555 CA ? C CA . ? A CA 202 ? 1_555 O   ? A THR 61  ? A THR 38  ? 1_555 79.7  ? 
7  OE1 ? A GLU 41  ? A GLU 18  ? 1_555 CA ? C CA . ? A CA 202 ? 1_555 O   ? A GLY 64  ? A GLY 41  ? 1_555 159.2 ? 
8  OE2 ? A GLU 43  ? A GLU 20  ? 1_555 CA ? C CA . ? A CA 202 ? 1_555 O   ? A GLY 64  ? A GLY 41  ? 1_555 77.6  ? 
9  OE1 ? A GLU 43  ? A GLU 20  ? 1_555 CA ? C CA . ? A CA 202 ? 1_555 O   ? A GLY 64  ? A GLY 41  ? 1_555 76.1  ? 
10 O   ? A THR 61  ? A THR 38  ? 1_555 CA ? C CA . ? A CA 202 ? 1_555 O   ? A GLY 64  ? A GLY 41  ? 1_555 85.5  ? 
11 OE1 ? A GLU 41  ? A GLU 18  ? 1_555 CA ? C CA . ? A CA 202 ? 1_555 OD1 ? A ASP 157 ? A ASP 134 ? 1_555 111.5 ? 
12 OE2 ? A GLU 43  ? A GLU 20  ? 1_555 CA ? C CA . ? A CA 202 ? 1_555 OD1 ? A ASP 157 ? A ASP 134 ? 1_555 134.9 ? 
13 OE1 ? A GLU 43  ? A GLU 20  ? 1_555 CA ? C CA . ? A CA 202 ? 1_555 OD1 ? A ASP 157 ? A ASP 134 ? 1_555 159.4 ? 
14 O   ? A THR 61  ? A THR 38  ? 1_555 CA ? C CA . ? A CA 202 ? 1_555 OD1 ? A ASP 157 ? A ASP 134 ? 1_555 87.2  ? 
15 O   ? A GLY 64  ? A GLY 41  ? 1_555 CA ? C CA . ? A CA 202 ? 1_555 OD1 ? A ASP 157 ? A ASP 134 ? 1_555 87.2  ? 
16 OE1 ? A GLU 41  ? A GLU 18  ? 1_555 CA ? C CA . ? A CA 202 ? 1_555 O   ? A ASP 157 ? A ASP 134 ? 1_555 77.6  ? 
17 OE2 ? A GLU 43  ? A GLU 20  ? 1_555 CA ? C CA . ? A CA 202 ? 1_555 O   ? A ASP 157 ? A ASP 134 ? 1_555 75.8  ? 
18 OE1 ? A GLU 43  ? A GLU 20  ? 1_555 CA ? C CA . ? A CA 202 ? 1_555 O   ? A ASP 157 ? A ASP 134 ? 1_555 124.0 ? 
19 O   ? A THR 61  ? A THR 38  ? 1_555 CA ? C CA . ? A CA 202 ? 1_555 O   ? A ASP 157 ? A ASP 134 ? 1_555 148.8 ? 
20 O   ? A GLY 64  ? A GLY 41  ? 1_555 CA ? C CA . ? A CA 202 ? 1_555 O   ? A ASP 157 ? A ASP 134 ? 1_555 117.7 ? 
21 OD1 ? A ASP 157 ? A ASP 134 ? 1_555 CA ? C CA . ? A CA 202 ? 1_555 O   ? A ASP 157 ? A ASP 134 ? 1_555 74.4  ? 
22 OD1 ? A ASN 67  ? A ASN 44  ? 1_555 CA ? D CA . ? A CA 203 ? 1_555 O   ? A PHE 68  ? A PHE 45  ? 1_555 70.9  ? 
23 OD1 ? A ASN 67  ? A ASN 44  ? 1_555 CA ? D CA . ? A CA 203 ? 1_555 OE2 ? A GLU 152 ? A GLU 129 ? 1_555 136.2 ? 
24 O   ? A PHE 68  ? A PHE 45  ? 1_555 CA ? D CA . ? A CA 203 ? 1_555 OE2 ? A GLU 152 ? A GLU 129 ? 1_555 73.5  ? 
25 OD1 ? A ASN 67  ? A ASN 44  ? 1_555 CA ? D CA . ? A CA 203 ? 1_555 OE1 ? A GLU 152 ? A GLU 129 ? 1_555 134.2 ? 
26 O   ? A PHE 68  ? A PHE 45  ? 1_555 CA ? D CA . ? A CA 203 ? 1_555 OE1 ? A GLU 152 ? A GLU 129 ? 1_555 73.1  ? 
27 OE2 ? A GLU 152 ? A GLU 129 ? 1_555 CA ? D CA . ? A CA 203 ? 1_555 OE1 ? A GLU 152 ? A GLU 129 ? 1_555 52.2  ? 
28 OD1 ? A ASN 67  ? A ASN 44  ? 1_555 CA ? D CA . ? A CA 203 ? 1_555 O4  ? B GCU .   ? A GCU 201 ? 1_555 70.3  ? 
29 O   ? A PHE 68  ? A PHE 45  ? 1_555 CA ? D CA . ? A CA 203 ? 1_555 O4  ? B GCU .   ? A GCU 201 ? 1_555 140.9 ? 
30 OE2 ? A GLU 152 ? A GLU 129 ? 1_555 CA ? D CA . ? A CA 203 ? 1_555 O4  ? B GCU .   ? A GCU 201 ? 1_555 142.3 ? 
31 OE1 ? A GLU 152 ? A GLU 129 ? 1_555 CA ? D CA . ? A CA 203 ? 1_555 O4  ? B GCU .   ? A GCU 201 ? 1_555 135.6 ? 
32 OD1 ? A ASN 67  ? A ASN 44  ? 1_555 CA ? D CA . ? A CA 203 ? 1_555 O6A ? B GCU .   ? A GCU 201 ? 1_555 139.2 ? 
33 O   ? A PHE 68  ? A PHE 45  ? 1_555 CA ? D CA . ? A CA 203 ? 1_555 O6A ? B GCU .   ? A GCU 201 ? 1_555 149.6 ? 
34 OE2 ? A GLU 152 ? A GLU 129 ? 1_555 CA ? D CA . ? A CA 203 ? 1_555 O6A ? B GCU .   ? A GCU 201 ? 1_555 77.5  ? 
35 OE1 ? A GLU 152 ? A GLU 129 ? 1_555 CA ? D CA . ? A CA 203 ? 1_555 O6A ? B GCU .   ? A GCU 201 ? 1_555 82.0  ? 
36 O4  ? B GCU .   ? A GCU 201 ? 1_555 CA ? D CA . ? A CA 203 ? 1_555 O6A ? B GCU .   ? A GCU 201 ? 1_555 69.4  ? 
37 OD1 ? A ASN 67  ? A ASN 44  ? 1_555 CA ? D CA . ? A CA 203 ? 1_555 O   ? F HOH .   ? A HOH 304 ? 1_555 77.6  ? 
38 O   ? A PHE 68  ? A PHE 45  ? 1_555 CA ? D CA . ? A CA 203 ? 1_555 O   ? F HOH .   ? A HOH 304 ? 1_555 89.8  ? 
39 OE2 ? A GLU 152 ? A GLU 129 ? 1_555 CA ? D CA . ? A CA 203 ? 1_555 O   ? F HOH .   ? A HOH 304 ? 1_555 127.1 ? 
40 OE1 ? A GLU 152 ? A GLU 129 ? 1_555 CA ? D CA . ? A CA 203 ? 1_555 O   ? F HOH .   ? A HOH 304 ? 1_555 74.9  ? 
41 O4  ? B GCU .   ? A GCU 201 ? 1_555 CA ? D CA . ? A CA 203 ? 1_555 O   ? F HOH .   ? A HOH 304 ? 1_555 77.6  ? 
42 O6A ? B GCU .   ? A GCU 201 ? 1_555 CA ? D CA . ? A CA 203 ? 1_555 O   ? F HOH .   ? A HOH 304 ? 1_555 100.4 ? 
43 OD1 ? A ASN 67  ? A ASN 44  ? 1_555 CA ? D CA . ? A CA 203 ? 1_555 O   ? F HOH .   ? A HOH 306 ? 1_555 79.3  ? 
44 O   ? A PHE 68  ? A PHE 45  ? 1_555 CA ? D CA . ? A CA 203 ? 1_555 O   ? F HOH .   ? A HOH 306 ? 1_555 89.4  ? 
45 OE2 ? A GLU 152 ? A GLU 129 ? 1_555 CA ? D CA . ? A CA 203 ? 1_555 O   ? F HOH .   ? A HOH 306 ? 1_555 75.7  ? 
46 OE1 ? A GLU 152 ? A GLU 129 ? 1_555 CA ? D CA . ? A CA 203 ? 1_555 O   ? F HOH .   ? A HOH 306 ? 1_555 127.7 ? 
47 O4  ? B GCU .   ? A GCU 201 ? 1_555 CA ? D CA . ? A CA 203 ? 1_555 O   ? F HOH .   ? A HOH 306 ? 1_555 87.8  ? 
48 O6A ? B GCU .   ? A GCU 201 ? 1_555 CA ? D CA . ? A CA 203 ? 1_555 O   ? F HOH .   ? A HOH 306 ? 1_555 92.3  ? 
49 O   ? F HOH .   ? A HOH 304 ? 1_555 CA ? D CA . ? A CA 203 ? 1_555 O   ? F HOH .   ? A HOH 306 ? 1_555 155.7 ? 
# 
loop_
_pdbx_audit_revision_history.ordinal 
_pdbx_audit_revision_history.data_content_type 
_pdbx_audit_revision_history.major_revision 
_pdbx_audit_revision_history.minor_revision 
_pdbx_audit_revision_history.revision_date 
1 'Structure model' 1 0 2014-10-08 
2 'Structure model' 1 1 2014-11-26 
3 'Structure model' 1 2 2018-03-07 
4 'Structure model' 1 3 2020-07-29 
5 'Structure model' 1 4 2023-09-20 
# 
loop_
_pdbx_audit_revision_details.ordinal 
_pdbx_audit_revision_details.revision_ordinal 
_pdbx_audit_revision_details.data_content_type 
_pdbx_audit_revision_details.provider 
_pdbx_audit_revision_details.type 
_pdbx_audit_revision_details.description 
_pdbx_audit_revision_details.details 
1 1 'Structure model' repository 'Initial release' ?                          ? 
2 4 'Structure model' repository Remediation       'Carbohydrate remediation' ? 
# 
loop_
_pdbx_audit_revision_group.ordinal 
_pdbx_audit_revision_group.revision_ordinal 
_pdbx_audit_revision_group.data_content_type 
_pdbx_audit_revision_group.group 
1  2 'Structure model' 'Database references'    
2  3 'Structure model' 'Data collection'        
3  4 'Structure model' 'Data collection'        
4  4 'Structure model' 'Database references'    
5  4 'Structure model' 'Derived calculations'   
6  4 'Structure model' 'Structure summary'      
7  5 'Structure model' 'Data collection'        
8  5 'Structure model' 'Database references'    
9  5 'Structure model' 'Refinement description' 
10 5 'Structure model' 'Structure summary'      
# 
loop_
_pdbx_audit_revision_category.ordinal 
_pdbx_audit_revision_category.revision_ordinal 
_pdbx_audit_revision_category.data_content_type 
_pdbx_audit_revision_category.category 
1  3 'Structure model' diffrn_source                 
2  4 'Structure model' chem_comp                     
3  4 'Structure model' entity                        
4  4 'Structure model' pdbx_chem_comp_identifier     
5  4 'Structure model' pdbx_entity_nonpoly           
6  4 'Structure model' pdbx_struct_conn_angle        
7  4 'Structure model' struct_conn                   
8  4 'Structure model' struct_ref_seq_dif            
9  4 'Structure model' struct_site                   
10 4 'Structure model' struct_site_gen               
11 5 'Structure model' chem_comp                     
12 5 'Structure model' chem_comp_atom                
13 5 'Structure model' chem_comp_bond                
14 5 'Structure model' database_2                    
15 5 'Structure model' pdbx_initial_refinement_model 
# 
loop_
_pdbx_audit_revision_item.ordinal 
_pdbx_audit_revision_item.revision_ordinal 
_pdbx_audit_revision_item.data_content_type 
_pdbx_audit_revision_item.item 
1  3 'Structure model' '_diffrn_source.pdbx_synchrotron_site'        
2  4 'Structure model' '_chem_comp.name'                             
3  4 'Structure model' '_chem_comp.type'                             
4  4 'Structure model' '_entity.pdbx_description'                    
5  4 'Structure model' '_pdbx_entity_nonpoly.name'                   
6  4 'Structure model' '_pdbx_struct_conn_angle.ptnr1_auth_comp_id'  
7  4 'Structure model' '_pdbx_struct_conn_angle.ptnr1_auth_seq_id'   
8  4 'Structure model' '_pdbx_struct_conn_angle.ptnr1_label_asym_id' 
9  4 'Structure model' '_pdbx_struct_conn_angle.ptnr1_label_atom_id' 
10 4 'Structure model' '_pdbx_struct_conn_angle.ptnr1_label_comp_id' 
11 4 'Structure model' '_pdbx_struct_conn_angle.ptnr1_label_seq_id'  
12 4 'Structure model' '_pdbx_struct_conn_angle.ptnr3_auth_comp_id'  
13 4 'Structure model' '_pdbx_struct_conn_angle.ptnr3_auth_seq_id'   
14 4 'Structure model' '_pdbx_struct_conn_angle.ptnr3_label_asym_id' 
15 4 'Structure model' '_pdbx_struct_conn_angle.ptnr3_label_atom_id' 
16 4 'Structure model' '_pdbx_struct_conn_angle.ptnr3_label_comp_id' 
17 4 'Structure model' '_pdbx_struct_conn_angle.ptnr3_label_seq_id'  
18 4 'Structure model' '_pdbx_struct_conn_angle.value'               
19 4 'Structure model' '_struct_conn.pdbx_dist_value'                
20 4 'Structure model' '_struct_conn.ptnr1_auth_comp_id'             
21 4 'Structure model' '_struct_conn.ptnr1_auth_seq_id'              
22 4 'Structure model' '_struct_conn.ptnr1_label_asym_id'            
23 4 'Structure model' '_struct_conn.ptnr1_label_atom_id'            
24 4 'Structure model' '_struct_conn.ptnr1_label_comp_id'            
25 4 'Structure model' '_struct_conn.ptnr1_label_seq_id'             
26 4 'Structure model' '_struct_conn.ptnr2_auth_comp_id'             
27 4 'Structure model' '_struct_conn.ptnr2_auth_seq_id'              
28 4 'Structure model' '_struct_conn.ptnr2_label_asym_id'            
29 4 'Structure model' '_struct_conn.ptnr2_label_atom_id'            
30 4 'Structure model' '_struct_conn.ptnr2_label_comp_id'            
31 4 'Structure model' '_struct_ref_seq_dif.details'                 
32 5 'Structure model' '_chem_comp.pdbx_synonyms'                    
33 5 'Structure model' '_database_2.pdbx_DOI'                        
34 5 'Structure model' '_database_2.pdbx_database_accession'         
# 
loop_
_software.name 
_software.classification 
_software.version 
_software.citation_id 
_software.pdbx_ordinal 
MxCuBE 'data collection' .        ? 1 
MOLREP phasing           .        ? 2 
REFMAC refinement        5.8.0049 ? 3 
XDS    'data reduction'  .        ? 4 
SCALA  'data scaling'    .        ? 5 
# 
_pdbx_validate_rmsd_bond.id                        1 
_pdbx_validate_rmsd_bond.PDB_model_num             1 
_pdbx_validate_rmsd_bond.auth_atom_id_1            CD 
_pdbx_validate_rmsd_bond.auth_asym_id_1            A 
_pdbx_validate_rmsd_bond.auth_comp_id_1            GLU 
_pdbx_validate_rmsd_bond.auth_seq_id_1             31 
_pdbx_validate_rmsd_bond.PDB_ins_code_1            ? 
_pdbx_validate_rmsd_bond.label_alt_id_1            B 
_pdbx_validate_rmsd_bond.auth_atom_id_2            OE1 
_pdbx_validate_rmsd_bond.auth_asym_id_2            A 
_pdbx_validate_rmsd_bond.auth_comp_id_2            GLU 
_pdbx_validate_rmsd_bond.auth_seq_id_2             31 
_pdbx_validate_rmsd_bond.PDB_ins_code_2            ? 
_pdbx_validate_rmsd_bond.label_alt_id_2            B 
_pdbx_validate_rmsd_bond.bond_value                1.319 
_pdbx_validate_rmsd_bond.bond_target_value         1.252 
_pdbx_validate_rmsd_bond.bond_deviation            0.067 
_pdbx_validate_rmsd_bond.bond_standard_deviation   0.011 
_pdbx_validate_rmsd_bond.linker_flag               N 
# 
_pdbx_validate_rmsd_angle.id                         1 
_pdbx_validate_rmsd_angle.PDB_model_num              1 
_pdbx_validate_rmsd_angle.auth_atom_id_1             NE 
_pdbx_validate_rmsd_angle.auth_asym_id_1             A 
_pdbx_validate_rmsd_angle.auth_comp_id_1             ARG 
_pdbx_validate_rmsd_angle.auth_seq_id_1              71 
_pdbx_validate_rmsd_angle.PDB_ins_code_1             ? 
_pdbx_validate_rmsd_angle.label_alt_id_1             ? 
_pdbx_validate_rmsd_angle.auth_atom_id_2             CZ 
_pdbx_validate_rmsd_angle.auth_asym_id_2             A 
_pdbx_validate_rmsd_angle.auth_comp_id_2             ARG 
_pdbx_validate_rmsd_angle.auth_seq_id_2              71 
_pdbx_validate_rmsd_angle.PDB_ins_code_2             ? 
_pdbx_validate_rmsd_angle.label_alt_id_2             ? 
_pdbx_validate_rmsd_angle.auth_atom_id_3             NH1 
_pdbx_validate_rmsd_angle.auth_asym_id_3             A 
_pdbx_validate_rmsd_angle.auth_comp_id_3             ARG 
_pdbx_validate_rmsd_angle.auth_seq_id_3              71 
_pdbx_validate_rmsd_angle.PDB_ins_code_3             ? 
_pdbx_validate_rmsd_angle.label_alt_id_3             ? 
_pdbx_validate_rmsd_angle.angle_value                123.91 
_pdbx_validate_rmsd_angle.angle_target_value         120.30 
_pdbx_validate_rmsd_angle.angle_deviation            3.61 
_pdbx_validate_rmsd_angle.angle_standard_deviation   0.50 
_pdbx_validate_rmsd_angle.linker_flag                N 
# 
loop_
_pdbx_validate_torsion.id 
_pdbx_validate_torsion.PDB_model_num 
_pdbx_validate_torsion.auth_comp_id 
_pdbx_validate_torsion.auth_asym_id 
_pdbx_validate_torsion.auth_seq_id 
_pdbx_validate_torsion.PDB_ins_code 
_pdbx_validate_torsion.label_alt_id 
_pdbx_validate_torsion.phi 
_pdbx_validate_torsion.psi 
1 1 ALA A 57  ? ? -145.29 54.16   
2 1 ALA A 57  ? ? -143.52 54.16   
3 1 GLU A 129 ? ? 67.10   -161.59 
# 
loop_
_pdbx_unobs_or_zero_occ_residues.id 
_pdbx_unobs_or_zero_occ_residues.PDB_model_num 
_pdbx_unobs_or_zero_occ_residues.polymer_flag 
_pdbx_unobs_or_zero_occ_residues.occupancy_flag 
_pdbx_unobs_or_zero_occ_residues.auth_asym_id 
_pdbx_unobs_or_zero_occ_residues.auth_comp_id 
_pdbx_unobs_or_zero_occ_residues.auth_seq_id 
_pdbx_unobs_or_zero_occ_residues.PDB_ins_code 
_pdbx_unobs_or_zero_occ_residues.label_asym_id 
_pdbx_unobs_or_zero_occ_residues.label_comp_id 
_pdbx_unobs_or_zero_occ_residues.label_seq_id 
1  1 Y 1 A MET -22 ? A MET 1  
2  1 Y 1 A GLY -21 ? A GLY 2  
3  1 Y 1 A SER -20 ? A SER 3  
4  1 Y 1 A SER -19 ? A SER 4  
5  1 Y 1 A HIS -18 ? A HIS 5  
6  1 Y 1 A HIS -17 ? A HIS 6  
7  1 Y 1 A HIS -16 ? A HIS 7  
8  1 Y 1 A HIS -15 ? A HIS 8  
9  1 Y 1 A HIS -14 ? A HIS 9  
10 1 Y 1 A HIS -13 ? A HIS 10 
11 1 Y 1 A SER -12 ? A SER 11 
12 1 Y 1 A SER -11 ? A SER 12 
13 1 Y 1 A GLY -10 ? A GLY 13 
14 1 Y 1 A LEU -9  ? A LEU 14 
15 1 Y 1 A VAL -8  ? A VAL 15 
16 1 Y 1 A PRO -7  ? A PRO 16 
17 1 Y 1 A ARG -6  ? A ARG 17 
18 1 Y 1 A GLY -5  ? A GLY 18 
19 1 Y 1 A HIS -4  ? A HIS 19 
20 1 Y 1 A SER -3  ? A SER 20 
21 1 Y 1 A MET -2  ? A MET 21 
22 1 Y 1 A ALA -1  ? A ALA 22 
23 1 Y 1 A SER 0   ? A SER 23 
24 1 Y 1 A LEU 1   ? A LEU 24 
25 1 Y 1 A SER 2   ? A SER 25 
26 1 Y 1 A GLY 3   ? A GLY 26 
27 1 Y 1 A GLY 4   ? A GLY 27 
28 1 Y 1 A ASN 5   ? A ASN 28 
29 1 Y 1 A SER 6   ? A SER 29 
30 1 Y 1 A GLY 7   ? A GLY 30 
31 1 Y 1 A GLY 8   ? A GLY 31 
32 1 Y 1 A GLY 9   ? A GLY 32 
33 1 Y 1 A ASN 10  ? A ASN 33 
34 1 Y 1 A VAL 11  ? A VAL 34 
35 1 Y 1 A ASN 12  ? A ASN 35 
# 
loop_
_chem_comp_atom.comp_id 
_chem_comp_atom.atom_id 
_chem_comp_atom.type_symbol 
_chem_comp_atom.pdbx_aromatic_flag 
_chem_comp_atom.pdbx_stereo_config 
_chem_comp_atom.pdbx_ordinal 
ALA N    N  N N 1   
ALA CA   C  N S 2   
ALA C    C  N N 3   
ALA O    O  N N 4   
ALA CB   C  N N 5   
ALA OXT  O  N N 6   
ALA H    H  N N 7   
ALA H2   H  N N 8   
ALA HA   H  N N 9   
ALA HB1  H  N N 10  
ALA HB2  H  N N 11  
ALA HB3  H  N N 12  
ALA HXT  H  N N 13  
ARG N    N  N N 14  
ARG CA   C  N S 15  
ARG C    C  N N 16  
ARG O    O  N N 17  
ARG CB   C  N N 18  
ARG CG   C  N N 19  
ARG CD   C  N N 20  
ARG NE   N  N N 21  
ARG CZ   C  N N 22  
ARG NH1  N  N N 23  
ARG NH2  N  N N 24  
ARG OXT  O  N N 25  
ARG H    H  N N 26  
ARG H2   H  N N 27  
ARG HA   H  N N 28  
ARG HB2  H  N N 29  
ARG HB3  H  N N 30  
ARG HG2  H  N N 31  
ARG HG3  H  N N 32  
ARG HD2  H  N N 33  
ARG HD3  H  N N 34  
ARG HE   H  N N 35  
ARG HH11 H  N N 36  
ARG HH12 H  N N 37  
ARG HH21 H  N N 38  
ARG HH22 H  N N 39  
ARG HXT  H  N N 40  
ASN N    N  N N 41  
ASN CA   C  N S 42  
ASN C    C  N N 43  
ASN O    O  N N 44  
ASN CB   C  N N 45  
ASN CG   C  N N 46  
ASN OD1  O  N N 47  
ASN ND2  N  N N 48  
ASN OXT  O  N N 49  
ASN H    H  N N 50  
ASN H2   H  N N 51  
ASN HA   H  N N 52  
ASN HB2  H  N N 53  
ASN HB3  H  N N 54  
ASN HD21 H  N N 55  
ASN HD22 H  N N 56  
ASN HXT  H  N N 57  
ASP N    N  N N 58  
ASP CA   C  N S 59  
ASP C    C  N N 60  
ASP O    O  N N 61  
ASP CB   C  N N 62  
ASP CG   C  N N 63  
ASP OD1  O  N N 64  
ASP OD2  O  N N 65  
ASP OXT  O  N N 66  
ASP H    H  N N 67  
ASP H2   H  N N 68  
ASP HA   H  N N 69  
ASP HB2  H  N N 70  
ASP HB3  H  N N 71  
ASP HD2  H  N N 72  
ASP HXT  H  N N 73  
BDP C1   C  N R 74  
BDP C2   C  N R 75  
BDP C3   C  N S 76  
BDP C4   C  N S 77  
BDP C5   C  N S 78  
BDP C6   C  N N 79  
BDP O2   O  N N 80  
BDP O3   O  N N 81  
BDP O4   O  N N 82  
BDP O5   O  N N 83  
BDP O6A  O  N N 84  
BDP O1   O  N N 85  
BDP O6B  O  N N 86  
BDP H1   H  N N 87  
BDP H2   H  N N 88  
BDP H3   H  N N 89  
BDP H4   H  N N 90  
BDP H5   H  N N 91  
BDP HO2  H  N N 92  
BDP HO3  H  N N 93  
BDP HO4  H  N N 94  
BDP HO1  H  N N 95  
BDP HO6B H  N N 96  
CA  CA   CA N N 97  
GCU C1   C  N S 98  
GCU C2   C  N R 99  
GCU C3   C  N S 100 
GCU C4   C  N S 101 
GCU C5   C  N S 102 
GCU C6   C  N N 103 
GCU O1   O  N N 104 
GCU O2   O  N N 105 
GCU O3   O  N N 106 
GCU O4   O  N N 107 
GCU O5   O  N N 108 
GCU O6A  O  N N 109 
GCU O6B  O  N N 110 
GCU H1   H  N N 111 
GCU H2   H  N N 112 
GCU H3   H  N N 113 
GCU H4   H  N N 114 
GCU H5   H  N N 115 
GCU HO1  H  N N 116 
GCU HO2  H  N N 117 
GCU HO3  H  N N 118 
GCU HO4  H  N N 119 
GCU HO6B H  N N 120 
GLN N    N  N N 121 
GLN CA   C  N S 122 
GLN C    C  N N 123 
GLN O    O  N N 124 
GLN CB   C  N N 125 
GLN CG   C  N N 126 
GLN CD   C  N N 127 
GLN OE1  O  N N 128 
GLN NE2  N  N N 129 
GLN OXT  O  N N 130 
GLN H    H  N N 131 
GLN H2   H  N N 132 
GLN HA   H  N N 133 
GLN HB2  H  N N 134 
GLN HB3  H  N N 135 
GLN HG2  H  N N 136 
GLN HG3  H  N N 137 
GLN HE21 H  N N 138 
GLN HE22 H  N N 139 
GLN HXT  H  N N 140 
GLU N    N  N N 141 
GLU CA   C  N S 142 
GLU C    C  N N 143 
GLU O    O  N N 144 
GLU CB   C  N N 145 
GLU CG   C  N N 146 
GLU CD   C  N N 147 
GLU OE1  O  N N 148 
GLU OE2  O  N N 149 
GLU OXT  O  N N 150 
GLU H    H  N N 151 
GLU H2   H  N N 152 
GLU HA   H  N N 153 
GLU HB2  H  N N 154 
GLU HB3  H  N N 155 
GLU HG2  H  N N 156 
GLU HG3  H  N N 157 
GLU HE2  H  N N 158 
GLU HXT  H  N N 159 
GLY N    N  N N 160 
GLY CA   C  N N 161 
GLY C    C  N N 162 
GLY O    O  N N 163 
GLY OXT  O  N N 164 
GLY H    H  N N 165 
GLY H2   H  N N 166 
GLY HA2  H  N N 167 
GLY HA3  H  N N 168 
GLY HXT  H  N N 169 
HIS N    N  N N 170 
HIS CA   C  N S 171 
HIS C    C  N N 172 
HIS O    O  N N 173 
HIS CB   C  N N 174 
HIS CG   C  Y N 175 
HIS ND1  N  Y N 176 
HIS CD2  C  Y N 177 
HIS CE1  C  Y N 178 
HIS NE2  N  Y N 179 
HIS OXT  O  N N 180 
HIS H    H  N N 181 
HIS H2   H  N N 182 
HIS HA   H  N N 183 
HIS HB2  H  N N 184 
HIS HB3  H  N N 185 
HIS HD1  H  N N 186 
HIS HD2  H  N N 187 
HIS HE1  H  N N 188 
HIS HE2  H  N N 189 
HIS HXT  H  N N 190 
HOH O    O  N N 191 
HOH H1   H  N N 192 
HOH H2   H  N N 193 
ILE N    N  N N 194 
ILE CA   C  N S 195 
ILE C    C  N N 196 
ILE O    O  N N 197 
ILE CB   C  N S 198 
ILE CG1  C  N N 199 
ILE CG2  C  N N 200 
ILE CD1  C  N N 201 
ILE OXT  O  N N 202 
ILE H    H  N N 203 
ILE H2   H  N N 204 
ILE HA   H  N N 205 
ILE HB   H  N N 206 
ILE HG12 H  N N 207 
ILE HG13 H  N N 208 
ILE HG21 H  N N 209 
ILE HG22 H  N N 210 
ILE HG23 H  N N 211 
ILE HD11 H  N N 212 
ILE HD12 H  N N 213 
ILE HD13 H  N N 214 
ILE HXT  H  N N 215 
LEU N    N  N N 216 
LEU CA   C  N S 217 
LEU C    C  N N 218 
LEU O    O  N N 219 
LEU CB   C  N N 220 
LEU CG   C  N N 221 
LEU CD1  C  N N 222 
LEU CD2  C  N N 223 
LEU OXT  O  N N 224 
LEU H    H  N N 225 
LEU H2   H  N N 226 
LEU HA   H  N N 227 
LEU HB2  H  N N 228 
LEU HB3  H  N N 229 
LEU HG   H  N N 230 
LEU HD11 H  N N 231 
LEU HD12 H  N N 232 
LEU HD13 H  N N 233 
LEU HD21 H  N N 234 
LEU HD22 H  N N 235 
LEU HD23 H  N N 236 
LEU HXT  H  N N 237 
LYS N    N  N N 238 
LYS CA   C  N S 239 
LYS C    C  N N 240 
LYS O    O  N N 241 
LYS CB   C  N N 242 
LYS CG   C  N N 243 
LYS CD   C  N N 244 
LYS CE   C  N N 245 
LYS NZ   N  N N 246 
LYS OXT  O  N N 247 
LYS H    H  N N 248 
LYS H2   H  N N 249 
LYS HA   H  N N 250 
LYS HB2  H  N N 251 
LYS HB3  H  N N 252 
LYS HG2  H  N N 253 
LYS HG3  H  N N 254 
LYS HD2  H  N N 255 
LYS HD3  H  N N 256 
LYS HE2  H  N N 257 
LYS HE3  H  N N 258 
LYS HZ1  H  N N 259 
LYS HZ2  H  N N 260 
LYS HZ3  H  N N 261 
LYS HXT  H  N N 262 
MET N    N  N N 263 
MET CA   C  N S 264 
MET C    C  N N 265 
MET O    O  N N 266 
MET CB   C  N N 267 
MET CG   C  N N 268 
MET SD   S  N N 269 
MET CE   C  N N 270 
MET OXT  O  N N 271 
MET H    H  N N 272 
MET H2   H  N N 273 
MET HA   H  N N 274 
MET HB2  H  N N 275 
MET HB3  H  N N 276 
MET HG2  H  N N 277 
MET HG3  H  N N 278 
MET HE1  H  N N 279 
MET HE2  H  N N 280 
MET HE3  H  N N 281 
MET HXT  H  N N 282 
PHE N    N  N N 283 
PHE CA   C  N S 284 
PHE C    C  N N 285 
PHE O    O  N N 286 
PHE CB   C  N N 287 
PHE CG   C  Y N 288 
PHE CD1  C  Y N 289 
PHE CD2  C  Y N 290 
PHE CE1  C  Y N 291 
PHE CE2  C  Y N 292 
PHE CZ   C  Y N 293 
PHE OXT  O  N N 294 
PHE H    H  N N 295 
PHE H2   H  N N 296 
PHE HA   H  N N 297 
PHE HB2  H  N N 298 
PHE HB3  H  N N 299 
PHE HD1  H  N N 300 
PHE HD2  H  N N 301 
PHE HE1  H  N N 302 
PHE HE2  H  N N 303 
PHE HZ   H  N N 304 
PHE HXT  H  N N 305 
PRO N    N  N N 306 
PRO CA   C  N S 307 
PRO C    C  N N 308 
PRO O    O  N N 309 
PRO CB   C  N N 310 
PRO CG   C  N N 311 
PRO CD   C  N N 312 
PRO OXT  O  N N 313 
PRO H    H  N N 314 
PRO HA   H  N N 315 
PRO HB2  H  N N 316 
PRO HB3  H  N N 317 
PRO HG2  H  N N 318 
PRO HG3  H  N N 319 
PRO HD2  H  N N 320 
PRO HD3  H  N N 321 
PRO HXT  H  N N 322 
SER N    N  N N 323 
SER CA   C  N S 324 
SER C    C  N N 325 
SER O    O  N N 326 
SER CB   C  N N 327 
SER OG   O  N N 328 
SER OXT  O  N N 329 
SER H    H  N N 330 
SER H2   H  N N 331 
SER HA   H  N N 332 
SER HB2  H  N N 333 
SER HB3  H  N N 334 
SER HG   H  N N 335 
SER HXT  H  N N 336 
THR N    N  N N 337 
THR CA   C  N S 338 
THR C    C  N N 339 
THR O    O  N N 340 
THR CB   C  N R 341 
THR OG1  O  N N 342 
THR CG2  C  N N 343 
THR OXT  O  N N 344 
THR H    H  N N 345 
THR H2   H  N N 346 
THR HA   H  N N 347 
THR HB   H  N N 348 
THR HG1  H  N N 349 
THR HG21 H  N N 350 
THR HG22 H  N N 351 
THR HG23 H  N N 352 
THR HXT  H  N N 353 
TRP N    N  N N 354 
TRP CA   C  N S 355 
TRP C    C  N N 356 
TRP O    O  N N 357 
TRP CB   C  N N 358 
TRP CG   C  Y N 359 
TRP CD1  C  Y N 360 
TRP CD2  C  Y N 361 
TRP NE1  N  Y N 362 
TRP CE2  C  Y N 363 
TRP CE3  C  Y N 364 
TRP CZ2  C  Y N 365 
TRP CZ3  C  Y N 366 
TRP CH2  C  Y N 367 
TRP OXT  O  N N 368 
TRP H    H  N N 369 
TRP H2   H  N N 370 
TRP HA   H  N N 371 
TRP HB2  H  N N 372 
TRP HB3  H  N N 373 
TRP HD1  H  N N 374 
TRP HE1  H  N N 375 
TRP HE3  H  N N 376 
TRP HZ2  H  N N 377 
TRP HZ3  H  N N 378 
TRP HH2  H  N N 379 
TRP HXT  H  N N 380 
TYR N    N  N N 381 
TYR CA   C  N S 382 
TYR C    C  N N 383 
TYR O    O  N N 384 
TYR CB   C  N N 385 
TYR CG   C  Y N 386 
TYR CD1  C  Y N 387 
TYR CD2  C  Y N 388 
TYR CE1  C  Y N 389 
TYR CE2  C  Y N 390 
TYR CZ   C  Y N 391 
TYR OH   O  N N 392 
TYR OXT  O  N N 393 
TYR H    H  N N 394 
TYR H2   H  N N 395 
TYR HA   H  N N 396 
TYR HB2  H  N N 397 
TYR HB3  H  N N 398 
TYR HD1  H  N N 399 
TYR HD2  H  N N 400 
TYR HE1  H  N N 401 
TYR HE2  H  N N 402 
TYR HH   H  N N 403 
TYR HXT  H  N N 404 
VAL N    N  N N 405 
VAL CA   C  N S 406 
VAL C    C  N N 407 
VAL O    O  N N 408 
VAL CB   C  N N 409 
VAL CG1  C  N N 410 
VAL CG2  C  N N 411 
VAL OXT  O  N N 412 
VAL H    H  N N 413 
VAL H2   H  N N 414 
VAL HA   H  N N 415 
VAL HB   H  N N 416 
VAL HG11 H  N N 417 
VAL HG12 H  N N 418 
VAL HG13 H  N N 419 
VAL HG21 H  N N 420 
VAL HG22 H  N N 421 
VAL HG23 H  N N 422 
VAL HXT  H  N N 423 
# 
loop_
_chem_comp_bond.comp_id 
_chem_comp_bond.atom_id_1 
_chem_comp_bond.atom_id_2 
_chem_comp_bond.value_order 
_chem_comp_bond.pdbx_aromatic_flag 
_chem_comp_bond.pdbx_stereo_config 
_chem_comp_bond.pdbx_ordinal 
ALA N   CA   sing N N 1   
ALA N   H    sing N N 2   
ALA N   H2   sing N N 3   
ALA CA  C    sing N N 4   
ALA CA  CB   sing N N 5   
ALA CA  HA   sing N N 6   
ALA C   O    doub N N 7   
ALA C   OXT  sing N N 8   
ALA CB  HB1  sing N N 9   
ALA CB  HB2  sing N N 10  
ALA CB  HB3  sing N N 11  
ALA OXT HXT  sing N N 12  
ARG N   CA   sing N N 13  
ARG N   H    sing N N 14  
ARG N   H2   sing N N 15  
ARG CA  C    sing N N 16  
ARG CA  CB   sing N N 17  
ARG CA  HA   sing N N 18  
ARG C   O    doub N N 19  
ARG C   OXT  sing N N 20  
ARG CB  CG   sing N N 21  
ARG CB  HB2  sing N N 22  
ARG CB  HB3  sing N N 23  
ARG CG  CD   sing N N 24  
ARG CG  HG2  sing N N 25  
ARG CG  HG3  sing N N 26  
ARG CD  NE   sing N N 27  
ARG CD  HD2  sing N N 28  
ARG CD  HD3  sing N N 29  
ARG NE  CZ   sing N N 30  
ARG NE  HE   sing N N 31  
ARG CZ  NH1  sing N N 32  
ARG CZ  NH2  doub N N 33  
ARG NH1 HH11 sing N N 34  
ARG NH1 HH12 sing N N 35  
ARG NH2 HH21 sing N N 36  
ARG NH2 HH22 sing N N 37  
ARG OXT HXT  sing N N 38  
ASN N   CA   sing N N 39  
ASN N   H    sing N N 40  
ASN N   H2   sing N N 41  
ASN CA  C    sing N N 42  
ASN CA  CB   sing N N 43  
ASN CA  HA   sing N N 44  
ASN C   O    doub N N 45  
ASN C   OXT  sing N N 46  
ASN CB  CG   sing N N 47  
ASN CB  HB2  sing N N 48  
ASN CB  HB3  sing N N 49  
ASN CG  OD1  doub N N 50  
ASN CG  ND2  sing N N 51  
ASN ND2 HD21 sing N N 52  
ASN ND2 HD22 sing N N 53  
ASN OXT HXT  sing N N 54  
ASP N   CA   sing N N 55  
ASP N   H    sing N N 56  
ASP N   H2   sing N N 57  
ASP CA  C    sing N N 58  
ASP CA  CB   sing N N 59  
ASP CA  HA   sing N N 60  
ASP C   O    doub N N 61  
ASP C   OXT  sing N N 62  
ASP CB  CG   sing N N 63  
ASP CB  HB2  sing N N 64  
ASP CB  HB3  sing N N 65  
ASP CG  OD1  doub N N 66  
ASP CG  OD2  sing N N 67  
ASP OD2 HD2  sing N N 68  
ASP OXT HXT  sing N N 69  
BDP C1  C2   sing N N 70  
BDP C1  O5   sing N N 71  
BDP C1  O1   sing N N 72  
BDP C1  H1   sing N N 73  
BDP C2  C3   sing N N 74  
BDP C2  O2   sing N N 75  
BDP C2  H2   sing N N 76  
BDP C3  C4   sing N N 77  
BDP C3  O3   sing N N 78  
BDP C3  H3   sing N N 79  
BDP C4  C5   sing N N 80  
BDP C4  O4   sing N N 81  
BDP C4  H4   sing N N 82  
BDP C5  C6   sing N N 83  
BDP C5  O5   sing N N 84  
BDP C5  H5   sing N N 85  
BDP C6  O6A  doub N N 86  
BDP C6  O6B  sing N N 87  
BDP O2  HO2  sing N N 88  
BDP O3  HO3  sing N N 89  
BDP O4  HO4  sing N N 90  
BDP O1  HO1  sing N N 91  
BDP O6B HO6B sing N N 92  
GCU C1  C2   sing N N 93  
GCU C1  O1   sing N N 94  
GCU C1  O5   sing N N 95  
GCU C1  H1   sing N N 96  
GCU C2  C3   sing N N 97  
GCU C2  O2   sing N N 98  
GCU C2  H2   sing N N 99  
GCU C3  C4   sing N N 100 
GCU C3  O3   sing N N 101 
GCU C3  H3   sing N N 102 
GCU C4  C5   sing N N 103 
GCU C4  O4   sing N N 104 
GCU C4  H4   sing N N 105 
GCU C5  C6   sing N N 106 
GCU C5  O5   sing N N 107 
GCU C5  H5   sing N N 108 
GCU C6  O6A  doub N N 109 
GCU C6  O6B  sing N N 110 
GCU O1  HO1  sing N N 111 
GCU O2  HO2  sing N N 112 
GCU O3  HO3  sing N N 113 
GCU O4  HO4  sing N N 114 
GCU O6B HO6B sing N N 115 
GLN N   CA   sing N N 116 
GLN N   H    sing N N 117 
GLN N   H2   sing N N 118 
GLN CA  C    sing N N 119 
GLN CA  CB   sing N N 120 
GLN CA  HA   sing N N 121 
GLN C   O    doub N N 122 
GLN C   OXT  sing N N 123 
GLN CB  CG   sing N N 124 
GLN CB  HB2  sing N N 125 
GLN CB  HB3  sing N N 126 
GLN CG  CD   sing N N 127 
GLN CG  HG2  sing N N 128 
GLN CG  HG3  sing N N 129 
GLN CD  OE1  doub N N 130 
GLN CD  NE2  sing N N 131 
GLN NE2 HE21 sing N N 132 
GLN NE2 HE22 sing N N 133 
GLN OXT HXT  sing N N 134 
GLU N   CA   sing N N 135 
GLU N   H    sing N N 136 
GLU N   H2   sing N N 137 
GLU CA  C    sing N N 138 
GLU CA  CB   sing N N 139 
GLU CA  HA   sing N N 140 
GLU C   O    doub N N 141 
GLU C   OXT  sing N N 142 
GLU CB  CG   sing N N 143 
GLU CB  HB2  sing N N 144 
GLU CB  HB3  sing N N 145 
GLU CG  CD   sing N N 146 
GLU CG  HG2  sing N N 147 
GLU CG  HG3  sing N N 148 
GLU CD  OE1  doub N N 149 
GLU CD  OE2  sing N N 150 
GLU OE2 HE2  sing N N 151 
GLU OXT HXT  sing N N 152 
GLY N   CA   sing N N 153 
GLY N   H    sing N N 154 
GLY N   H2   sing N N 155 
GLY CA  C    sing N N 156 
GLY CA  HA2  sing N N 157 
GLY CA  HA3  sing N N 158 
GLY C   O    doub N N 159 
GLY C   OXT  sing N N 160 
GLY OXT HXT  sing N N 161 
HIS N   CA   sing N N 162 
HIS N   H    sing N N 163 
HIS N   H2   sing N N 164 
HIS CA  C    sing N N 165 
HIS CA  CB   sing N N 166 
HIS CA  HA   sing N N 167 
HIS C   O    doub N N 168 
HIS C   OXT  sing N N 169 
HIS CB  CG   sing N N 170 
HIS CB  HB2  sing N N 171 
HIS CB  HB3  sing N N 172 
HIS CG  ND1  sing Y N 173 
HIS CG  CD2  doub Y N 174 
HIS ND1 CE1  doub Y N 175 
HIS ND1 HD1  sing N N 176 
HIS CD2 NE2  sing Y N 177 
HIS CD2 HD2  sing N N 178 
HIS CE1 NE2  sing Y N 179 
HIS CE1 HE1  sing N N 180 
HIS NE2 HE2  sing N N 181 
HIS OXT HXT  sing N N 182 
HOH O   H1   sing N N 183 
HOH O   H2   sing N N 184 
ILE N   CA   sing N N 185 
ILE N   H    sing N N 186 
ILE N   H2   sing N N 187 
ILE CA  C    sing N N 188 
ILE CA  CB   sing N N 189 
ILE CA  HA   sing N N 190 
ILE C   O    doub N N 191 
ILE C   OXT  sing N N 192 
ILE CB  CG1  sing N N 193 
ILE CB  CG2  sing N N 194 
ILE CB  HB   sing N N 195 
ILE CG1 CD1  sing N N 196 
ILE CG1 HG12 sing N N 197 
ILE CG1 HG13 sing N N 198 
ILE CG2 HG21 sing N N 199 
ILE CG2 HG22 sing N N 200 
ILE CG2 HG23 sing N N 201 
ILE CD1 HD11 sing N N 202 
ILE CD1 HD12 sing N N 203 
ILE CD1 HD13 sing N N 204 
ILE OXT HXT  sing N N 205 
LEU N   CA   sing N N 206 
LEU N   H    sing N N 207 
LEU N   H2   sing N N 208 
LEU CA  C    sing N N 209 
LEU CA  CB   sing N N 210 
LEU CA  HA   sing N N 211 
LEU C   O    doub N N 212 
LEU C   OXT  sing N N 213 
LEU CB  CG   sing N N 214 
LEU CB  HB2  sing N N 215 
LEU CB  HB3  sing N N 216 
LEU CG  CD1  sing N N 217 
LEU CG  CD2  sing N N 218 
LEU CG  HG   sing N N 219 
LEU CD1 HD11 sing N N 220 
LEU CD1 HD12 sing N N 221 
LEU CD1 HD13 sing N N 222 
LEU CD2 HD21 sing N N 223 
LEU CD2 HD22 sing N N 224 
LEU CD2 HD23 sing N N 225 
LEU OXT HXT  sing N N 226 
LYS N   CA   sing N N 227 
LYS N   H    sing N N 228 
LYS N   H2   sing N N 229 
LYS CA  C    sing N N 230 
LYS CA  CB   sing N N 231 
LYS CA  HA   sing N N 232 
LYS C   O    doub N N 233 
LYS C   OXT  sing N N 234 
LYS CB  CG   sing N N 235 
LYS CB  HB2  sing N N 236 
LYS CB  HB3  sing N N 237 
LYS CG  CD   sing N N 238 
LYS CG  HG2  sing N N 239 
LYS CG  HG3  sing N N 240 
LYS CD  CE   sing N N 241 
LYS CD  HD2  sing N N 242 
LYS CD  HD3  sing N N 243 
LYS CE  NZ   sing N N 244 
LYS CE  HE2  sing N N 245 
LYS CE  HE3  sing N N 246 
LYS NZ  HZ1  sing N N 247 
LYS NZ  HZ2  sing N N 248 
LYS NZ  HZ3  sing N N 249 
LYS OXT HXT  sing N N 250 
MET N   CA   sing N N 251 
MET N   H    sing N N 252 
MET N   H2   sing N N 253 
MET CA  C    sing N N 254 
MET CA  CB   sing N N 255 
MET CA  HA   sing N N 256 
MET C   O    doub N N 257 
MET C   OXT  sing N N 258 
MET CB  CG   sing N N 259 
MET CB  HB2  sing N N 260 
MET CB  HB3  sing N N 261 
MET CG  SD   sing N N 262 
MET CG  HG2  sing N N 263 
MET CG  HG3  sing N N 264 
MET SD  CE   sing N N 265 
MET CE  HE1  sing N N 266 
MET CE  HE2  sing N N 267 
MET CE  HE3  sing N N 268 
MET OXT HXT  sing N N 269 
PHE N   CA   sing N N 270 
PHE N   H    sing N N 271 
PHE N   H2   sing N N 272 
PHE CA  C    sing N N 273 
PHE CA  CB   sing N N 274 
PHE CA  HA   sing N N 275 
PHE C   O    doub N N 276 
PHE C   OXT  sing N N 277 
PHE CB  CG   sing N N 278 
PHE CB  HB2  sing N N 279 
PHE CB  HB3  sing N N 280 
PHE CG  CD1  doub Y N 281 
PHE CG  CD2  sing Y N 282 
PHE CD1 CE1  sing Y N 283 
PHE CD1 HD1  sing N N 284 
PHE CD2 CE2  doub Y N 285 
PHE CD2 HD2  sing N N 286 
PHE CE1 CZ   doub Y N 287 
PHE CE1 HE1  sing N N 288 
PHE CE2 CZ   sing Y N 289 
PHE CE2 HE2  sing N N 290 
PHE CZ  HZ   sing N N 291 
PHE OXT HXT  sing N N 292 
PRO N   CA   sing N N 293 
PRO N   CD   sing N N 294 
PRO N   H    sing N N 295 
PRO CA  C    sing N N 296 
PRO CA  CB   sing N N 297 
PRO CA  HA   sing N N 298 
PRO C   O    doub N N 299 
PRO C   OXT  sing N N 300 
PRO CB  CG   sing N N 301 
PRO CB  HB2  sing N N 302 
PRO CB  HB3  sing N N 303 
PRO CG  CD   sing N N 304 
PRO CG  HG2  sing N N 305 
PRO CG  HG3  sing N N 306 
PRO CD  HD2  sing N N 307 
PRO CD  HD3  sing N N 308 
PRO OXT HXT  sing N N 309 
SER N   CA   sing N N 310 
SER N   H    sing N N 311 
SER N   H2   sing N N 312 
SER CA  C    sing N N 313 
SER CA  CB   sing N N 314 
SER CA  HA   sing N N 315 
SER C   O    doub N N 316 
SER C   OXT  sing N N 317 
SER CB  OG   sing N N 318 
SER CB  HB2  sing N N 319 
SER CB  HB3  sing N N 320 
SER OG  HG   sing N N 321 
SER OXT HXT  sing N N 322 
THR N   CA   sing N N 323 
THR N   H    sing N N 324 
THR N   H2   sing N N 325 
THR CA  C    sing N N 326 
THR CA  CB   sing N N 327 
THR CA  HA   sing N N 328 
THR C   O    doub N N 329 
THR C   OXT  sing N N 330 
THR CB  OG1  sing N N 331 
THR CB  CG2  sing N N 332 
THR CB  HB   sing N N 333 
THR OG1 HG1  sing N N 334 
THR CG2 HG21 sing N N 335 
THR CG2 HG22 sing N N 336 
THR CG2 HG23 sing N N 337 
THR OXT HXT  sing N N 338 
TRP N   CA   sing N N 339 
TRP N   H    sing N N 340 
TRP N   H2   sing N N 341 
TRP CA  C    sing N N 342 
TRP CA  CB   sing N N 343 
TRP CA  HA   sing N N 344 
TRP C   O    doub N N 345 
TRP C   OXT  sing N N 346 
TRP CB  CG   sing N N 347 
TRP CB  HB2  sing N N 348 
TRP CB  HB3  sing N N 349 
TRP CG  CD1  doub Y N 350 
TRP CG  CD2  sing Y N 351 
TRP CD1 NE1  sing Y N 352 
TRP CD1 HD1  sing N N 353 
TRP CD2 CE2  doub Y N 354 
TRP CD2 CE3  sing Y N 355 
TRP NE1 CE2  sing Y N 356 
TRP NE1 HE1  sing N N 357 
TRP CE2 CZ2  sing Y N 358 
TRP CE3 CZ3  doub Y N 359 
TRP CE3 HE3  sing N N 360 
TRP CZ2 CH2  doub Y N 361 
TRP CZ2 HZ2  sing N N 362 
TRP CZ3 CH2  sing Y N 363 
TRP CZ3 HZ3  sing N N 364 
TRP CH2 HH2  sing N N 365 
TRP OXT HXT  sing N N 366 
TYR N   CA   sing N N 367 
TYR N   H    sing N N 368 
TYR N   H2   sing N N 369 
TYR CA  C    sing N N 370 
TYR CA  CB   sing N N 371 
TYR CA  HA   sing N N 372 
TYR C   O    doub N N 373 
TYR C   OXT  sing N N 374 
TYR CB  CG   sing N N 375 
TYR CB  HB2  sing N N 376 
TYR CB  HB3  sing N N 377 
TYR CG  CD1  doub Y N 378 
TYR CG  CD2  sing Y N 379 
TYR CD1 CE1  sing Y N 380 
TYR CD1 HD1  sing N N 381 
TYR CD2 CE2  doub Y N 382 
TYR CD2 HD2  sing N N 383 
TYR CE1 CZ   doub Y N 384 
TYR CE1 HE1  sing N N 385 
TYR CE2 CZ   sing Y N 386 
TYR CE2 HE2  sing N N 387 
TYR CZ  OH   sing N N 388 
TYR OH  HH   sing N N 389 
TYR OXT HXT  sing N N 390 
VAL N   CA   sing N N 391 
VAL N   H    sing N N 392 
VAL N   H2   sing N N 393 
VAL CA  C    sing N N 394 
VAL CA  CB   sing N N 395 
VAL CA  HA   sing N N 396 
VAL C   O    doub N N 397 
VAL C   OXT  sing N N 398 
VAL CB  CG1  sing N N 399 
VAL CB  CG2  sing N N 400 
VAL CB  HB   sing N N 401 
VAL CG1 HG11 sing N N 402 
VAL CG1 HG12 sing N N 403 
VAL CG1 HG13 sing N N 404 
VAL CG2 HG21 sing N N 405 
VAL CG2 HG22 sing N N 406 
VAL CG2 HG23 sing N N 407 
VAL OXT HXT  sing N N 408 
# 
loop_
_pdbx_chem_comp_identifier.comp_id 
_pdbx_chem_comp_identifier.type 
_pdbx_chem_comp_identifier.program 
_pdbx_chem_comp_identifier.program_version 
_pdbx_chem_comp_identifier.identifier 
BDP 'CONDENSED IUPAC CARBOHYDRATE SYMBOL' GMML     1.0 DGlcpAb                     
BDP 'COMMON NAME'                         GMML     1.0 'b-D-glucopyranuronic acid' 
BDP 'IUPAC CARBOHYDRATE SYMBOL'           PDB-CARE 1.0 b-D-GlcpA                   
BDP 'SNFG CARBOHYDRATE SYMBOL'            GMML     1.0 GlcA                        
GCU 'CONDENSED IUPAC CARBOHYDRATE SYMBOL' GMML     1.0 DGlcpAa                     
GCU 'COMMON NAME'                         GMML     1.0 'a-D-glucopyranuronic acid' 
GCU 'IUPAC CARBOHYDRATE SYMBOL'           PDB-CARE 1.0 a-D-GlcpA                   
GCU 'SNFG CARBOHYDRATE SYMBOL'            GMML     1.0 GlcA                        
# 
loop_
_pdbx_entity_nonpoly.entity_id 
_pdbx_entity_nonpoly.name 
_pdbx_entity_nonpoly.comp_id 
2 'alpha-D-glucopyranuronic acid' GCU 
3 'CALCIUM ION'                   CA  
4 'beta-D-glucopyranuronic acid'  BDP 
5 water                           HOH 
# 
_pdbx_initial_refinement_model.id               1 
_pdbx_initial_refinement_model.entity_id_list   ? 
_pdbx_initial_refinement_model.type             'experimental model' 
_pdbx_initial_refinement_model.source_name      PDB 
_pdbx_initial_refinement_model.accession_code   4QB1 
_pdbx_initial_refinement_model.details          'PDB ENTRY 4QB1' 
# 
